data_7ON9
#
_entry.id   7ON9
#
_cell.length_a   153.11
_cell.length_b   101.508
_cell.length_c   106.849
_cell.angle_alpha   90
_cell.angle_beta   90
_cell.angle_gamma   90
#
_symmetry.space_group_name_H-M   'P 21 21 2'
#
loop_
_entity.id
_entity.type
_entity.pdbx_description
1 polymer '4-hydroxybenzoate 3-monooxygenase (NAD(P)H)'
2 non-polymer 'FLAVIN-ADENINE DINUCLEOTIDE'
3 non-polymer 'P-HYDROXYBENZOIC ACID'
4 water water
#
_entity_poly.entity_id   1
_entity_poly.type   'polypeptide(L)'
_entity_poly.pdbx_seq_one_letter_code
;MRTQVGIIGAGPAGLLLSHLLYLQGIESIIIENRTREEIEGTIRAGVLEQGTVDLMNQMGVGARMMKEGHFHEGFELRFN
GRGHRINVHELTGGKYVTVYAQHEVIKDLVAARLQTGGQIHFNVGDVSLHDVDTSSPKIRFRPNKDGELQEIECDFIAGC
DGFRGPSRPAIPQSVRKEYQKVYPFSWLGILVEAPPSAHELIYANHERGFALVSTRSPQIQRLYLQVDAQDHIDNWSDDR
IWSELHARLETRDGFKLLEGPIFQKGIVSMRSFVCDPMQHGRLFLAGDAAHIVPPTGAKGLNLAAADVQVLARGLEAYYK
AGKMEILNRCTEICLRRIWKAERFSWFMTTMLHRDQGHTPFERGIQLAELDYVTSSRAASTSLAENYIGLPMEFLEHHHH
HH
;
_entity_poly.pdbx_strand_id   A,B,C,D
#
loop_
_chem_comp.id
_chem_comp.type
_chem_comp.name
_chem_comp.formula
FAD non-polymer 'FLAVIN-ADENINE DINUCLEOTIDE' 'C27 H33 N9 O15 P2'
PHB non-polymer 'P-HYDROXYBENZOIC ACID' 'C7 H6 O3'
#
# COMPACT_ATOMS: atom_id res chain seq x y z
N MET A 1 24.19 29.31 -36.66
CA MET A 1 25.42 28.53 -36.57
C MET A 1 25.12 27.07 -36.87
N ARG A 2 25.80 26.48 -37.84
CA ARG A 2 25.54 25.10 -38.22
C ARG A 2 26.53 24.14 -37.54
N THR A 3 26.04 22.98 -37.11
CA THR A 3 26.86 21.94 -36.52
C THR A 3 26.26 20.54 -36.82
N GLN A 4 26.93 19.45 -36.42
CA GLN A 4 26.38 18.12 -36.62
C GLN A 4 25.40 17.79 -35.46
N VAL A 5 25.87 17.91 -34.21
CA VAL A 5 25.04 17.59 -33.06
C VAL A 5 24.91 18.79 -32.12
N GLY A 6 23.69 19.30 -31.94
CA GLY A 6 23.43 20.37 -30.99
C GLY A 6 23.18 19.74 -29.62
N ILE A 7 23.93 20.14 -28.59
CA ILE A 7 23.82 19.54 -27.27
C ILE A 7 23.27 20.52 -26.25
N ILE A 8 22.15 20.17 -25.60
CA ILE A 8 21.58 21.03 -24.57
C ILE A 8 21.99 20.52 -23.23
N GLY A 9 22.86 21.24 -22.55
CA GLY A 9 23.29 20.87 -21.20
C GLY A 9 24.75 20.49 -21.09
N ALA A 10 25.44 21.08 -20.12
CA ALA A 10 26.86 20.81 -19.88
C ALA A 10 27.08 20.10 -18.57
N GLY A 11 26.26 19.08 -18.34
CA GLY A 11 26.49 18.18 -17.22
C GLY A 11 27.37 17.04 -17.72
N PRO A 12 27.51 15.97 -16.91
CA PRO A 12 28.31 14.80 -17.35
C PRO A 12 27.84 14.24 -18.70
N ALA A 13 26.53 14.14 -18.92
CA ALA A 13 26.03 13.61 -20.20
C ALA A 13 26.47 14.46 -21.42
N GLY A 14 26.17 15.75 -21.40
CA GLY A 14 26.49 16.60 -22.54
C GLY A 14 27.97 16.74 -22.79
N LEU A 15 28.75 16.89 -21.71
CA LEU A 15 30.20 17.05 -21.83
C LEU A 15 30.87 15.77 -22.33
N LEU A 16 30.50 14.58 -21.74
CA LEU A 16 31.07 13.32 -22.21
C LEU A 16 30.68 13.07 -23.66
N LEU A 17 29.41 13.31 -24.03
CA LEU A 17 28.98 13.14 -25.42
C LEU A 17 29.78 14.03 -26.38
N SER A 18 29.90 15.32 -26.07
CA SER A 18 30.64 16.24 -26.94
CA SER A 18 30.65 16.25 -26.92
C SER A 18 32.08 15.78 -27.16
N HIS A 19 32.75 15.32 -26.09
CA HIS A 19 34.14 14.86 -26.22
C HIS A 19 34.26 13.53 -26.94
N LEU A 20 33.33 12.59 -26.73
CA LEU A 20 33.32 11.32 -27.45
C LEU A 20 33.15 11.57 -28.96
N LEU A 21 32.29 12.54 -29.31
CA LEU A 21 32.06 12.90 -30.71
C LEU A 21 33.31 13.55 -31.30
N TYR A 22 33.97 14.43 -30.54
CA TYR A 22 35.22 15.10 -30.99
C TYR A 22 36.28 14.04 -31.32
N LEU A 23 36.40 13.02 -30.45
CA LEU A 23 37.39 11.94 -30.66
C LEU A 23 37.16 11.16 -31.96
N GLN A 24 35.94 11.24 -32.53
CA GLN A 24 35.59 10.60 -33.79
C GLN A 24 35.39 11.59 -34.96
N GLY A 25 35.79 12.83 -34.79
CA GLY A 25 35.69 13.84 -35.84
C GLY A 25 34.28 14.36 -36.11
N ILE A 26 33.40 14.30 -35.10
CA ILE A 26 32.04 14.79 -35.21
C ILE A 26 31.90 16.07 -34.41
N GLU A 27 31.45 17.14 -35.09
CA GLU A 27 31.30 18.45 -34.47
C GLU A 27 30.02 18.59 -33.63
N SER A 28 30.12 19.40 -32.60
CA SER A 28 28.99 19.68 -31.75
C SER A 28 29.06 21.11 -31.19
N ILE A 29 27.93 21.63 -30.72
CA ILE A 29 27.88 22.89 -30.03
C ILE A 29 27.10 22.63 -28.73
N ILE A 30 27.64 23.02 -27.58
CA ILE A 30 26.91 22.84 -26.32
C ILE A 30 26.36 24.18 -25.85
N ILE A 31 25.10 24.19 -25.40
CA ILE A 31 24.54 25.37 -24.74
C ILE A 31 24.24 24.96 -23.28
N GLU A 32 24.49 25.87 -22.35
CA GLU A 32 24.32 25.61 -20.93
C GLU A 32 23.68 26.89 -20.33
N ASN A 33 22.53 26.77 -19.65
CA ASN A 33 21.85 27.96 -19.13
C ASN A 33 22.44 28.50 -17.80
N ARG A 34 23.35 27.76 -17.18
CA ARG A 34 24.02 28.25 -15.98
C ARG A 34 25.46 28.72 -16.34
N THR A 35 26.14 29.43 -15.43
CA THR A 35 27.50 29.87 -15.70
C THR A 35 28.47 28.70 -15.53
N ARG A 36 29.70 28.84 -16.06
CA ARG A 36 30.74 27.83 -15.88
C ARG A 36 31.05 27.67 -14.37
N GLU A 37 31.09 28.80 -13.63
CA GLU A 37 31.31 28.78 -12.19
C GLU A 37 30.25 27.93 -11.46
N GLU A 38 28.99 28.09 -11.85
CA GLU A 38 27.90 27.36 -11.23
C GLU A 38 28.03 25.86 -11.48
N ILE A 39 28.24 25.44 -12.73
CA ILE A 39 28.32 24.02 -13.04
C ILE A 39 29.58 23.39 -12.42
N GLU A 40 30.70 24.15 -12.34
CA GLU A 40 31.92 23.64 -11.72
C GLU A 40 31.87 23.65 -10.17
N GLY A 41 30.82 24.24 -9.59
CA GLY A 41 30.57 24.28 -8.14
C GLY A 41 29.58 23.24 -7.63
N THR A 42 28.99 22.40 -8.54
CA THR A 42 28.01 21.34 -8.23
C THR A 42 28.43 20.50 -7.03
N ILE A 43 27.52 20.28 -6.05
CA ILE A 43 27.87 19.55 -4.83
C ILE A 43 27.56 18.03 -4.83
N ARG A 44 26.60 17.55 -5.66
CA ARG A 44 26.10 16.17 -5.56
C ARG A 44 27.04 14.90 -5.78
N ALA A 45 27.16 14.24 -6.97
CA ALA A 45 27.82 12.92 -7.06
C ALA A 45 29.26 12.83 -6.46
N GLY A 46 29.55 11.65 -5.93
CA GLY A 46 30.86 11.36 -5.41
C GLY A 46 31.48 10.10 -5.95
N VAL A 47 30.68 9.10 -6.32
CA VAL A 47 31.15 7.76 -6.65
C VAL A 47 31.02 7.41 -8.12
N LEU A 48 32.13 6.96 -8.71
CA LEU A 48 32.20 6.55 -10.10
C LEU A 48 32.27 5.03 -10.27
N GLU A 49 31.48 4.49 -11.21
CA GLU A 49 31.55 3.07 -11.55
C GLU A 49 32.86 2.79 -12.27
N GLN A 50 33.31 1.52 -12.26
CA GLN A 50 34.57 1.16 -12.94
C GLN A 50 34.49 1.51 -14.44
N GLY A 51 33.34 1.32 -15.05
CA GLY A 51 33.14 1.64 -16.46
C GLY A 51 33.30 3.11 -16.78
N THR A 52 32.93 3.99 -15.83
CA THR A 52 33.07 5.43 -16.01
C THR A 52 34.55 5.82 -15.85
N VAL A 53 35.25 5.19 -14.90
CA VAL A 53 36.71 5.43 -14.74
C VAL A 53 37.43 4.98 -16.03
N ASP A 54 37.09 3.81 -16.55
CA ASP A 54 37.68 3.30 -17.77
C ASP A 54 37.43 4.26 -18.95
N LEU A 55 36.20 4.79 -19.03
CA LEU A 55 35.80 5.74 -20.08
C LEU A 55 36.61 7.00 -20.02
N MET A 56 36.75 7.60 -18.81
CA MET A 56 37.52 8.83 -18.66
C MET A 56 38.99 8.60 -19.09
N ASN A 57 39.57 7.46 -18.70
CA ASN A 57 40.94 7.13 -19.13
C ASN A 57 41.05 6.91 -20.63
N GLN A 58 40.10 6.17 -21.20
CA GLN A 58 40.06 5.86 -22.64
C GLN A 58 39.99 7.14 -23.47
N MET A 59 39.21 8.12 -22.97
CA MET A 59 39.00 9.42 -23.64
C MET A 59 40.16 10.40 -23.50
N GLY A 60 41.19 10.06 -22.74
CA GLY A 60 42.32 10.94 -22.55
C GLY A 60 42.11 12.05 -21.55
N VAL A 61 41.01 11.98 -20.76
CA VAL A 61 40.66 13.01 -19.79
C VAL A 61 40.68 12.50 -18.33
N GLY A 62 41.41 11.41 -18.07
CA GLY A 62 41.41 10.79 -16.76
C GLY A 62 42.60 11.05 -15.87
N ALA A 63 43.57 11.85 -16.32
CA ALA A 63 44.78 12.10 -15.53
C ALA A 63 44.51 12.65 -14.15
N ARG A 64 43.66 13.71 -14.00
CA ARG A 64 43.42 14.29 -12.68
C ARG A 64 42.58 13.37 -11.82
N MET A 65 41.61 12.66 -12.44
CA MET A 65 40.79 11.64 -11.75
C MET A 65 41.72 10.60 -11.10
N MET A 66 42.73 10.12 -11.85
CA MET A 66 43.65 9.14 -11.28
C MET A 66 44.52 9.73 -10.17
N LYS A 67 45.01 10.96 -10.36
CA LYS A 67 45.96 11.57 -9.42
C LYS A 67 45.26 12.00 -8.12
N GLU A 68 44.05 12.53 -8.23
CA GLU A 68 43.32 13.11 -7.10
C GLU A 68 42.14 12.30 -6.61
N GLY A 69 41.64 11.35 -7.42
CA GLY A 69 40.53 10.51 -7.02
C GLY A 69 40.94 9.54 -5.92
N HIS A 70 39.97 8.96 -5.25
CA HIS A 70 40.25 8.06 -4.13
C HIS A 70 39.76 6.68 -4.56
N PHE A 71 40.67 5.72 -4.52
CA PHE A 71 40.35 4.37 -4.97
C PHE A 71 40.30 3.44 -3.78
N HIS A 72 39.09 3.05 -3.41
CA HIS A 72 38.84 2.20 -2.25
C HIS A 72 38.60 0.75 -2.71
N GLU A 73 39.11 -0.20 -1.93
CA GLU A 73 38.93 -1.61 -2.23
C GLU A 73 37.52 -2.12 -1.87
N GLY A 74 36.77 -1.38 -1.07
CA GLY A 74 35.43 -1.80 -0.72
C GLY A 74 34.65 -0.74 0.01
N PHE A 75 33.54 -1.16 0.58
CA PHE A 75 32.68 -0.28 1.36
C PHE A 75 32.04 -1.10 2.49
N GLU A 76 31.42 -0.41 3.44
CA GLU A 76 30.84 -1.10 4.59
C GLU A 76 29.32 -0.98 4.67
N LEU A 77 28.66 -2.08 5.04
CA LEU A 77 27.24 -2.07 5.35
C LEU A 77 27.22 -2.22 6.86
N ARG A 78 26.64 -1.25 7.56
CA ARG A 78 26.59 -1.24 9.01
C ARG A 78 25.14 -1.39 9.46
N PHE A 79 24.89 -2.37 10.29
CA PHE A 79 23.54 -2.64 10.78
C PHE A 79 23.62 -3.47 12.03
N ASN A 80 22.61 -3.34 12.92
CA ASN A 80 22.59 -4.03 14.21
C ASN A 80 23.89 -3.71 15.02
N GLY A 81 24.38 -2.48 14.89
CA GLY A 81 25.57 -2.03 15.61
C GLY A 81 26.89 -2.69 15.22
N ARG A 82 26.98 -3.21 13.98
CA ARG A 82 28.21 -3.86 13.53
C ARG A 82 28.49 -3.57 12.07
N GLY A 83 29.75 -3.32 11.75
CA GLY A 83 30.15 -3.07 10.38
C GLY A 83 30.51 -4.35 9.66
N HIS A 84 30.09 -4.47 8.39
CA HIS A 84 30.36 -5.61 7.52
C HIS A 84 30.97 -5.12 6.25
N ARG A 85 32.19 -5.54 5.96
CA ARG A 85 32.88 -5.08 4.78
C ARG A 85 32.53 -5.85 3.52
N ILE A 86 32.29 -5.13 2.44
CA ILE A 86 32.09 -5.72 1.12
C ILE A 86 33.41 -5.43 0.38
N ASN A 87 34.24 -6.44 0.19
CA ASN A 87 35.52 -6.27 -0.48
C ASN A 87 35.33 -6.30 -2.00
N VAL A 88 34.95 -5.17 -2.58
CA VAL A 88 34.68 -5.05 -4.00
C VAL A 88 35.89 -5.47 -4.85
N HIS A 89 37.07 -4.99 -4.45
CA HIS A 89 38.32 -5.30 -5.17
C HIS A 89 38.56 -6.78 -5.30
N GLU A 90 38.36 -7.53 -4.21
CA GLU A 90 38.53 -8.97 -4.23
C GLU A 90 37.39 -9.66 -4.99
N LEU A 91 36.13 -9.29 -4.72
CA LEU A 91 34.96 -9.94 -5.33
C LEU A 91 34.80 -9.70 -6.82
N THR A 92 35.31 -8.56 -7.36
CA THR A 92 35.18 -8.23 -8.77
C THR A 92 36.42 -8.50 -9.63
N GLY A 93 37.46 -9.08 -9.05
CA GLY A 93 38.67 -9.36 -9.79
C GLY A 93 39.49 -8.13 -10.11
N GLY A 94 39.57 -7.19 -9.16
CA GLY A 94 40.47 -6.04 -9.31
C GLY A 94 39.89 -4.65 -9.48
N LYS A 95 38.54 -4.49 -9.44
CA LYS A 95 37.94 -3.17 -9.59
C LYS A 95 37.94 -2.39 -8.26
N TYR A 96 37.72 -1.07 -8.30
CA TYR A 96 37.70 -0.26 -7.08
C TYR A 96 36.41 0.56 -7.00
N VAL A 97 36.07 1.03 -5.79
CA VAL A 97 35.00 2.00 -5.63
C VAL A 97 35.77 3.33 -5.79
N THR A 98 35.44 4.15 -6.81
CA THR A 98 36.24 5.36 -7.03
C THR A 98 35.49 6.58 -6.59
N VAL A 99 36.08 7.36 -5.69
CA VAL A 99 35.47 8.59 -5.22
C VAL A 99 36.18 9.75 -5.92
N TYR A 100 35.46 10.43 -6.81
CA TYR A 100 35.98 11.61 -7.53
C TYR A 100 34.75 12.44 -7.84
N ALA A 101 34.57 13.52 -7.10
CA ALA A 101 33.36 14.35 -7.19
C ALA A 101 32.93 14.77 -8.57
N GLN A 102 31.60 14.81 -8.76
CA GLN A 102 30.98 15.24 -10.01
C GLN A 102 31.49 16.60 -10.49
N HIS A 103 31.69 17.55 -9.56
CA HIS A 103 32.19 18.88 -9.96
C HIS A 103 33.63 18.84 -10.52
N GLU A 104 34.45 17.91 -10.04
CA GLU A 104 35.81 17.75 -10.57
C GLU A 104 35.73 17.15 -11.98
N VAL A 105 34.82 16.17 -12.20
CA VAL A 105 34.61 15.56 -13.52
C VAL A 105 34.17 16.66 -14.50
N ILE A 106 33.22 17.52 -14.06
CA ILE A 106 32.77 18.62 -14.92
C ILE A 106 33.93 19.58 -15.25
N LYS A 107 34.71 19.98 -14.23
CA LYS A 107 35.86 20.85 -14.44
C LYS A 107 36.83 20.26 -15.48
N ASP A 108 37.12 18.96 -15.38
CA ASP A 108 38.04 18.29 -16.30
C ASP A 108 37.51 18.25 -17.72
N LEU A 109 36.22 17.92 -17.88
CA LEU A 109 35.62 17.83 -19.22
C LEU A 109 35.44 19.20 -19.87
N VAL A 110 35.06 20.25 -19.11
CA VAL A 110 34.96 21.59 -19.70
C VAL A 110 36.38 22.01 -20.22
N ALA A 111 37.41 21.80 -19.39
CA ALA A 111 38.79 22.17 -19.78
C ALA A 111 39.24 21.41 -21.02
N ALA A 112 38.98 20.10 -21.08
CA ALA A 112 39.38 19.28 -22.22
C ALA A 112 38.64 19.74 -23.48
N ARG A 113 37.32 20.03 -23.34
CA ARG A 113 36.56 20.51 -24.48
C ARG A 113 37.06 21.86 -25.00
N LEU A 114 37.31 22.83 -24.12
CA LEU A 114 37.78 24.14 -24.55
C LEU A 114 39.17 24.06 -25.17
N GLN A 115 40.04 23.19 -24.65
CA GLN A 115 41.39 22.99 -25.16
C GLN A 115 41.42 22.33 -26.54
N THR A 116 40.38 21.56 -26.88
CA THR A 116 40.33 20.88 -28.15
C THR A 116 39.43 21.57 -29.18
N GLY A 117 39.19 22.88 -29.02
CA GLY A 117 38.40 23.65 -29.97
C GLY A 117 36.89 23.54 -29.82
N GLY A 118 36.45 23.01 -28.69
CA GLY A 118 35.02 22.83 -28.43
C GLY A 118 34.27 24.12 -28.26
N GLN A 119 33.02 24.14 -28.72
CA GLN A 119 32.16 25.30 -28.63
C GLN A 119 31.14 25.11 -27.50
N ILE A 120 31.25 25.93 -26.44
CA ILE A 120 30.33 25.87 -25.31
C ILE A 120 29.84 27.29 -25.00
N HIS A 121 28.51 27.48 -24.96
CA HIS A 121 27.93 28.77 -24.61
C HIS A 121 27.38 28.64 -23.21
N PHE A 122 27.92 29.41 -22.27
CA PHE A 122 27.43 29.39 -20.89
C PHE A 122 26.43 30.51 -20.68
N ASN A 123 25.62 30.41 -19.63
CA ASN A 123 24.66 31.44 -19.23
C ASN A 123 23.63 31.78 -20.32
N VAL A 124 23.24 30.81 -21.16
CA VAL A 124 22.25 31.06 -22.18
C VAL A 124 20.87 31.22 -21.56
N GLY A 125 20.00 31.92 -22.29
CA GLY A 125 18.62 32.06 -21.86
C GLY A 125 17.66 31.84 -23.00
N ASP A 126 16.37 31.85 -22.72
CA ASP A 126 15.32 31.74 -23.73
C ASP A 126 15.53 30.55 -24.69
N VAL A 127 15.74 29.35 -24.13
CA VAL A 127 16.05 28.14 -24.92
C VAL A 127 14.82 27.44 -25.45
N SER A 128 14.84 27.05 -26.73
CA SER A 128 13.71 26.30 -27.29
C SER A 128 14.17 25.30 -28.36
N LEU A 129 13.41 24.22 -28.59
CA LEU A 129 13.70 23.20 -29.59
C LEU A 129 12.65 23.30 -30.69
N HIS A 130 13.07 23.10 -31.94
CA HIS A 130 12.15 23.19 -33.07
C HIS A 130 12.43 22.14 -34.12
N ASP A 131 11.37 21.72 -34.82
CA ASP A 131 11.44 20.78 -35.94
C ASP A 131 12.23 19.51 -35.63
N VAL A 132 12.06 18.96 -34.40
CA VAL A 132 12.79 17.74 -34.03
C VAL A 132 12.34 16.53 -34.84
N ASP A 133 11.08 16.55 -35.35
CA ASP A 133 10.53 15.47 -36.19
C ASP A 133 10.86 15.67 -37.67
N THR A 134 11.96 16.37 -37.98
CA THR A 134 12.41 16.61 -39.35
C THR A 134 13.92 16.29 -39.46
N SER A 135 14.47 16.26 -40.68
CA SER A 135 15.90 16.07 -40.87
C SER A 135 16.73 17.35 -40.55
N SER A 136 16.06 18.47 -40.21
CA SER A 136 16.76 19.71 -39.87
C SER A 136 16.27 20.29 -38.52
N PRO A 137 16.55 19.61 -37.39
CA PRO A 137 16.14 20.18 -36.09
C PRO A 137 16.92 21.45 -35.78
N LYS A 138 16.34 22.31 -34.95
CA LYS A 138 16.97 23.58 -34.60
C LYS A 138 16.87 23.85 -33.11
N ILE A 139 17.92 24.48 -32.56
CA ILE A 139 17.90 24.92 -31.19
C ILE A 139 17.94 26.46 -31.20
N ARG A 140 17.06 27.14 -30.48
CA ARG A 140 17.11 28.61 -30.41
C ARG A 140 17.46 29.02 -28.99
N PHE A 141 18.25 30.09 -28.86
CA PHE A 141 18.68 30.54 -27.53
C PHE A 141 19.23 32.00 -27.61
N ARG A 142 19.44 32.65 -26.46
CA ARG A 142 20.03 33.97 -26.44
C ARG A 142 21.29 33.87 -25.60
N PRO A 143 22.45 34.25 -26.16
CA PRO A 143 23.70 34.17 -25.38
C PRO A 143 23.69 35.16 -24.24
N ASN A 144 24.26 34.78 -23.07
CA ASN A 144 24.31 35.63 -21.89
C ASN A 144 22.96 36.18 -21.45
N LYS A 145 21.89 35.40 -21.70
CA LYS A 145 20.51 35.76 -21.39
C LYS A 145 19.92 36.91 -22.26
N ASP A 146 20.64 38.04 -22.46
CA ASP A 146 20.20 39.25 -23.18
C ASP A 146 20.73 39.41 -24.59
N GLY A 147 21.38 38.39 -25.12
CA GLY A 147 21.91 38.48 -26.47
C GLY A 147 20.83 38.38 -27.51
N GLU A 148 21.21 38.63 -28.76
CA GLU A 148 20.30 38.49 -29.89
C GLU A 148 19.91 37.01 -30.03
N LEU A 149 18.67 36.72 -30.48
CA LEU A 149 18.22 35.35 -30.66
C LEU A 149 19.08 34.64 -31.71
N GLN A 150 19.69 33.53 -31.29
CA GLN A 150 20.56 32.74 -32.14
C GLN A 150 19.95 31.38 -32.40
N GLU A 151 20.35 30.78 -33.51
CA GLU A 151 19.84 29.47 -33.88
C GLU A 151 20.99 28.52 -34.22
N ILE A 152 20.89 27.29 -33.76
CA ILE A 152 21.83 26.23 -34.06
C ILE A 152 21.10 25.30 -35.01
N GLU A 153 21.58 25.19 -36.24
CA GLU A 153 21.02 24.27 -37.22
C GLU A 153 21.86 23.02 -37.11
N CYS A 154 21.22 21.88 -36.83
CA CYS A 154 21.98 20.64 -36.65
C CYS A 154 21.26 19.43 -37.26
N ASP A 155 21.91 18.27 -37.26
CA ASP A 155 21.29 17.06 -37.77
C ASP A 155 20.58 16.33 -36.61
N PHE A 156 21.12 16.44 -35.38
CA PHE A 156 20.58 15.81 -34.20
C PHE A 156 20.65 16.76 -33.02
N ILE A 157 19.68 16.64 -32.11
CA ILE A 157 19.71 17.38 -30.86
C ILE A 157 19.87 16.34 -29.77
N ALA A 158 20.83 16.54 -28.88
CA ALA A 158 21.04 15.67 -27.74
C ALA A 158 20.53 16.43 -26.53
N GLY A 159 19.46 15.90 -25.92
CA GLY A 159 18.85 16.47 -24.74
C GLY A 159 19.56 15.98 -23.49
N CYS A 160 20.61 16.67 -23.09
CA CYS A 160 21.41 16.34 -21.90
C CYS A 160 21.19 17.39 -20.84
N ASP A 161 19.95 17.89 -20.72
CA ASP A 161 19.61 19.04 -19.90
C ASP A 161 18.95 18.75 -18.55
N GLY A 162 19.16 17.54 -18.02
CA GLY A 162 18.66 17.21 -16.69
C GLY A 162 17.17 17.04 -16.55
N PHE A 163 16.73 16.70 -15.34
CA PHE A 163 15.33 16.35 -15.07
C PHE A 163 14.35 17.43 -15.50
N ARG A 164 14.68 18.70 -15.25
CA ARG A 164 13.74 19.79 -15.58
C ARG A 164 14.10 20.60 -16.85
N GLY A 165 14.92 20.03 -17.74
CA GLY A 165 15.27 20.72 -18.99
C GLY A 165 14.12 20.77 -19.98
N PRO A 166 14.29 21.53 -21.07
CA PRO A 166 13.22 21.62 -22.08
C PRO A 166 13.15 20.45 -23.06
N SER A 167 14.15 19.55 -23.07
CA SER A 167 14.17 18.49 -24.09
C SER A 167 13.13 17.41 -23.90
N ARG A 168 12.96 16.86 -22.66
CA ARG A 168 11.97 15.80 -22.45
C ARG A 168 10.53 16.22 -22.87
N PRO A 169 10.06 17.46 -22.55
CA PRO A 169 8.72 17.86 -23.04
C PRO A 169 8.59 17.93 -24.56
N ALA A 170 9.72 18.01 -25.29
CA ALA A 170 9.71 18.00 -26.75
C ALA A 170 9.37 16.59 -27.32
N ILE A 171 9.34 15.55 -26.48
CA ILE A 171 8.86 14.24 -26.90
C ILE A 171 7.39 14.29 -26.53
N PRO A 172 6.49 14.22 -27.51
CA PRO A 172 5.05 14.35 -27.19
C PRO A 172 4.55 13.33 -26.17
N GLN A 173 3.64 13.76 -25.30
CA GLN A 173 3.03 12.91 -24.28
C GLN A 173 2.35 11.69 -24.90
N SER A 174 1.78 11.82 -26.10
CA SER A 174 1.12 10.72 -26.79
C SER A 174 2.05 9.60 -27.30
N VAL A 175 3.36 9.83 -27.23
CA VAL A 175 4.35 8.86 -27.69
C VAL A 175 5.13 8.24 -26.49
N ARG A 176 5.19 8.93 -25.36
CA ARG A 176 5.96 8.44 -24.21
C ARG A 176 5.13 7.80 -23.11
N LYS A 177 5.78 6.94 -22.33
CA LYS A 177 5.25 6.26 -21.16
C LYS A 177 6.24 6.57 -20.04
N GLU A 178 5.74 6.99 -18.89
CA GLU A 178 6.59 7.32 -17.76
C GLU A 178 6.31 6.37 -16.60
N TYR A 179 7.37 6.08 -15.85
CA TYR A 179 7.35 5.16 -14.73
C TYR A 179 7.95 5.95 -13.58
N GLN A 180 7.35 5.87 -12.38
CA GLN A 180 7.89 6.63 -11.26
C GLN A 180 7.63 5.96 -9.90
N LYS A 181 8.46 6.31 -8.90
CA LYS A 181 8.25 5.90 -7.53
C LYS A 181 8.59 7.08 -6.65
N VAL A 182 7.69 7.38 -5.70
CA VAL A 182 7.77 8.42 -4.69
C VAL A 182 8.22 7.83 -3.39
N TYR A 183 9.24 8.40 -2.78
CA TYR A 183 9.79 7.90 -1.51
C TYR A 183 9.38 8.82 -0.36
N PRO A 184 9.10 8.25 0.80
CA PRO A 184 8.66 9.11 1.93
C PRO A 184 9.81 9.85 2.62
N PHE A 185 11.04 9.60 2.19
CA PHE A 185 12.22 10.17 2.81
C PHE A 185 13.09 10.88 1.79
N SER A 186 13.91 11.81 2.30
CA SER A 186 14.89 12.60 1.55
C SER A 186 16.24 12.44 2.27
N TRP A 187 17.29 13.09 1.75
CA TRP A 187 18.60 13.06 2.40
C TRP A 187 18.99 14.46 2.84
N LEU A 188 19.42 14.61 4.08
CA LEU A 188 20.01 15.87 4.55
C LEU A 188 21.52 15.61 4.32
N GLY A 189 22.13 16.32 3.38
CA GLY A 189 23.53 16.18 3.07
C GLY A 189 24.31 17.33 3.67
N ILE A 190 25.51 17.04 4.20
CA ILE A 190 26.38 18.05 4.78
C ILE A 190 27.81 17.92 4.26
N LEU A 191 28.54 19.02 4.30
CA LEU A 191 29.98 19.07 3.99
C LEU A 191 30.61 19.50 5.31
N VAL A 192 31.61 18.74 5.78
CA VAL A 192 32.24 19.02 7.05
C VAL A 192 33.75 19.26 6.87
N GLU A 193 34.30 20.25 7.61
CA GLU A 193 35.73 20.54 7.65
C GLU A 193 36.28 19.58 8.71
N ALA A 194 36.65 18.37 8.29
CA ALA A 194 37.16 17.35 9.22
C ALA A 194 37.92 16.26 8.47
N PRO A 195 38.73 15.44 9.19
CA PRO A 195 39.35 14.27 8.55
C PRO A 195 38.36 13.11 8.42
N PRO A 196 38.67 12.08 7.62
CA PRO A 196 37.72 10.96 7.46
C PRO A 196 37.66 10.06 8.67
N SER A 197 36.44 9.70 9.08
CA SER A 197 36.25 8.81 10.23
C SER A 197 36.68 7.36 9.91
N ALA A 198 36.64 7.00 8.63
CA ALA A 198 36.99 5.67 8.16
C ALA A 198 37.65 5.75 6.77
N HIS A 199 38.32 4.66 6.35
CA HIS A 199 38.99 4.62 5.07
C HIS A 199 38.04 4.40 3.90
N GLU A 200 36.85 3.82 4.16
CA GLU A 200 35.87 3.47 3.14
C GLU A 200 34.46 3.98 3.48
N LEU A 201 33.59 4.05 2.46
CA LEU A 201 32.21 4.52 2.62
C LEU A 201 31.48 3.65 3.62
N ILE A 202 30.60 4.25 4.41
CA ILE A 202 29.79 3.52 5.38
C ILE A 202 28.31 3.75 5.07
N TYR A 203 27.56 2.69 4.77
CA TYR A 203 26.12 2.76 4.52
C TYR A 203 25.50 2.14 5.76
N ALA A 204 24.84 2.93 6.59
CA ALA A 204 24.30 2.43 7.85
C ALA A 204 22.79 2.39 7.93
N ASN A 205 22.24 1.24 8.36
CA ASN A 205 20.83 1.10 8.64
C ASN A 205 20.73 1.09 10.17
N HIS A 206 19.89 1.95 10.71
CA HIS A 206 19.66 2.04 12.16
C HIS A 206 18.16 2.11 12.41
N GLU A 207 17.72 1.77 13.65
CA GLU A 207 16.30 1.88 14.00
C GLU A 207 15.75 3.30 13.75
N ARG A 208 16.61 4.31 13.97
CA ARG A 208 16.24 5.71 13.79
C ARG A 208 16.27 6.22 12.34
N GLY A 209 16.88 5.44 11.45
CA GLY A 209 16.99 5.82 10.05
C GLY A 209 18.38 5.58 9.48
N PHE A 210 18.52 5.87 8.19
CA PHE A 210 19.75 5.65 7.45
C PHE A 210 20.76 6.78 7.64
N ALA A 211 22.05 6.45 7.52
CA ALA A 211 23.15 7.43 7.53
C ALA A 211 24.23 6.93 6.56
N LEU A 212 24.88 7.86 5.86
CA LEU A 212 25.92 7.53 4.90
C LEU A 212 27.14 8.40 5.18
N VAL A 213 28.30 7.77 5.35
CA VAL A 213 29.54 8.51 5.57
C VAL A 213 30.38 8.38 4.32
N SER A 214 30.51 9.47 3.59
CA SER A 214 31.33 9.50 2.38
C SER A 214 32.45 10.55 2.55
N THR A 215 33.19 10.85 1.48
CA THR A 215 34.34 11.75 1.58
C THR A 215 34.54 12.53 0.28
N ARG A 216 35.32 13.62 0.36
CA ARG A 216 35.70 14.41 -0.80
C ARG A 216 37.22 14.52 -0.86
N SER A 217 37.83 14.79 0.30
CA SER A 217 39.26 15.00 0.40
C SER A 217 39.72 14.65 1.84
N PRO A 218 41.04 14.65 2.14
CA PRO A 218 41.44 14.44 3.53
C PRO A 218 40.89 15.50 4.49
N GLN A 219 40.44 16.67 3.97
CA GLN A 219 39.95 17.77 4.80
C GLN A 219 38.46 18.09 4.67
N ILE A 220 37.76 17.44 3.73
CA ILE A 220 36.36 17.67 3.52
C ILE A 220 35.64 16.33 3.44
N GLN A 221 34.64 16.13 4.31
CA GLN A 221 33.83 14.93 4.29
C GLN A 221 32.40 15.23 3.86
N ARG A 222 31.74 14.23 3.28
CA ARG A 222 30.34 14.39 2.80
C ARG A 222 29.53 13.35 3.57
N LEU A 223 28.53 13.75 4.35
CA LEU A 223 27.71 12.82 5.12
C LEU A 223 26.23 13.07 4.82
N TYR A 224 25.42 12.02 4.95
CA TYR A 224 23.98 12.16 4.72
C TYR A 224 23.18 11.47 5.81
N LEU A 225 22.03 12.04 6.11
CA LEU A 225 21.09 11.48 7.07
C LEU A 225 19.77 11.33 6.31
N GLN A 226 19.06 10.21 6.54
CA GLN A 226 17.68 10.11 6.04
C GLN A 226 16.83 11.05 6.90
N VAL A 227 15.96 11.82 6.27
CA VAL A 227 15.03 12.70 6.98
C VAL A 227 13.66 12.57 6.30
N ASP A 228 12.58 12.95 7.00
CA ASP A 228 11.24 12.94 6.39
C ASP A 228 11.25 13.89 5.15
N ALA A 229 10.61 13.49 4.05
CA ALA A 229 10.64 14.27 2.81
C ALA A 229 10.12 15.72 2.93
N GLN A 230 9.26 15.99 3.91
CA GLN A 230 8.77 17.35 4.13
C GLN A 230 9.65 18.19 5.10
N ASP A 231 10.76 17.63 5.59
CA ASP A 231 11.65 18.37 6.51
C ASP A 231 12.36 19.50 5.79
N HIS A 232 12.70 20.55 6.55
CA HIS A 232 13.44 21.71 6.06
C HIS A 232 14.74 21.78 6.84
N ILE A 233 15.75 22.41 6.26
CA ILE A 233 17.04 22.54 6.92
C ILE A 233 16.95 23.35 8.24
N ASP A 234 15.93 24.21 8.38
CA ASP A 234 15.77 24.97 9.65
C ASP A 234 15.30 24.10 10.83
N ASN A 235 14.82 22.88 10.57
CA ASN A 235 14.46 21.91 11.61
C ASN A 235 15.73 21.15 12.10
N TRP A 236 16.90 21.35 11.45
CA TRP A 236 18.11 20.61 11.73
C TRP A 236 19.29 21.46 12.09
N SER A 237 19.43 21.76 13.38
CA SER A 237 20.59 22.50 13.87
C SER A 237 21.85 21.62 13.73
N ASP A 238 23.05 22.22 13.85
CA ASP A 238 24.29 21.42 13.78
C ASP A 238 24.32 20.39 14.92
N ASP A 239 23.84 20.78 16.12
CA ASP A 239 23.76 19.87 17.25
C ASP A 239 22.86 18.67 16.98
N ARG A 240 21.69 18.89 16.38
CA ARG A 240 20.77 17.81 16.08
C ARG A 240 21.37 16.88 15.00
N ILE A 241 22.06 17.46 14.01
CA ILE A 241 22.69 16.66 12.95
C ILE A 241 23.75 15.72 13.53
N TRP A 242 24.65 16.26 14.38
CA TRP A 242 25.68 15.42 14.98
C TRP A 242 25.12 14.37 15.92
N SER A 243 24.12 14.74 16.73
CA SER A 243 23.53 13.80 17.67
C SER A 243 22.87 12.64 16.92
N GLU A 244 22.19 12.93 15.82
CA GLU A 244 21.55 11.91 15.02
C GLU A 244 22.56 11.03 14.28
N LEU A 245 23.64 11.64 13.76
CA LEU A 245 24.68 10.89 13.08
C LEU A 245 25.38 9.95 14.07
N HIS A 246 25.71 10.44 15.30
CA HIS A 246 26.35 9.60 16.31
C HIS A 246 25.42 8.43 16.68
N ALA A 247 24.12 8.71 16.86
CA ALA A 247 23.16 7.67 17.22
C ALA A 247 23.04 6.59 16.14
N ARG A 248 22.90 7.01 14.86
CA ARG A 248 22.70 6.04 13.79
C ARG A 248 23.97 5.27 13.40
N LEU A 249 25.14 5.86 13.60
CA LEU A 249 26.42 5.21 13.27
C LEU A 249 27.06 4.45 14.43
N GLU A 250 26.40 4.43 15.60
CA GLU A 250 26.90 3.74 16.77
C GLU A 250 27.18 2.26 16.51
N THR A 251 28.33 1.76 17.00
CA THR A 251 28.66 0.35 16.90
C THR A 251 29.02 -0.21 18.29
N ARG A 252 28.89 -1.53 18.45
CA ARG A 252 29.23 -2.16 19.73
C ARG A 252 30.73 -2.00 20.03
N ASP A 253 31.60 -2.02 18.99
CA ASP A 253 33.04 -1.83 19.21
C ASP A 253 33.48 -0.36 19.40
N GLY A 254 32.53 0.58 19.44
CA GLY A 254 32.80 1.99 19.69
C GLY A 254 33.38 2.83 18.57
N PHE A 255 32.59 3.11 17.53
CA PHE A 255 33.00 3.94 16.40
C PHE A 255 33.21 5.40 16.81
N LYS A 256 34.27 6.03 16.29
CA LYS A 256 34.54 7.44 16.57
C LYS A 256 34.19 8.32 15.38
N LEU A 257 33.07 9.07 15.47
CA LEU A 257 32.66 9.94 14.38
C LEU A 257 33.39 11.26 14.55
N LEU A 258 34.27 11.58 13.60
CA LEU A 258 35.09 12.79 13.68
C LEU A 258 34.33 14.04 13.25
N GLU A 259 34.13 14.97 14.18
CA GLU A 259 33.36 16.18 13.93
C GLU A 259 34.25 17.37 13.52
N GLY A 260 33.59 18.41 13.00
CA GLY A 260 34.19 19.69 12.64
C GLY A 260 33.11 20.63 12.14
N PRO A 261 33.50 21.85 11.71
CA PRO A 261 32.52 22.79 11.18
C PRO A 261 31.67 22.19 10.06
N ILE A 262 30.35 22.29 10.18
CA ILE A 262 29.46 21.86 9.10
C ILE A 262 29.31 23.12 8.27
N PHE A 263 29.98 23.19 7.14
CA PHE A 263 29.94 24.41 6.34
C PHE A 263 28.87 24.41 5.25
N GLN A 264 28.24 23.29 4.99
CA GLN A 264 27.15 23.20 4.04
C GLN A 264 26.14 22.20 4.57
N LYS A 265 24.86 22.52 4.45
CA LYS A 265 23.79 21.59 4.76
C LYS A 265 22.60 21.86 3.86
N GLY A 266 21.97 20.80 3.39
CA GLY A 266 20.82 20.93 2.51
C GLY A 266 20.04 19.65 2.37
N ILE A 267 18.74 19.77 2.12
CA ILE A 267 17.89 18.60 1.95
C ILE A 267 17.65 18.36 0.48
N VAL A 268 17.87 17.13 0.04
CA VAL A 268 17.68 16.79 -1.35
C VAL A 268 16.68 15.66 -1.45
N SER A 269 15.64 15.87 -2.26
CA SER A 269 14.61 14.85 -2.43
C SER A 269 15.14 13.71 -3.32
N MET A 270 14.43 12.61 -3.34
CA MET A 270 14.81 11.47 -4.19
C MET A 270 13.61 10.85 -4.87
N ARG A 271 13.84 10.26 -6.03
CA ARG A 271 12.75 9.59 -6.76
C ARG A 271 13.34 8.58 -7.73
N SER A 272 12.49 7.73 -8.26
CA SER A 272 12.82 6.85 -9.36
C SER A 272 11.94 7.32 -10.50
N PHE A 273 12.50 7.41 -11.72
CA PHE A 273 11.75 7.88 -12.89
C PHE A 273 12.37 7.29 -14.14
N VAL A 274 11.54 6.81 -15.06
CA VAL A 274 12.02 6.31 -16.34
C VAL A 274 11.07 6.82 -17.41
N CYS A 275 11.63 7.39 -18.49
CA CYS A 275 10.84 7.82 -19.62
C CYS A 275 11.16 6.87 -20.79
N ASP A 276 10.12 6.38 -21.46
CA ASP A 276 10.31 5.46 -22.59
C ASP A 276 9.36 5.95 -23.68
N PRO A 277 9.84 6.33 -24.87
CA PRO A 277 11.23 6.23 -25.33
C PRO A 277 12.13 7.38 -24.90
N MET A 278 13.42 7.27 -25.24
CA MET A 278 14.38 8.32 -24.98
C MET A 278 14.74 9.05 -26.28
N GLN A 279 13.89 8.97 -27.32
CA GLN A 279 14.16 9.60 -28.59
C GLN A 279 12.86 9.88 -29.30
N HIS A 280 12.88 10.88 -30.17
CA HIS A 280 11.73 11.23 -30.98
C HIS A 280 12.32 11.98 -32.17
N GLY A 281 12.27 11.35 -33.36
CA GLY A 281 12.83 11.94 -34.58
C GLY A 281 14.33 12.10 -34.43
N ARG A 282 14.81 13.34 -34.57
CA ARG A 282 16.23 13.63 -34.43
C ARG A 282 16.63 14.06 -33.00
N LEU A 283 15.69 14.02 -32.05
CA LEU A 283 15.99 14.38 -30.65
C LEU A 283 16.29 13.11 -29.86
N PHE A 284 17.40 13.10 -29.11
CA PHE A 284 17.81 11.94 -28.33
C PHE A 284 18.09 12.41 -26.92
N LEU A 285 17.47 11.79 -25.89
CA LEU A 285 17.71 12.19 -24.51
C LEU A 285 18.79 11.31 -23.89
N ALA A 286 19.46 11.84 -22.88
CA ALA A 286 20.48 11.08 -22.16
C ALA A 286 20.56 11.59 -20.74
N GLY A 287 20.87 10.70 -19.81
CA GLY A 287 21.03 11.07 -18.41
C GLY A 287 19.74 11.42 -17.71
N ASP A 288 19.81 12.38 -16.77
CA ASP A 288 18.67 12.77 -15.92
C ASP A 288 17.49 13.34 -16.71
N ALA A 289 17.72 13.79 -17.98
CA ALA A 289 16.58 14.20 -18.82
C ALA A 289 15.67 13.02 -19.16
N ALA A 290 16.20 11.78 -19.11
CA ALA A 290 15.44 10.57 -19.44
C ALA A 290 15.05 9.70 -18.25
N HIS A 291 15.85 9.73 -17.17
CA HIS A 291 15.61 8.82 -16.04
C HIS A 291 16.30 9.32 -14.78
N ILE A 292 15.72 9.01 -13.62
CA ILE A 292 16.27 9.40 -12.33
C ILE A 292 16.28 8.14 -11.43
N VAL A 293 17.28 8.04 -10.56
CA VAL A 293 17.38 6.98 -9.57
C VAL A 293 17.58 7.62 -8.21
N PRO A 294 17.12 6.97 -7.13
CA PRO A 294 17.44 7.48 -5.78
C PRO A 294 18.96 7.28 -5.56
N PRO A 295 19.62 8.20 -4.83
CA PRO A 295 21.10 8.22 -4.82
C PRO A 295 21.83 7.14 -4.06
N THR A 296 21.09 6.27 -3.37
CA THR A 296 21.72 5.22 -2.55
C THR A 296 22.66 4.31 -3.36
N GLY A 297 22.37 4.09 -4.64
CA GLY A 297 23.20 3.20 -5.45
C GLY A 297 24.31 3.88 -6.22
N ALA A 298 24.41 5.24 -6.17
CA ALA A 298 25.44 6.02 -6.90
C ALA A 298 25.47 5.63 -8.38
N LYS A 299 24.30 5.69 -9.00
CA LYS A 299 24.13 5.29 -10.40
C LYS A 299 23.88 6.41 -11.41
N GLY A 300 23.33 7.56 -11.02
CA GLY A 300 22.89 8.59 -11.94
C GLY A 300 23.92 9.14 -12.92
N LEU A 301 25.03 9.68 -12.39
CA LEU A 301 26.12 10.17 -13.27
C LEU A 301 26.62 9.02 -14.16
N ASN A 302 26.83 7.81 -13.55
CA ASN A 302 27.29 6.61 -14.25
C ASN A 302 26.35 6.20 -15.39
N LEU A 303 25.03 6.32 -15.19
CA LEU A 303 24.05 5.97 -16.22
C LEU A 303 24.07 7.00 -17.34
N ALA A 304 24.26 8.29 -16.99
CA ALA A 304 24.40 9.33 -18.01
C ALA A 304 25.61 9.01 -18.92
N ALA A 305 26.73 8.57 -18.33
CA ALA A 305 27.93 8.18 -19.09
C ALA A 305 27.67 6.97 -19.96
N ALA A 306 26.88 5.99 -19.47
CA ALA A 306 26.55 4.82 -20.27
C ALA A 306 25.64 5.20 -21.43
N ASP A 307 24.62 6.06 -21.18
CA ASP A 307 23.69 6.48 -22.24
C ASP A 307 24.45 7.13 -23.39
N VAL A 308 25.37 8.06 -23.06
CA VAL A 308 26.04 8.82 -24.11
C VAL A 308 27.05 7.97 -24.88
N GLN A 309 27.58 6.88 -24.29
CA GLN A 309 28.45 5.98 -25.04
C GLN A 309 27.65 5.30 -26.16
N VAL A 310 26.39 4.92 -25.86
CA VAL A 310 25.53 4.27 -26.87
C VAL A 310 25.14 5.29 -27.93
N LEU A 311 24.73 6.49 -27.51
CA LEU A 311 24.35 7.54 -28.45
C LEU A 311 25.51 7.92 -29.39
N ALA A 312 26.71 8.07 -28.83
CA ALA A 312 27.90 8.39 -29.64
C ALA A 312 28.18 7.31 -30.65
N ARG A 313 28.03 6.03 -30.25
CA ARG A 313 28.24 4.92 -31.19
C ARG A 313 27.25 4.98 -32.37
N GLY A 314 25.99 5.33 -32.07
CA GLY A 314 24.96 5.45 -33.09
C GLY A 314 25.24 6.59 -34.04
N LEU A 315 25.63 7.74 -33.47
CA LEU A 315 25.95 8.93 -34.26
C LEU A 315 27.15 8.67 -35.16
N GLU A 316 28.16 7.94 -34.63
CA GLU A 316 29.35 7.58 -35.39
C GLU A 316 29.00 6.70 -36.58
N ALA A 317 28.12 5.70 -36.38
CA ALA A 317 27.71 4.80 -37.48
C ALA A 317 26.94 5.58 -38.56
N TYR A 318 26.17 6.61 -38.15
CA TYR A 318 25.43 7.44 -39.09
C TYR A 318 26.38 8.27 -39.98
N TYR A 319 27.34 8.97 -39.37
CA TYR A 319 28.24 9.82 -40.15
C TYR A 319 29.28 9.05 -40.95
N LYS A 320 29.73 7.89 -40.44
CA LYS A 320 30.74 7.09 -41.12
C LYS A 320 30.17 6.24 -42.26
N ALA A 321 29.04 5.55 -42.03
CA ALA A 321 28.48 4.67 -43.06
C ALA A 321 27.05 4.96 -43.49
N GLY A 322 26.44 6.00 -42.94
CA GLY A 322 25.05 6.33 -43.24
C GLY A 322 24.04 5.37 -42.62
N LYS A 323 24.47 4.58 -41.64
CA LYS A 323 23.64 3.56 -41.00
C LYS A 323 22.82 4.13 -39.84
N MET A 324 21.55 3.76 -39.77
CA MET A 324 20.62 4.26 -38.76
C MET A 324 20.30 3.23 -37.67
N GLU A 325 20.62 1.94 -37.87
CA GLU A 325 20.30 0.86 -36.94
C GLU A 325 20.57 1.16 -35.45
N ILE A 326 21.81 1.53 -35.09
CA ILE A 326 22.16 1.77 -33.69
C ILE A 326 21.39 2.96 -33.12
N LEU A 327 21.20 4.03 -33.90
CA LEU A 327 20.40 5.17 -33.45
C LEU A 327 18.94 4.76 -33.24
N ASN A 328 18.38 3.98 -34.17
CA ASN A 328 17.01 3.49 -34.05
C ASN A 328 16.82 2.65 -32.77
N ARG A 329 17.85 1.90 -32.37
CA ARG A 329 17.79 1.06 -31.17
C ARG A 329 18.42 1.71 -29.93
N CYS A 330 18.74 3.02 -29.98
CA CYS A 330 19.36 3.69 -28.83
C CYS A 330 18.53 3.53 -27.55
N THR A 331 17.22 3.80 -27.61
CA THR A 331 16.34 3.67 -26.44
C THR A 331 16.36 2.24 -25.93
N GLU A 332 16.18 1.27 -26.84
CA GLU A 332 16.18 -0.15 -26.50
C GLU A 332 17.44 -0.57 -25.74
N ILE A 333 18.62 -0.20 -26.26
CA ILE A 333 19.88 -0.56 -25.63
C ILE A 333 20.04 0.14 -24.27
N CYS A 334 19.82 1.46 -24.22
CA CYS A 334 19.96 2.20 -22.98
C CYS A 334 19.04 1.68 -21.88
N LEU A 335 17.76 1.41 -22.24
CA LEU A 335 16.77 0.97 -21.25
C LEU A 335 17.13 -0.34 -20.55
N ARG A 336 17.76 -1.28 -21.24
CA ARG A 336 18.16 -2.56 -20.62
C ARG A 336 19.07 -2.32 -19.41
N ARG A 337 20.02 -1.40 -19.59
CA ARG A 337 20.94 -1.05 -18.53
C ARG A 337 20.22 -0.20 -17.47
N ILE A 338 19.41 0.77 -17.93
CA ILE A 338 18.70 1.66 -17.01
C ILE A 338 17.80 0.86 -16.05
N TRP A 339 17.02 -0.09 -16.58
CA TRP A 339 16.12 -0.86 -15.72
C TRP A 339 16.86 -1.68 -14.66
N LYS A 340 18.02 -2.24 -14.99
CA LYS A 340 18.80 -2.99 -14.00
C LYS A 340 19.37 -2.08 -12.93
N ALA A 341 19.79 -0.86 -13.31
CA ALA A 341 20.31 0.11 -12.33
C ALA A 341 19.17 0.67 -11.49
N GLU A 342 17.98 0.86 -12.09
CA GLU A 342 16.77 1.32 -11.37
C GLU A 342 16.42 0.30 -10.28
N ARG A 343 16.48 -1.00 -10.63
CA ARG A 343 16.18 -2.08 -9.69
CA ARG A 343 16.17 -2.06 -9.67
C ARG A 343 17.20 -2.04 -8.55
N PHE A 344 18.48 -1.95 -8.90
CA PHE A 344 19.53 -1.94 -7.87
C PHE A 344 19.42 -0.72 -6.97
N SER A 345 19.17 0.47 -7.55
CA SER A 345 19.08 1.69 -6.74
C SER A 345 17.86 1.57 -5.79
N TRP A 346 16.76 1.02 -6.29
CA TRP A 346 15.57 0.80 -5.46
C TRP A 346 15.90 -0.22 -4.34
N PHE A 347 16.62 -1.29 -4.68
CA PHE A 347 17.01 -2.33 -3.74
C PHE A 347 17.86 -1.75 -2.61
N MET A 348 18.92 -0.99 -2.96
CA MET A 348 19.77 -0.36 -1.94
C MET A 348 18.97 0.58 -1.07
N THR A 349 18.09 1.36 -1.71
CA THR A 349 17.30 2.34 -0.99
C THR A 349 16.39 1.67 0.02
N THR A 350 15.60 0.69 -0.43
CA THR A 350 14.63 0.03 0.46
C THR A 350 15.29 -0.85 1.53
N MET A 351 16.46 -1.48 1.24
CA MET A 351 17.13 -2.28 2.25
C MET A 351 17.70 -1.39 3.38
N LEU A 352 18.20 -0.18 3.03
CA LEU A 352 18.91 0.64 4.01
C LEU A 352 18.11 1.71 4.75
N HIS A 353 16.98 2.17 4.17
CA HIS A 353 16.21 3.24 4.82
C HIS A 353 15.09 2.73 5.71
N ARG A 354 14.83 3.48 6.79
CA ARG A 354 13.72 3.21 7.68
C ARG A 354 12.43 3.63 6.97
N ASP A 355 11.41 2.78 6.96
CA ASP A 355 10.12 3.16 6.38
C ASP A 355 9.08 2.90 7.48
N GLN A 356 8.55 3.97 8.08
CA GLN A 356 7.57 3.80 9.18
C GLN A 356 6.25 3.11 8.76
N GLY A 357 6.02 2.98 7.46
CA GLY A 357 4.88 2.22 6.95
C GLY A 357 5.11 0.72 6.99
N HIS A 358 6.37 0.28 7.18
CA HIS A 358 6.69 -1.15 7.25
C HIS A 358 6.00 -1.82 8.41
N THR A 359 5.49 -3.05 8.17
CA THR A 359 4.94 -3.85 9.27
C THR A 359 6.14 -4.42 10.03
N PRO A 360 5.95 -4.96 11.25
CA PRO A 360 7.08 -5.63 11.95
C PRO A 360 7.71 -6.76 11.10
N PHE A 361 6.87 -7.48 10.30
CA PHE A 361 7.40 -8.53 9.40
C PHE A 361 8.34 -7.93 8.33
N GLU A 362 7.92 -6.82 7.70
CA GLU A 362 8.74 -6.15 6.68
C GLU A 362 10.05 -5.62 7.29
N ARG A 363 10.00 -5.13 8.54
CA ARG A 363 11.26 -4.70 9.20
C ARG A 363 12.20 -5.92 9.41
N GLY A 364 11.61 -7.08 9.78
CA GLY A 364 12.36 -8.31 9.97
C GLY A 364 13.06 -8.76 8.70
N ILE A 365 12.33 -8.73 7.55
CA ILE A 365 12.87 -9.13 6.23
C ILE A 365 13.97 -8.15 5.80
N GLN A 366 13.85 -6.84 6.14
CA GLN A 366 14.84 -5.86 5.79
C GLN A 366 16.18 -6.23 6.48
N LEU A 367 16.12 -6.55 7.78
CA LEU A 367 17.31 -6.93 8.53
C LEU A 367 17.85 -8.29 8.05
N ALA A 368 16.96 -9.19 7.64
CA ALA A 368 17.38 -10.49 7.10
C ALA A 368 18.13 -10.27 5.79
N GLU A 369 17.71 -9.30 4.95
CA GLU A 369 18.40 -9.06 3.67
C GLU A 369 19.81 -8.51 3.91
N LEU A 370 19.96 -7.62 4.91
CA LEU A 370 21.27 -7.08 5.28
C LEU A 370 22.19 -8.21 5.76
N ASP A 371 21.65 -9.13 6.56
CA ASP A 371 22.39 -10.30 7.05
C ASP A 371 22.81 -11.18 5.85
N TYR A 372 21.87 -11.47 4.95
CA TYR A 372 22.13 -12.30 3.78
C TYR A 372 23.22 -11.74 2.81
N VAL A 373 23.11 -10.47 2.40
CA VAL A 373 24.08 -9.88 1.47
C VAL A 373 25.50 -9.81 2.06
N THR A 374 25.65 -9.86 3.40
CA THR A 374 26.96 -9.80 4.07
C THR A 374 27.45 -11.17 4.58
N SER A 375 26.69 -12.25 4.33
CA SER A 375 27.12 -13.57 4.81
C SER A 375 27.30 -14.61 3.71
N SER A 376 26.98 -14.28 2.48
CA SER A 376 27.13 -15.19 1.36
C SER A 376 28.17 -14.62 0.39
N ARG A 377 29.13 -15.42 -0.09
CA ARG A 377 30.12 -14.94 -1.06
C ARG A 377 29.42 -14.57 -2.38
N ALA A 378 28.49 -15.42 -2.84
CA ALA A 378 27.76 -15.14 -4.08
C ALA A 378 26.88 -13.89 -3.93
N ALA A 379 26.17 -13.73 -2.78
CA ALA A 379 25.33 -12.55 -2.57
C ALA A 379 26.19 -11.28 -2.49
N SER A 380 27.34 -11.34 -1.79
CA SER A 380 28.22 -10.16 -1.70
C SER A 380 28.82 -9.83 -3.09
N THR A 381 29.11 -10.86 -3.90
CA THR A 381 29.67 -10.66 -5.24
C THR A 381 28.59 -10.00 -6.12
N SER A 382 27.35 -10.48 -6.05
CA SER A 382 26.25 -9.90 -6.81
C SER A 382 26.07 -8.39 -6.43
N LEU A 383 26.11 -8.10 -5.11
CA LEU A 383 26.02 -6.73 -4.59
C LEU A 383 27.20 -5.86 -5.14
N ALA A 384 28.45 -6.37 -5.06
CA ALA A 384 29.65 -5.69 -5.52
C ALA A 384 29.61 -5.43 -7.03
N GLU A 385 29.19 -6.42 -7.83
CA GLU A 385 29.14 -6.24 -9.29
C GLU A 385 28.13 -5.18 -9.67
N ASN A 386 26.99 -5.17 -8.98
CA ASN A 386 25.99 -4.14 -9.23
C ASN A 386 26.53 -2.77 -8.79
N TYR A 387 27.17 -2.71 -7.61
CA TYR A 387 27.66 -1.43 -7.07
C TYR A 387 28.66 -0.76 -8.02
N ILE A 388 29.64 -1.51 -8.52
CA ILE A 388 30.65 -0.89 -9.39
C ILE A 388 30.28 -0.87 -10.89
N GLY A 389 29.07 -1.32 -11.20
CA GLY A 389 28.51 -1.24 -12.53
C GLY A 389 28.55 -2.53 -13.29
N LEU A 390 27.39 -2.97 -13.77
CA LEU A 390 27.32 -4.21 -14.55
C LEU A 390 28.04 -4.04 -15.90
N PRO A 391 28.46 -5.16 -16.54
CA PRO A 391 29.14 -5.04 -17.84
C PRO A 391 28.35 -4.24 -18.88
N MET A 392 29.06 -3.46 -19.73
CA MET A 392 28.41 -2.67 -20.77
C MET A 392 28.02 -3.59 -21.93
N GLU A 393 26.85 -3.36 -22.54
CA GLU A 393 26.33 -4.08 -23.71
C GLU A 393 27.41 -4.45 -24.75
N MET B 1 6.40 48.51 -17.50
CA MET B 1 5.03 48.94 -17.29
C MET B 1 4.62 48.72 -15.85
N ARG B 2 4.09 49.76 -15.20
CA ARG B 2 3.71 49.67 -13.80
C ARG B 2 2.23 49.36 -13.61
N THR B 3 1.91 48.51 -12.62
CA THR B 3 0.52 48.17 -12.27
C THR B 3 0.43 47.85 -10.76
N GLN B 4 -0.78 47.59 -10.24
CA GLN B 4 -0.93 47.23 -8.84
C GLN B 4 -0.69 45.72 -8.66
N VAL B 5 -1.39 44.89 -9.46
CA VAL B 5 -1.24 43.45 -9.35
C VAL B 5 -0.83 42.83 -10.70
N GLY B 6 0.34 42.21 -10.74
CA GLY B 6 0.79 41.50 -11.94
C GLY B 6 0.24 40.09 -11.88
N ILE B 7 -0.48 39.64 -12.90
CA ILE B 7 -1.12 38.33 -12.89
C ILE B 7 -0.53 37.41 -13.94
N ILE B 8 -0.04 36.25 -13.51
CA ILE B 8 0.50 35.29 -14.45
C ILE B 8 -0.52 34.23 -14.69
N GLY B 9 -1.08 34.21 -15.89
CA GLY B 9 -2.02 33.18 -16.29
C GLY B 9 -3.40 33.71 -16.57
N ALA B 10 -3.98 33.33 -17.73
CA ALA B 10 -5.32 33.73 -18.10
C ALA B 10 -6.29 32.55 -18.11
N GLY B 11 -6.22 31.76 -17.06
CA GLY B 11 -7.21 30.72 -16.84
C GLY B 11 -8.32 31.33 -15.99
N PRO B 12 -9.22 30.48 -15.46
CA PRO B 12 -10.29 30.99 -14.59
C PRO B 12 -9.75 31.79 -13.38
N ALA B 13 -8.68 31.30 -12.72
CA ALA B 13 -8.14 32.04 -11.58
C ALA B 13 -7.68 33.47 -11.96
N GLY B 14 -6.81 33.60 -12.95
CA GLY B 14 -6.27 34.90 -13.33
C GLY B 14 -7.32 35.85 -13.85
N LEU B 15 -8.21 35.33 -14.70
CA LEU B 15 -9.26 36.17 -15.29
C LEU B 15 -10.29 36.63 -14.25
N LEU B 16 -10.75 35.71 -13.37
CA LEU B 16 -11.68 36.11 -12.31
C LEU B 16 -11.02 37.10 -11.37
N LEU B 17 -9.75 36.86 -10.98
CA LEU B 17 -9.07 37.81 -10.09
C LEU B 17 -8.95 39.20 -10.74
N SER B 18 -8.53 39.26 -12.02
CA SER B 18 -8.39 40.55 -12.69
C SER B 18 -9.71 41.33 -12.72
N HIS B 19 -10.83 40.62 -12.98
CA HIS B 19 -12.13 41.29 -13.05
C HIS B 19 -12.65 41.68 -11.67
N LEU B 20 -12.42 40.84 -10.64
CA LEU B 20 -12.81 41.19 -9.27
C LEU B 20 -12.06 42.45 -8.83
N LEU B 21 -10.77 42.56 -9.18
CA LEU B 21 -9.97 43.74 -8.84
C LEU B 21 -10.47 44.96 -9.60
N TYR B 22 -10.83 44.80 -10.87
CA TYR B 22 -11.34 45.92 -11.69
C TYR B 22 -12.61 46.49 -11.05
N LEU B 23 -13.50 45.58 -10.59
CA LEU B 23 -14.75 46.01 -9.93
C LEU B 23 -14.53 46.82 -8.64
N GLN B 24 -13.33 46.74 -8.05
CA GLN B 24 -12.98 47.51 -6.87
C GLN B 24 -11.93 48.62 -7.16
N GLY B 25 -11.70 48.95 -8.43
CA GLY B 25 -10.78 50.00 -8.83
C GLY B 25 -9.31 49.68 -8.67
N ILE B 26 -8.95 48.38 -8.69
CA ILE B 26 -7.57 47.94 -8.57
C ILE B 26 -7.08 47.47 -9.94
N GLU B 27 -5.97 48.06 -10.43
CA GLU B 27 -5.42 47.75 -11.73
C GLU B 27 -4.58 46.48 -11.75
N SER B 28 -4.56 45.82 -12.90
CA SER B 28 -3.79 44.59 -13.08
C SER B 28 -3.32 44.45 -14.54
N ILE B 29 -2.29 43.63 -14.74
CA ILE B 29 -1.83 43.27 -16.07
C ILE B 29 -1.76 41.74 -16.08
N ILE B 30 -2.38 41.09 -17.06
CA ILE B 30 -2.30 39.63 -17.17
C ILE B 30 -1.32 39.26 -18.30
N ILE B 31 -0.46 38.25 -18.05
CA ILE B 31 0.39 37.70 -19.09
C ILE B 31 -0.01 36.22 -19.24
N GLU B 32 -0.04 35.73 -20.47
CA GLU B 32 -0.49 34.37 -20.76
C GLU B 32 0.46 33.79 -21.81
N ASN B 33 1.08 32.61 -21.56
CA ASN B 33 2.06 32.06 -22.50
C ASN B 33 1.46 31.31 -23.68
N ARG B 34 0.13 31.11 -23.70
CA ARG B 34 -0.54 30.49 -24.83
C ARG B 34 -1.29 31.59 -25.61
N THR B 35 -1.76 31.28 -26.84
CA THR B 35 -2.53 32.26 -27.61
C THR B 35 -3.98 32.32 -27.06
N ARG B 36 -4.72 33.39 -27.40
CA ARG B 36 -6.13 33.53 -27.05
C ARG B 36 -6.94 32.36 -27.63
N GLU B 37 -6.62 31.97 -28.88
CA GLU B 37 -7.27 30.84 -29.54
C GLU B 37 -7.09 29.54 -28.73
N GLU B 38 -5.88 29.31 -28.22
CA GLU B 38 -5.58 28.11 -27.44
C GLU B 38 -6.38 28.08 -26.15
N ILE B 39 -6.38 29.20 -25.38
CA ILE B 39 -7.09 29.21 -24.11
C ILE B 39 -8.61 29.14 -24.32
N GLU B 40 -9.13 29.75 -25.41
CA GLU B 40 -10.57 29.69 -25.67
C GLU B 40 -10.99 28.35 -26.36
N GLY B 41 -10.02 27.48 -26.70
CA GLY B 41 -10.28 26.19 -27.33
C GLY B 41 -10.23 25.01 -26.37
N THR B 42 -10.04 25.30 -25.09
CA THR B 42 -9.96 24.34 -24.00
C THR B 42 -11.11 23.38 -23.97
N ILE B 43 -10.79 22.10 -23.96
CA ILE B 43 -11.80 21.06 -23.76
C ILE B 43 -11.38 20.49 -22.40
N ARG B 44 -12.10 20.87 -21.34
CA ARG B 44 -11.71 20.44 -20.00
C ARG B 44 -12.94 20.38 -19.04
N ALA B 45 -13.08 21.28 -18.05
CA ALA B 45 -14.18 21.32 -17.07
C ALA B 45 -15.55 21.53 -17.70
N GLY B 46 -16.56 21.01 -17.05
CA GLY B 46 -17.93 21.16 -17.52
C GLY B 46 -18.93 21.55 -16.45
N VAL B 47 -18.60 21.43 -15.15
CA VAL B 47 -19.53 21.62 -14.05
C VAL B 47 -19.15 22.75 -13.07
N LEU B 48 -20.07 23.66 -12.84
CA LEU B 48 -19.87 24.78 -11.92
C LEU B 48 -20.60 24.60 -10.59
N GLU B 49 -19.92 24.92 -9.50
CA GLU B 49 -20.54 24.91 -8.18
C GLU B 49 -21.49 26.12 -8.07
N GLN B 50 -22.47 26.05 -7.13
CA GLN B 50 -23.40 27.16 -6.93
C GLN B 50 -22.67 28.45 -6.58
N GLY B 51 -21.59 28.35 -5.79
CA GLY B 51 -20.79 29.51 -5.42
C GLY B 51 -20.11 30.19 -6.60
N THR B 52 -19.69 29.41 -7.60
CA THR B 52 -19.06 29.95 -8.81
C THR B 52 -20.11 30.63 -9.69
N VAL B 53 -21.31 30.03 -9.79
CA VAL B 53 -22.42 30.64 -10.53
C VAL B 53 -22.78 32.00 -9.87
N ASP B 54 -22.92 32.00 -8.54
CA ASP B 54 -23.22 33.21 -7.79
C ASP B 54 -22.14 34.27 -8.02
N LEU B 55 -20.86 33.86 -8.03
CA LEU B 55 -19.75 34.77 -8.25
C LEU B 55 -19.83 35.42 -9.64
N MET B 56 -20.05 34.63 -10.70
CA MET B 56 -20.17 35.17 -12.06
C MET B 56 -21.31 36.19 -12.13
N ASN B 57 -22.44 35.91 -11.48
CA ASN B 57 -23.56 36.85 -11.45
C ASN B 57 -23.25 38.11 -10.61
N GLN B 58 -22.62 37.95 -9.45
CA GLN B 58 -22.18 39.05 -8.57
C GLN B 58 -21.26 40.01 -9.33
N MET B 59 -20.39 39.45 -10.17
CA MET B 59 -19.42 40.22 -10.99
C MET B 59 -20.00 40.85 -12.25
N GLY B 60 -21.26 40.60 -12.57
CA GLY B 60 -21.91 41.17 -13.74
C GLY B 60 -21.49 40.53 -15.05
N VAL B 61 -20.95 39.31 -14.99
CA VAL B 61 -20.46 38.57 -16.18
C VAL B 61 -21.15 37.23 -16.38
N GLY B 62 -22.31 37.03 -15.74
CA GLY B 62 -22.99 35.75 -15.80
C GLY B 62 -24.18 35.61 -16.71
N ALA B 63 -24.52 36.64 -17.49
CA ALA B 63 -25.72 36.59 -18.34
C ALA B 63 -25.72 35.39 -19.32
N ARG B 64 -24.62 35.17 -20.06
CA ARG B 64 -24.58 34.09 -21.03
C ARG B 64 -24.59 32.74 -20.34
N MET B 65 -23.89 32.61 -19.20
CA MET B 65 -23.88 31.40 -18.38
C MET B 65 -25.32 31.06 -17.98
N MET B 66 -26.10 32.07 -17.59
CA MET B 66 -27.46 31.84 -17.13
C MET B 66 -28.44 31.52 -18.26
N LYS B 67 -28.16 31.96 -19.48
CA LYS B 67 -29.03 31.73 -20.65
C LYS B 67 -28.66 30.41 -21.36
N GLU B 68 -27.36 30.14 -21.50
CA GLU B 68 -26.86 29.01 -22.25
C GLU B 68 -26.40 27.81 -21.45
N GLY B 69 -26.14 28.01 -20.16
CA GLY B 69 -25.77 26.92 -19.27
C GLY B 69 -26.91 25.92 -19.11
N HIS B 70 -26.58 24.70 -18.70
CA HIS B 70 -27.59 23.67 -18.53
C HIS B 70 -27.78 23.46 -17.06
N PHE B 71 -29.04 23.57 -16.63
CA PHE B 71 -29.35 23.46 -15.22
C PHE B 71 -30.09 22.17 -14.94
N HIS B 72 -29.40 21.21 -14.33
CA HIS B 72 -29.97 19.91 -14.04
C HIS B 72 -30.38 19.80 -12.56
N GLU B 73 -31.50 19.09 -12.29
CA GLU B 73 -31.95 18.91 -10.92
C GLU B 73 -31.14 17.86 -10.13
N GLY B 74 -30.38 17.02 -10.82
CA GLY B 74 -29.57 16.02 -10.16
C GLY B 74 -28.61 15.30 -11.08
N PHE B 75 -28.09 14.18 -10.57
CA PHE B 75 -27.17 13.34 -11.32
C PHE B 75 -27.37 11.88 -10.87
N GLU B 76 -26.80 10.93 -11.60
CA GLU B 76 -27.00 9.53 -11.28
C GLU B 76 -25.72 8.81 -10.88
N LEU B 77 -25.83 7.94 -9.87
CA LEU B 77 -24.73 7.03 -9.52
C LEU B 77 -25.24 5.67 -9.98
N ARG B 78 -24.51 5.03 -10.88
CA ARG B 78 -24.90 3.74 -11.45
C ARG B 78 -23.90 2.67 -11.01
N PHE B 79 -24.41 1.59 -10.43
CA PHE B 79 -23.56 0.52 -9.94
C PHE B 79 -24.41 -0.73 -9.76
N ASN B 80 -23.78 -1.91 -9.86
CA ASN B 80 -24.49 -3.19 -9.76
C ASN B 80 -25.66 -3.27 -10.77
N GLY B 81 -25.46 -2.69 -11.95
CA GLY B 81 -26.44 -2.66 -13.02
C GLY B 81 -27.71 -1.86 -12.77
N ARG B 82 -27.68 -0.85 -11.88
CA ARG B 82 -28.88 -0.04 -11.61
C ARG B 82 -28.50 1.40 -11.38
N GLY B 83 -29.31 2.31 -11.92
CA GLY B 83 -29.12 3.74 -11.72
C GLY B 83 -29.82 4.21 -10.47
N HIS B 84 -29.16 5.12 -9.72
CA HIS B 84 -29.67 5.70 -8.49
C HIS B 84 -29.54 7.20 -8.57
N ARG B 85 -30.67 7.89 -8.59
CA ARG B 85 -30.66 9.35 -8.74
C ARG B 85 -30.40 10.08 -7.43
N ILE B 86 -29.53 11.10 -7.49
CA ILE B 86 -29.24 12.02 -6.38
C ILE B 86 -29.97 13.29 -6.78
N ASN B 87 -31.14 13.56 -6.20
CA ASN B 87 -31.93 14.75 -6.56
C ASN B 87 -31.41 15.96 -5.82
N VAL B 88 -30.35 16.57 -6.37
CA VAL B 88 -29.68 17.77 -5.81
C VAL B 88 -30.67 18.90 -5.54
N HIS B 89 -31.55 19.18 -6.49
CA HIS B 89 -32.54 20.26 -6.39
C HIS B 89 -33.44 20.09 -5.17
N GLU B 90 -33.93 18.87 -4.94
CA GLU B 90 -34.77 18.60 -3.80
C GLU B 90 -33.96 18.62 -2.49
N LEU B 91 -32.82 17.94 -2.46
CA LEU B 91 -31.99 17.83 -1.26
C LEU B 91 -31.35 19.13 -0.77
N THR B 92 -31.10 20.10 -1.66
CA THR B 92 -30.44 21.36 -1.29
C THR B 92 -31.39 22.56 -1.16
N GLY B 93 -32.68 22.35 -1.29
CA GLY B 93 -33.65 23.43 -1.19
C GLY B 93 -33.70 24.33 -2.41
N GLY B 94 -33.52 23.77 -3.60
CA GLY B 94 -33.66 24.54 -4.82
C GLY B 94 -32.45 24.81 -5.69
N LYS B 95 -31.26 24.27 -5.34
CA LYS B 95 -30.07 24.51 -6.17
C LYS B 95 -30.03 23.54 -7.37
N TYR B 96 -29.19 23.82 -8.36
CA TYR B 96 -29.07 22.98 -9.54
C TYR B 96 -27.62 22.59 -9.76
N VAL B 97 -27.39 21.50 -10.52
CA VAL B 97 -26.07 21.14 -10.99
C VAL B 97 -25.96 21.99 -12.28
N THR B 98 -24.98 22.88 -12.36
CA THR B 98 -24.86 23.78 -13.52
C THR B 98 -23.74 23.37 -14.43
N VAL B 99 -24.05 23.04 -15.67
CA VAL B 99 -23.07 22.67 -16.66
C VAL B 99 -22.84 23.83 -17.65
N TYR B 100 -21.64 24.40 -17.66
CA TYR B 100 -21.29 25.49 -18.55
C TYR B 100 -19.79 25.34 -18.80
N ALA B 101 -19.42 24.84 -20.01
CA ALA B 101 -18.04 24.48 -20.35
C ALA B 101 -16.99 25.51 -20.00
N GLN B 102 -15.80 25.02 -19.60
CA GLN B 102 -14.68 25.89 -19.22
C GLN B 102 -14.34 26.90 -20.30
N HIS B 103 -14.34 26.47 -21.58
CA HIS B 103 -14.03 27.43 -22.66
C HIS B 103 -15.05 28.59 -22.71
N GLU B 104 -16.32 28.36 -22.36
CA GLU B 104 -17.33 29.41 -22.33
C GLU B 104 -16.99 30.44 -21.25
N VAL B 105 -16.60 29.95 -20.07
CA VAL B 105 -16.24 30.81 -18.93
C VAL B 105 -15.02 31.66 -19.31
N ILE B 106 -14.01 31.02 -19.93
CA ILE B 106 -12.82 31.71 -20.39
C ILE B 106 -13.18 32.76 -21.45
N LYS B 107 -13.98 32.41 -22.48
CA LYS B 107 -14.38 33.39 -23.49
C LYS B 107 -15.11 34.59 -22.85
N ASP B 108 -16.09 34.33 -21.96
CA ASP B 108 -16.83 35.40 -21.31
C ASP B 108 -15.93 36.31 -20.51
N LEU B 109 -14.99 35.75 -19.73
CA LEU B 109 -14.10 36.58 -18.90
C LEU B 109 -13.08 37.36 -19.71
N VAL B 110 -12.49 36.75 -20.77
CA VAL B 110 -11.57 37.48 -21.66
C VAL B 110 -12.31 38.68 -22.29
N ALA B 111 -13.51 38.41 -22.84
CA ALA B 111 -14.33 39.47 -23.45
C ALA B 111 -14.68 40.59 -22.47
N ALA B 112 -15.12 40.25 -21.26
CA ALA B 112 -15.46 41.25 -20.24
C ALA B 112 -14.21 42.06 -19.87
N ARG B 113 -13.06 41.38 -19.69
CA ARG B 113 -11.83 42.09 -19.36
C ARG B 113 -11.40 43.05 -20.48
N LEU B 114 -11.40 42.59 -21.75
CA LEU B 114 -11.01 43.46 -22.85
C LEU B 114 -11.95 44.63 -23.04
N GLN B 115 -13.24 44.42 -22.82
CA GLN B 115 -14.26 45.47 -22.94
C GLN B 115 -14.16 46.51 -21.83
N THR B 116 -13.58 46.17 -20.69
CA THR B 116 -13.47 47.10 -19.57
C THR B 116 -12.06 47.70 -19.44
N GLY B 117 -11.29 47.73 -20.52
CA GLY B 117 -9.96 48.30 -20.56
C GLY B 117 -8.84 47.44 -19.99
N GLY B 118 -9.12 46.16 -19.79
CA GLY B 118 -8.15 45.22 -19.23
C GLY B 118 -6.96 44.98 -20.13
N GLN B 119 -5.79 44.78 -19.51
CA GLN B 119 -4.53 44.54 -20.23
C GLN B 119 -4.17 43.08 -20.14
N ILE B 120 -4.19 42.38 -21.28
CA ILE B 120 -3.81 40.96 -21.38
C ILE B 120 -2.80 40.77 -22.52
N HIS B 121 -1.64 40.16 -22.23
CA HIS B 121 -0.63 39.86 -23.24
C HIS B 121 -0.69 38.36 -23.50
N PHE B 122 -1.00 37.95 -24.73
CA PHE B 122 -1.04 36.55 -25.10
C PHE B 122 0.29 36.12 -25.78
N ASN B 123 0.54 34.81 -25.77
CA ASN B 123 1.71 34.21 -26.42
C ASN B 123 3.03 34.69 -25.86
N VAL B 124 3.09 35.04 -24.57
CA VAL B 124 4.36 35.46 -23.96
C VAL B 124 5.30 34.27 -23.77
N GLY B 125 6.59 34.56 -23.66
CA GLY B 125 7.60 33.53 -23.42
C GLY B 125 8.61 34.00 -22.40
N ASP B 126 9.51 33.08 -21.97
CA ASP B 126 10.63 33.42 -21.07
C ASP B 126 10.18 34.23 -19.83
N VAL B 127 9.17 33.69 -19.12
CA VAL B 127 8.62 34.38 -17.97
C VAL B 127 9.44 34.13 -16.71
N SER B 128 9.68 35.19 -15.92
CA SER B 128 10.40 35.03 -14.66
C SER B 128 9.88 35.97 -13.60
N LEU B 129 10.03 35.59 -12.33
CA LEU B 129 9.58 36.38 -11.20
C LEU B 129 10.80 36.87 -10.45
N HIS B 130 10.74 38.10 -9.95
CA HIS B 130 11.90 38.67 -9.25
C HIS B 130 11.49 39.50 -8.06
N ASP B 131 12.38 39.52 -7.04
CA ASP B 131 12.21 40.33 -5.82
C ASP B 131 10.83 40.15 -5.18
N VAL B 132 10.34 38.90 -5.14
CA VAL B 132 9.02 38.64 -4.55
C VAL B 132 9.02 38.88 -3.04
N ASP B 133 10.19 38.75 -2.38
CA ASP B 133 10.37 38.97 -0.94
C ASP B 133 10.60 40.46 -0.61
N THR B 134 10.20 41.38 -1.51
CA THR B 134 10.38 42.82 -1.31
C THR B 134 9.02 43.54 -1.56
N SER B 135 8.93 44.83 -1.24
CA SER B 135 7.73 45.60 -1.53
C SER B 135 7.63 45.98 -3.03
N SER B 136 8.64 45.63 -3.87
CA SER B 136 8.58 45.92 -5.29
C SER B 136 8.86 44.67 -6.16
N PRO B 137 7.95 43.68 -6.14
CA PRO B 137 8.15 42.50 -7.00
C PRO B 137 8.07 42.86 -8.47
N LYS B 138 8.71 42.05 -9.33
CA LYS B 138 8.73 42.32 -10.77
C LYS B 138 8.46 41.04 -11.55
N ILE B 139 7.76 41.17 -12.68
CA ILE B 139 7.57 40.05 -13.60
C ILE B 139 8.33 40.40 -14.89
N ARG B 140 9.14 39.48 -15.42
CA ARG B 140 9.81 39.72 -16.69
C ARG B 140 9.30 38.71 -17.72
N PHE B 141 9.16 39.11 -18.95
CA PHE B 141 8.62 38.24 -20.00
C PHE B 141 8.97 38.78 -21.39
N ARG B 142 8.81 37.94 -22.43
CA ARG B 142 9.05 38.39 -23.79
C ARG B 142 7.75 38.28 -24.55
N PRO B 143 7.28 39.37 -25.17
CA PRO B 143 6.05 39.29 -25.95
C PRO B 143 6.27 38.43 -27.20
N ASN B 144 5.25 37.66 -27.58
CA ASN B 144 5.29 36.79 -28.73
C ASN B 144 6.44 35.76 -28.74
N LYS B 145 6.72 35.15 -27.57
CA LYS B 145 7.65 34.03 -27.25
C LYS B 145 9.14 34.39 -27.05
N ASP B 146 9.74 35.04 -28.04
CA ASP B 146 11.17 35.36 -27.97
C ASP B 146 11.46 36.84 -28.29
N GLY B 147 10.48 37.72 -28.11
CA GLY B 147 10.65 39.16 -28.35
C GLY B 147 11.49 39.85 -27.29
N GLU B 148 11.57 41.21 -27.30
CA GLU B 148 12.42 41.94 -26.36
C GLU B 148 11.95 41.85 -24.93
N LEU B 149 12.89 41.62 -24.00
CA LEU B 149 12.55 41.45 -22.60
C LEU B 149 11.83 42.67 -22.02
N GLN B 150 10.65 42.44 -21.47
CA GLN B 150 9.81 43.47 -20.86
C GLN B 150 9.62 43.23 -19.37
N GLU B 151 9.30 44.28 -18.60
CA GLU B 151 9.13 44.15 -17.16
C GLU B 151 7.85 44.79 -16.66
N ILE B 152 7.15 44.10 -15.76
CA ILE B 152 5.97 44.60 -15.08
C ILE B 152 6.41 44.88 -13.64
N GLU B 153 6.33 46.13 -13.23
CA GLU B 153 6.63 46.53 -11.87
C GLU B 153 5.30 46.54 -11.16
N CYS B 154 5.16 45.82 -10.05
CA CYS B 154 3.87 45.75 -9.36
C CYS B 154 4.03 45.70 -7.84
N ASP B 155 2.93 45.73 -7.09
CA ASP B 155 2.99 45.62 -5.63
C ASP B 155 2.82 44.13 -5.22
N PHE B 156 2.06 43.36 -6.02
CA PHE B 156 1.80 41.96 -5.76
C PHE B 156 1.85 41.17 -7.05
N ILE B 157 2.29 39.92 -6.97
CA ILE B 157 2.23 39.02 -8.11
C ILE B 157 1.24 37.93 -7.74
N ALA B 158 0.29 37.67 -8.63
CA ALA B 158 -0.67 36.60 -8.43
C ALA B 158 -0.27 35.50 -9.39
N GLY B 159 0.15 34.37 -8.82
CA GLY B 159 0.53 33.19 -9.57
C GLY B 159 -0.70 32.36 -9.90
N CYS B 160 -1.33 32.64 -11.04
CA CYS B 160 -2.52 31.92 -11.51
C CYS B 160 -2.16 31.12 -12.76
N ASP B 161 -0.98 30.50 -12.75
CA ASP B 161 -0.40 29.92 -13.95
C ASP B 161 -0.42 28.41 -14.05
N GLY B 162 -1.34 27.79 -13.35
CA GLY B 162 -1.51 26.35 -13.47
C GLY B 162 -0.41 25.51 -12.86
N PHE B 163 -0.59 24.20 -12.94
CA PHE B 163 0.31 23.28 -12.28
C PHE B 163 1.77 23.43 -12.69
N ARG B 164 2.04 23.71 -13.97
CA ARG B 164 3.43 23.80 -14.42
C ARG B 164 3.94 25.21 -14.64
N GLY B 165 3.28 26.20 -14.03
CA GLY B 165 3.71 27.58 -14.18
C GLY B 165 4.98 27.89 -13.42
N PRO B 166 5.55 29.08 -13.65
CA PRO B 166 6.80 29.46 -12.96
C PRO B 166 6.60 30.03 -11.55
N SER B 167 5.36 30.31 -11.14
CA SER B 167 5.13 30.94 -9.84
C SER B 167 5.36 30.05 -8.65
N ARG B 168 4.88 28.79 -8.68
CA ARG B 168 5.10 27.91 -7.52
C ARG B 168 6.60 27.71 -7.19
N PRO B 169 7.50 27.48 -8.19
CA PRO B 169 8.93 27.35 -7.86
C PRO B 169 9.53 28.60 -7.22
N ALA B 170 8.88 29.78 -7.40
CA ALA B 170 9.35 31.01 -6.78
C ALA B 170 9.13 31.04 -5.26
N ILE B 171 8.37 30.07 -4.70
CA ILE B 171 8.24 29.93 -3.26
C ILE B 171 9.36 28.93 -2.94
N PRO B 172 10.37 29.35 -2.18
CA PRO B 172 11.51 28.45 -1.93
C PRO B 172 11.12 27.10 -1.32
N GLN B 173 11.82 26.02 -1.75
CA GLN B 173 11.57 24.68 -1.22
C GLN B 173 11.74 24.62 0.31
N SER B 174 12.64 25.42 0.86
CA SER B 174 12.88 25.46 2.31
C SER B 174 11.72 26.07 3.13
N VAL B 175 10.72 26.64 2.46
CA VAL B 175 9.57 27.28 3.11
C VAL B 175 8.26 26.49 2.87
N ARG B 176 8.19 25.72 1.80
CA ARG B 176 6.95 25.02 1.48
C ARG B 176 7.01 23.51 1.75
N LYS B 177 5.81 22.94 1.87
CA LYS B 177 5.51 21.54 2.11
CA LYS B 177 5.58 21.53 2.05
C LYS B 177 4.54 21.15 1.00
N GLU B 178 4.80 20.04 0.32
CA GLU B 178 3.90 19.52 -0.69
C GLU B 178 3.31 18.18 -0.26
N TYR B 179 2.08 17.95 -0.68
CA TYR B 179 1.29 16.77 -0.37
C TYR B 179 0.80 16.23 -1.70
N GLN B 180 0.84 14.92 -1.92
CA GLN B 180 0.38 14.38 -3.20
CA GLN B 180 0.34 14.39 -3.20
C GLN B 180 -0.17 12.96 -3.12
N LYS B 181 -0.94 12.57 -4.13
CA LYS B 181 -1.42 11.22 -4.30
C LYS B 181 -1.36 10.97 -5.80
N VAL B 182 -0.86 9.79 -6.17
CA VAL B 182 -0.74 9.31 -7.55
C VAL B 182 -1.82 8.27 -7.75
N TYR B 183 -2.64 8.40 -8.80
CA TYR B 183 -3.70 7.42 -9.08
C TYR B 183 -3.26 6.48 -10.20
N PRO B 184 -3.58 5.18 -10.10
CA PRO B 184 -3.11 4.23 -11.13
C PRO B 184 -3.86 4.28 -12.46
N PHE B 185 -4.89 5.12 -12.51
CA PHE B 185 -5.77 5.23 -13.66
C PHE B 185 -5.84 6.67 -14.13
N SER B 186 -6.23 6.82 -15.38
CA SER B 186 -6.42 8.10 -16.05
C SER B 186 -7.82 8.02 -16.70
N TRP B 187 -8.23 9.10 -17.37
CA TRP B 187 -9.47 9.08 -18.10
C TRP B 187 -9.15 9.14 -19.59
N LEU B 188 -9.94 8.45 -20.40
CA LEU B 188 -9.94 8.63 -21.83
C LEU B 188 -11.24 9.44 -22.05
N GLY B 189 -11.10 10.70 -22.43
CA GLY B 189 -12.22 11.58 -22.69
C GLY B 189 -12.48 11.70 -24.17
N ILE B 190 -13.75 11.71 -24.57
CA ILE B 190 -14.15 11.83 -25.98
C ILE B 190 -15.31 12.85 -26.08
N LEU B 191 -15.50 13.39 -27.28
CA LEU B 191 -16.63 14.22 -27.62
C LEU B 191 -17.40 13.38 -28.64
N VAL B 192 -18.72 13.22 -28.50
CA VAL B 192 -19.50 12.45 -29.46
C VAL B 192 -20.57 13.34 -30.08
N GLU B 193 -20.64 13.36 -31.40
CA GLU B 193 -21.68 14.14 -32.08
C GLU B 193 -22.90 13.22 -32.11
N ALA B 194 -23.76 13.36 -31.11
CA ALA B 194 -24.96 12.52 -30.96
C ALA B 194 -25.93 13.18 -29.98
N PRO B 195 -27.23 12.83 -30.00
CA PRO B 195 -28.14 13.35 -28.97
C PRO B 195 -27.82 12.74 -27.61
N PRO B 196 -28.31 13.34 -26.52
CA PRO B 196 -27.99 12.80 -25.20
C PRO B 196 -28.69 11.48 -24.89
N SER B 197 -27.95 10.52 -24.30
CA SER B 197 -28.57 9.24 -23.91
C SER B 197 -29.48 9.39 -22.67
N ALA B 198 -29.25 10.42 -21.85
CA ALA B 198 -30.00 10.74 -20.64
C ALA B 198 -30.00 12.28 -20.42
N HIS B 199 -30.90 12.84 -19.58
CA HIS B 199 -30.88 14.28 -19.36
C HIS B 199 -29.85 14.70 -18.32
N GLU B 200 -29.47 13.80 -17.40
CA GLU B 200 -28.52 14.14 -16.36
C GLU B 200 -27.22 13.33 -16.43
N LEU B 201 -26.17 13.81 -15.78
CA LEU B 201 -24.87 13.14 -15.74
C LEU B 201 -25.00 11.73 -15.14
N ILE B 202 -24.23 10.77 -15.64
CA ILE B 202 -24.22 9.42 -15.09
C ILE B 202 -22.79 9.08 -14.68
N TYR B 203 -22.55 8.79 -13.40
CA TYR B 203 -21.24 8.36 -12.87
C TYR B 203 -21.41 6.86 -12.64
N ALA B 204 -20.73 6.02 -13.41
CA ALA B 204 -20.92 4.58 -13.30
C ALA B 204 -19.72 3.80 -12.79
N ASN B 205 -19.94 2.93 -11.80
CA ASN B 205 -18.91 2.04 -11.32
C ASN B 205 -19.30 0.67 -11.88
N HIS B 206 -18.37 0.01 -12.54
CA HIS B 206 -18.59 -1.32 -13.10
C HIS B 206 -17.38 -2.19 -12.75
N GLU B 207 -17.56 -3.53 -12.79
CA GLU B 207 -16.45 -4.47 -12.53
C GLU B 207 -15.27 -4.20 -13.49
N ARG B 208 -15.55 -3.78 -14.72
CA ARG B 208 -14.52 -3.47 -15.72
C ARG B 208 -13.86 -2.08 -15.58
N GLY B 209 -14.45 -1.21 -14.78
CA GLY B 209 -13.95 0.15 -14.57
C GLY B 209 -15.03 1.20 -14.62
N PHE B 210 -14.63 2.45 -14.38
CA PHE B 210 -15.54 3.59 -14.34
C PHE B 210 -15.89 4.15 -15.73
N ALA B 211 -17.06 4.76 -15.84
CA ALA B 211 -17.49 5.49 -17.04
C ALA B 211 -18.33 6.69 -16.61
N LEU B 212 -18.24 7.78 -17.34
CA LEU B 212 -18.98 9.01 -17.04
C LEU B 212 -19.65 9.53 -18.32
N VAL B 213 -20.95 9.80 -18.26
CA VAL B 213 -21.69 10.33 -19.40
C VAL B 213 -22.06 11.76 -19.05
N SER B 214 -21.47 12.72 -19.72
CA SER B 214 -21.77 14.13 -19.53
C SER B 214 -22.27 14.75 -20.86
N THR B 215 -22.48 16.08 -20.90
CA THR B 215 -23.02 16.72 -22.10
C THR B 215 -22.43 18.13 -22.28
N ARG B 216 -22.58 18.68 -23.49
CA ARG B 216 -22.12 20.03 -23.79
C ARG B 216 -23.27 20.81 -24.42
N SER B 217 -23.94 20.21 -25.39
CA SER B 217 -25.03 20.84 -26.13
C SER B 217 -25.99 19.73 -26.64
N PRO B 218 -27.13 20.03 -27.32
CA PRO B 218 -28.05 18.93 -27.74
C PRO B 218 -27.44 17.93 -28.72
N GLN B 219 -26.38 18.36 -29.43
CA GLN B 219 -25.73 17.54 -30.44
C GLN B 219 -24.31 17.13 -30.04
N ILE B 220 -23.76 17.67 -28.95
CA ILE B 220 -22.41 17.32 -28.52
C ILE B 220 -22.46 16.75 -27.12
N GLN B 221 -22.00 15.52 -26.98
CA GLN B 221 -21.93 14.85 -25.68
C GLN B 221 -20.45 14.65 -25.28
N ARG B 222 -20.19 14.58 -23.98
CA ARG B 222 -18.85 14.42 -23.46
C ARG B 222 -18.86 13.12 -22.64
N LEU B 223 -18.02 12.13 -22.99
CA LEU B 223 -17.98 10.85 -22.25
C LEU B 223 -16.55 10.51 -21.81
N TYR B 224 -16.42 9.76 -20.71
CA TYR B 224 -15.11 9.37 -20.23
C TYR B 224 -15.08 7.90 -19.81
N LEU B 225 -13.92 7.26 -19.97
CA LEU B 225 -13.72 5.88 -19.56
C LEU B 225 -12.49 5.85 -18.67
N GLN B 226 -12.51 5.07 -17.58
CA GLN B 226 -11.28 4.88 -16.79
C GLN B 226 -10.37 3.97 -17.64
N VAL B 227 -9.09 4.30 -17.73
CA VAL B 227 -8.08 3.51 -18.45
C VAL B 227 -6.82 3.45 -17.60
N ASP B 228 -5.91 2.50 -17.87
CA ASP B 228 -4.60 2.44 -17.19
C ASP B 228 -3.84 3.75 -17.48
N ALA B 229 -3.15 4.31 -16.46
CA ALA B 229 -2.46 5.60 -16.62
C ALA B 229 -1.41 5.66 -17.75
N GLN B 230 -0.87 4.53 -18.17
CA GLN B 230 0.11 4.50 -19.26
C GLN B 230 -0.51 4.31 -20.64
N ASP B 231 -1.84 4.14 -20.72
CA ASP B 231 -2.50 3.95 -22.01
C ASP B 231 -2.38 5.17 -22.89
N HIS B 232 -2.38 4.96 -24.21
CA HIS B 232 -2.37 6.00 -25.23
C HIS B 232 -3.65 5.89 -26.04
N ILE B 233 -4.05 6.97 -26.71
CA ILE B 233 -5.25 6.96 -27.52
C ILE B 233 -5.16 5.94 -28.68
N ASP B 234 -3.93 5.59 -29.15
CA ASP B 234 -3.81 4.59 -30.23
C ASP B 234 -4.10 3.14 -29.76
N ASN B 235 -4.19 2.92 -28.45
CA ASN B 235 -4.61 1.62 -27.90
C ASN B 235 -6.17 1.53 -27.85
N TRP B 236 -6.88 2.62 -28.17
CA TRP B 236 -8.32 2.70 -28.08
C TRP B 236 -9.00 3.07 -29.36
N SER B 237 -9.34 2.07 -30.17
CA SER B 237 -10.08 2.30 -31.40
C SER B 237 -11.51 2.73 -31.05
N ASP B 238 -12.25 3.26 -32.02
CA ASP B 238 -13.64 3.66 -31.78
C ASP B 238 -14.47 2.46 -31.34
N ASP B 239 -14.22 1.29 -31.95
CA ASP B 239 -14.91 0.05 -31.60
C ASP B 239 -14.65 -0.36 -30.16
N ARG B 240 -13.40 -0.27 -29.71
CA ARG B 240 -13.06 -0.64 -28.34
C ARG B 240 -13.69 0.34 -27.34
N ILE B 241 -13.73 1.63 -27.69
CA ILE B 241 -14.33 2.65 -26.83
C ILE B 241 -15.84 2.37 -26.65
N TRP B 242 -16.57 2.16 -27.76
CA TRP B 242 -18.00 1.89 -27.66
C TRP B 242 -18.31 0.59 -26.94
N SER B 243 -17.53 -0.47 -27.20
CA SER B 243 -17.75 -1.76 -26.55
C SER B 243 -17.60 -1.64 -25.05
N GLU B 244 -16.58 -0.91 -24.62
CA GLU B 244 -16.30 -0.72 -23.22
C GLU B 244 -17.35 0.18 -22.56
N LEU B 245 -17.79 1.24 -23.25
CA LEU B 245 -18.81 2.13 -22.71
C LEU B 245 -20.15 1.37 -22.56
N HIS B 246 -20.53 0.58 -23.58
CA HIS B 246 -21.77 -0.20 -23.51
C HIS B 246 -21.70 -1.20 -22.33
N ALA B 247 -20.55 -1.88 -22.17
CA ALA B 247 -20.38 -2.85 -21.11
C ALA B 247 -20.45 -2.20 -19.72
N ARG B 248 -19.74 -1.09 -19.51
CA ARG B 248 -19.70 -0.46 -18.20
C ARG B 248 -20.98 0.27 -17.81
N LEU B 249 -21.73 0.77 -18.82
CA LEU B 249 -22.99 1.49 -18.58
C LEU B 249 -24.23 0.60 -18.57
N GLU B 250 -24.06 -0.71 -18.81
CA GLU B 250 -25.17 -1.66 -18.84
C GLU B 250 -26.01 -1.66 -17.57
N THR B 251 -27.32 -1.74 -17.72
CA THR B 251 -28.27 -1.83 -16.60
C THR B 251 -29.18 -3.04 -16.80
N ARG B 252 -29.79 -3.52 -15.72
CA ARG B 252 -30.74 -4.62 -15.80
C ARG B 252 -31.96 -4.22 -16.65
N ASP B 253 -32.40 -2.95 -16.56
CA ASP B 253 -33.57 -2.51 -17.36
C ASP B 253 -33.24 -2.15 -18.83
N GLY B 254 -32.00 -2.36 -19.26
CA GLY B 254 -31.57 -2.12 -20.64
C GLY B 254 -31.34 -0.70 -21.10
N PHE B 255 -30.26 -0.08 -20.64
CA PHE B 255 -29.90 1.29 -21.04
C PHE B 255 -29.47 1.36 -22.51
N LYS B 256 -29.91 2.41 -23.22
CA LYS B 256 -29.56 2.59 -24.62
C LYS B 256 -28.55 3.70 -24.77
N LEU B 257 -27.28 3.35 -25.03
CA LEU B 257 -26.23 4.33 -25.22
C LEU B 257 -26.26 4.75 -26.68
N LEU B 258 -26.58 6.03 -26.92
CA LEU B 258 -26.71 6.57 -28.28
C LEU B 258 -25.34 6.90 -28.86
N GLU B 259 -24.97 6.21 -29.95
CA GLU B 259 -23.68 6.40 -30.59
C GLU B 259 -23.73 7.45 -31.72
N GLY B 260 -22.57 8.02 -31.98
CA GLY B 260 -22.31 8.94 -33.07
C GLY B 260 -20.81 9.04 -33.30
N PRO B 261 -20.37 9.87 -34.24
CA PRO B 261 -18.93 10.02 -34.47
C PRO B 261 -18.18 10.48 -33.24
N ILE B 262 -17.03 9.83 -32.96
CA ILE B 262 -16.18 10.19 -31.81
C ILE B 262 -15.16 11.20 -32.29
N PHE B 263 -14.94 12.23 -31.49
CA PHE B 263 -14.01 13.32 -31.72
C PHE B 263 -13.18 13.63 -30.49
N GLN B 264 -12.03 14.29 -30.69
CA GLN B 264 -11.17 14.76 -29.63
C GLN B 264 -10.83 13.72 -28.58
N LYS B 265 -10.60 12.44 -29.02
CA LYS B 265 -10.25 11.45 -28.01
C LYS B 265 -8.87 11.75 -27.46
N GLY B 266 -8.79 11.76 -26.14
CA GLY B 266 -7.56 12.12 -25.45
C GLY B 266 -7.48 11.52 -24.06
N ILE B 267 -6.26 11.26 -23.59
CA ILE B 267 -6.10 10.69 -22.26
C ILE B 267 -5.61 11.75 -21.31
N VAL B 268 -6.31 11.89 -20.18
CA VAL B 268 -5.96 12.90 -19.22
C VAL B 268 -5.65 12.28 -17.89
N SER B 269 -4.45 12.59 -17.40
CA SER B 269 -4.00 12.04 -16.13
C SER B 269 -4.68 12.76 -14.99
N MET B 270 -4.61 12.17 -13.82
CA MET B 270 -5.17 12.79 -12.64
C MET B 270 -4.27 12.62 -11.45
N ARG B 271 -4.39 13.52 -10.50
CA ARG B 271 -3.57 13.50 -9.30
C ARG B 271 -4.23 14.39 -8.24
N SER B 272 -3.75 14.27 -7.02
CA SER B 272 -4.11 15.14 -5.93
C SER B 272 -2.79 15.80 -5.55
N PHE B 273 -2.83 17.09 -5.29
CA PHE B 273 -1.63 17.85 -4.92
C PHE B 273 -2.04 19.05 -4.09
N VAL B 274 -1.29 19.36 -3.01
CA VAL B 274 -1.51 20.55 -2.21
C VAL B 274 -0.16 21.15 -1.88
N CYS B 275 0.00 22.48 -2.08
CA CYS B 275 1.22 23.20 -1.70
C CYS B 275 0.87 24.10 -0.53
N ASP B 276 1.67 24.09 0.52
CA ASP B 276 1.45 24.91 1.71
C ASP B 276 2.79 25.50 2.10
N PRO B 277 2.94 26.84 2.11
CA PRO B 277 1.90 27.85 1.91
C PRO B 277 1.58 28.17 0.47
N MET B 278 0.58 29.03 0.27
CA MET B 278 0.24 29.51 -1.06
C MET B 278 0.70 30.95 -1.25
N GLN B 279 1.69 31.42 -0.48
CA GLN B 279 2.18 32.77 -0.57
C GLN B 279 3.61 32.84 -0.02
N HIS B 280 4.34 33.85 -0.49
CA HIS B 280 5.71 34.07 -0.03
C HIS B 280 5.99 35.53 -0.36
N GLY B 281 6.08 36.36 0.66
CA GLY B 281 6.26 37.81 0.49
C GLY B 281 5.09 38.42 -0.26
N ARG B 282 5.35 39.04 -1.41
CA ARG B 282 4.29 39.64 -2.23
C ARG B 282 3.76 38.70 -3.34
N LEU B 283 4.19 37.44 -3.35
CA LEU B 283 3.71 36.47 -4.33
C LEU B 283 2.57 35.65 -3.71
N PHE B 284 1.42 35.56 -4.40
CA PHE B 284 0.28 34.78 -3.91
C PHE B 284 -0.16 33.81 -4.99
N LEU B 285 -0.29 32.54 -4.68
CA LEU B 285 -0.74 31.54 -5.65
C LEU B 285 -2.26 31.33 -5.56
N ALA B 286 -2.86 30.89 -6.66
CA ALA B 286 -4.28 30.58 -6.68
C ALA B 286 -4.54 29.50 -7.72
N GLY B 287 -5.52 28.65 -7.46
CA GLY B 287 -5.91 27.63 -8.43
C GLY B 287 -4.90 26.50 -8.57
N ASP B 288 -4.84 25.92 -9.78
CA ASP B 288 -3.98 24.77 -10.10
C ASP B 288 -2.47 25.00 -9.82
N ALA B 289 -2.04 26.25 -9.72
CA ALA B 289 -0.68 26.59 -9.35
C ALA B 289 -0.38 26.13 -7.91
N ALA B 290 -1.43 26.13 -7.05
CA ALA B 290 -1.29 25.79 -5.64
C ALA B 290 -1.77 24.38 -5.28
N HIS B 291 -2.74 23.84 -6.03
CA HIS B 291 -3.33 22.54 -5.66
C HIS B 291 -4.03 21.91 -6.87
N ILE B 292 -4.09 20.57 -6.90
CA ILE B 292 -4.77 19.83 -7.94
C ILE B 292 -5.67 18.78 -7.29
N VAL B 293 -6.82 18.51 -7.93
CA VAL B 293 -7.74 17.46 -7.50
C VAL B 293 -8.01 16.56 -8.70
N PRO B 294 -8.30 15.27 -8.46
CA PRO B 294 -8.73 14.40 -9.56
C PRO B 294 -10.15 14.86 -9.99
N PRO B 295 -10.49 14.76 -11.29
CA PRO B 295 -11.69 15.46 -11.80
C PRO B 295 -13.06 14.83 -11.53
N THR B 296 -13.08 13.68 -10.85
CA THR B 296 -14.35 13.03 -10.51
C THR B 296 -15.30 13.96 -9.70
N GLY B 297 -14.73 14.84 -8.87
CA GLY B 297 -15.57 15.71 -8.04
C GLY B 297 -15.95 17.04 -8.65
N ALA B 298 -15.38 17.36 -9.84
CA ALA B 298 -15.61 18.64 -10.55
C ALA B 298 -15.34 19.85 -9.62
N LYS B 299 -14.15 19.91 -9.02
CA LYS B 299 -13.79 20.94 -8.05
C LYS B 299 -12.73 21.94 -8.46
N GLY B 300 -11.87 21.61 -9.41
CA GLY B 300 -10.71 22.42 -9.75
C GLY B 300 -10.99 23.86 -10.12
N LEU B 301 -11.77 24.07 -11.20
CA LEU B 301 -12.15 25.44 -11.57
C LEU B 301 -12.89 26.14 -10.38
N ASN B 302 -13.80 25.42 -9.70
CA ASN B 302 -14.52 25.98 -8.55
C ASN B 302 -13.58 26.42 -7.38
N LEU B 303 -12.52 25.66 -7.12
CA LEU B 303 -11.55 26.00 -6.06
C LEU B 303 -10.71 27.19 -6.51
N ALA B 304 -10.36 27.29 -7.80
CA ALA B 304 -9.62 28.46 -8.30
C ALA B 304 -10.45 29.75 -8.05
N ALA B 305 -11.76 29.67 -8.31
CA ALA B 305 -12.66 30.81 -8.07
C ALA B 305 -12.76 31.15 -6.58
N ALA B 306 -12.75 30.14 -5.71
CA ALA B 306 -12.83 30.39 -4.27
C ALA B 306 -11.50 31.05 -3.80
N ASP B 307 -10.35 30.55 -4.28
CA ASP B 307 -9.06 31.12 -3.89
C ASP B 307 -8.98 32.60 -4.24
N VAL B 308 -9.38 32.96 -5.47
CA VAL B 308 -9.23 34.35 -5.92
C VAL B 308 -10.20 35.30 -5.22
N GLN B 309 -11.35 34.80 -4.72
CA GLN B 309 -12.26 35.65 -3.96
C GLN B 309 -11.58 36.06 -2.64
N VAL B 310 -10.87 35.14 -2.00
CA VAL B 310 -10.17 35.44 -0.75
C VAL B 310 -8.99 36.40 -1.04
N LEU B 311 -8.22 36.12 -2.10
CA LEU B 311 -7.09 36.96 -2.47
C LEU B 311 -7.55 38.38 -2.82
N ALA B 312 -8.62 38.52 -3.60
CA ALA B 312 -9.16 39.84 -3.96
C ALA B 312 -9.60 40.58 -2.71
N ARG B 313 -10.23 39.91 -1.72
CA ARG B 313 -10.65 40.55 -0.50
C ARG B 313 -9.45 41.11 0.28
N GLY B 314 -8.36 40.33 0.33
CA GLY B 314 -7.14 40.75 1.00
C GLY B 314 -6.50 41.95 0.30
N LEU B 315 -6.43 41.90 -1.05
CA LEU B 315 -5.85 42.98 -1.85
C LEU B 315 -6.69 44.26 -1.69
N GLU B 316 -8.02 44.11 -1.65
CA GLU B 316 -8.91 45.25 -1.45
C GLU B 316 -8.70 45.91 -0.08
N ALA B 317 -8.54 45.11 0.98
CA ALA B 317 -8.31 45.65 2.33
C ALA B 317 -6.97 46.38 2.41
N TYR B 318 -5.97 45.91 1.64
CA TYR B 318 -4.67 46.54 1.59
C TYR B 318 -4.75 47.93 0.92
N TYR B 319 -5.36 48.03 -0.26
CA TYR B 319 -5.42 49.30 -0.97
C TYR B 319 -6.38 50.31 -0.34
N LYS B 320 -7.48 49.83 0.26
CA LYS B 320 -8.47 50.71 0.88
C LYS B 320 -8.02 51.22 2.26
N ALA B 321 -7.56 50.32 3.15
CA ALA B 321 -7.20 50.72 4.51
C ALA B 321 -5.78 50.47 4.95
N GLY B 322 -4.94 49.96 4.04
CA GLY B 322 -3.56 49.63 4.38
C GLY B 322 -3.42 48.41 5.28
N LYS B 323 -4.48 47.59 5.39
CA LYS B 323 -4.48 46.43 6.27
C LYS B 323 -3.90 45.18 5.59
N MET B 324 -3.06 44.46 6.33
CA MET B 324 -2.38 43.26 5.83
C MET B 324 -2.95 41.94 6.38
N GLU B 325 -3.77 41.99 7.44
CA GLU B 325 -4.34 40.81 8.09
C GLU B 325 -4.93 39.73 7.16
N ILE B 326 -5.88 40.09 6.28
CA ILE B 326 -6.49 39.13 5.38
C ILE B 326 -5.47 38.52 4.40
N LEU B 327 -4.55 39.35 3.88
CA LEU B 327 -3.50 38.83 3.00
C LEU B 327 -2.60 37.85 3.76
N ASN B 328 -2.22 38.20 4.99
CA ASN B 328 -1.39 37.34 5.85
C ASN B 328 -2.04 35.98 6.08
N ARG B 329 -3.37 35.95 6.20
CA ARG B 329 -4.10 34.72 6.43
C ARG B 329 -4.71 34.10 5.16
N CYS B 330 -4.31 34.57 3.97
CA CYS B 330 -4.85 34.05 2.71
C CYS B 330 -4.68 32.52 2.60
N THR B 331 -3.46 32.02 2.87
CA THR B 331 -3.18 30.58 2.80
C THR B 331 -4.06 29.82 3.79
N GLU B 332 -4.12 30.29 5.04
CA GLU B 332 -4.92 29.68 6.10
C GLU B 332 -6.39 29.52 5.68
N ILE B 333 -7.01 30.60 5.18
CA ILE B 333 -8.41 30.60 4.76
C ILE B 333 -8.63 29.67 3.56
N CYS B 334 -7.80 29.81 2.52
CA CYS B 334 -7.93 28.98 1.32
C CYS B 334 -7.76 27.50 1.63
N LEU B 335 -6.74 27.15 2.43
CA LEU B 335 -6.44 25.75 2.71
C LEU B 335 -7.55 25.00 3.38
N ARG B 336 -8.32 25.67 4.26
CA ARG B 336 -9.41 24.97 4.94
C ARG B 336 -10.44 24.42 3.93
N ARG B 337 -10.76 25.25 2.92
CA ARG B 337 -11.67 24.87 1.83
C ARG B 337 -11.01 23.85 0.90
N ILE B 338 -9.72 24.09 0.55
CA ILE B 338 -8.98 23.17 -0.32
C ILE B 338 -8.94 21.76 0.24
N TRP B 339 -8.62 21.61 1.53
CA TRP B 339 -8.52 20.28 2.12
C TRP B 339 -9.85 19.53 2.10
N LYS B 340 -10.97 20.23 2.33
CA LYS B 340 -12.28 19.59 2.28
C LYS B 340 -12.64 19.17 0.86
N ALA B 341 -12.27 19.97 -0.14
CA ALA B 341 -12.52 19.61 -1.56
C ALA B 341 -11.58 18.48 -1.97
N GLU B 342 -10.35 18.45 -1.45
CA GLU B 342 -9.37 17.37 -1.75
C GLU B 342 -9.97 16.06 -1.21
N ARG B 343 -10.55 16.11 0.00
CA ARG B 343 -11.17 14.95 0.61
C ARG B 343 -12.34 14.47 -0.25
N PHE B 344 -13.22 15.38 -0.66
CA PHE B 344 -14.37 15.02 -1.49
C PHE B 344 -13.94 14.46 -2.82
N SER B 345 -13.00 15.12 -3.50
CA SER B 345 -12.55 14.64 -4.82
C SER B 345 -11.91 13.27 -4.71
N TRP B 346 -11.11 13.05 -3.64
CA TRP B 346 -10.50 11.73 -3.38
C TRP B 346 -11.61 10.70 -3.12
N PHE B 347 -12.62 11.09 -2.33
CA PHE B 347 -13.73 10.20 -1.98
C PHE B 347 -14.49 9.76 -3.24
N MET B 348 -14.90 10.72 -4.10
CA MET B 348 -15.62 10.39 -5.34
C MET B 348 -14.76 9.50 -6.23
N THR B 349 -13.45 9.83 -6.33
CA THR B 349 -12.57 9.06 -7.18
C THR B 349 -12.44 7.61 -6.71
N THR B 350 -12.13 7.43 -5.43
CA THR B 350 -11.92 6.08 -4.88
C THR B 350 -13.20 5.27 -4.81
N MET B 351 -14.38 5.91 -4.61
CA MET B 351 -15.63 5.15 -4.59
C MET B 351 -16.00 4.65 -5.99
N LEU B 352 -15.72 5.45 -7.03
CA LEU B 352 -16.21 5.12 -8.37
C LEU B 352 -15.26 4.35 -9.28
N HIS B 353 -13.95 4.42 -9.05
CA HIS B 353 -13.01 3.76 -9.97
C HIS B 353 -12.61 2.38 -9.51
N ARG B 354 -12.36 1.50 -10.47
CA ARG B 354 -11.86 0.15 -10.22
C ARG B 354 -10.40 0.26 -9.84
N ASP B 355 -10.00 -0.32 -8.70
CA ASP B 355 -8.59 -0.30 -8.32
C ASP B 355 -8.21 -1.74 -8.13
N GLN B 356 -7.46 -2.31 -9.10
CA GLN B 356 -7.04 -3.72 -9.00
C GLN B 356 -6.13 -4.05 -7.83
N GLY B 357 -5.59 -3.02 -7.18
CA GLY B 357 -4.80 -3.21 -5.97
C GLY B 357 -5.67 -3.42 -4.73
N HIS B 358 -6.98 -3.17 -4.85
CA HIS B 358 -7.89 -3.35 -3.70
C HIS B 358 -7.97 -4.82 -3.30
N THR B 359 -7.96 -5.08 -2.00
CA THR B 359 -8.18 -6.44 -1.50
C THR B 359 -9.67 -6.76 -1.69
N PRO B 360 -10.09 -8.03 -1.58
CA PRO B 360 -11.55 -8.32 -1.67
C PRO B 360 -12.37 -7.52 -0.64
N PHE B 361 -11.81 -7.32 0.59
CA PHE B 361 -12.48 -6.52 1.63
C PHE B 361 -12.67 -5.07 1.17
N GLU B 362 -11.62 -4.45 0.62
CA GLU B 362 -11.70 -3.07 0.10
C GLU B 362 -12.71 -2.94 -1.05
N ARG B 363 -12.81 -3.95 -1.92
CA ARG B 363 -13.82 -3.92 -3.00
C ARG B 363 -15.25 -3.98 -2.37
N GLY B 364 -15.39 -4.76 -1.31
CA GLY B 364 -16.67 -4.87 -0.60
C GLY B 364 -17.09 -3.55 0.02
N ILE B 365 -16.13 -2.82 0.67
CA ILE B 365 -16.37 -1.50 1.26
C ILE B 365 -16.72 -0.47 0.18
N GLN B 366 -16.08 -0.56 -0.99
CA GLN B 366 -16.37 0.34 -2.09
C GLN B 366 -17.86 0.22 -2.51
N LEU B 367 -18.33 -1.03 -2.68
CA LEU B 367 -19.72 -1.28 -3.05
C LEU B 367 -20.68 -0.89 -1.93
N ALA B 368 -20.26 -1.10 -0.67
CA ALA B 368 -21.05 -0.69 0.50
C ALA B 368 -21.22 0.81 0.51
N GLU B 369 -20.17 1.57 0.16
CA GLU B 369 -20.28 3.04 0.12
C GLU B 369 -21.24 3.54 -0.95
N LEU B 370 -21.23 2.90 -2.12
CA LEU B 370 -22.18 3.26 -3.20
C LEU B 370 -23.62 3.00 -2.75
N ASP B 371 -23.82 1.87 -2.06
CA ASP B 371 -25.13 1.50 -1.53
C ASP B 371 -25.53 2.54 -0.45
N TYR B 372 -24.60 2.88 0.45
CA TYR B 372 -24.82 3.86 1.52
C TYR B 372 -25.26 5.24 1.01
N VAL B 373 -24.45 5.89 0.13
CA VAL B 373 -24.79 7.25 -0.31
C VAL B 373 -26.08 7.30 -1.17
N THR B 374 -26.64 6.16 -1.59
CA THR B 374 -27.89 6.15 -2.38
C THR B 374 -29.09 5.58 -1.60
N SER B 375 -28.93 5.22 -0.33
CA SER B 375 -30.04 4.67 0.45
C SER B 375 -30.38 5.47 1.71
N SER B 376 -29.70 6.60 1.94
CA SER B 376 -29.91 7.44 3.10
C SER B 376 -30.18 8.86 2.64
N ARG B 377 -31.21 9.52 3.20
CA ARG B 377 -31.50 10.90 2.83
C ARG B 377 -30.37 11.81 3.31
N ALA B 378 -29.89 11.61 4.54
CA ALA B 378 -28.81 12.42 5.08
C ALA B 378 -27.49 12.22 4.28
N ALA B 379 -27.17 10.97 3.91
CA ALA B 379 -25.96 10.67 3.13
C ALA B 379 -26.05 11.29 1.74
N SER B 380 -27.23 11.17 1.10
CA SER B 380 -27.42 11.76 -0.22
C SER B 380 -27.39 13.29 -0.14
N THR B 381 -27.90 13.89 0.96
CA THR B 381 -27.88 15.35 1.13
C THR B 381 -26.44 15.82 1.29
N SER B 382 -25.65 15.09 2.05
CA SER B 382 -24.24 15.41 2.26
C SER B 382 -23.47 15.34 0.93
N LEU B 383 -23.74 14.30 0.11
CA LEU B 383 -23.15 14.15 -1.22
C LEU B 383 -23.58 15.33 -2.12
N ALA B 384 -24.88 15.64 -2.14
CA ALA B 384 -25.40 16.72 -2.96
C ALA B 384 -24.75 18.06 -2.61
N GLU B 385 -24.66 18.40 -1.29
CA GLU B 385 -24.07 19.65 -0.82
C GLU B 385 -22.59 19.74 -1.16
N ASN B 386 -21.86 18.63 -1.02
CA ASN B 386 -20.44 18.62 -1.40
C ASN B 386 -20.34 18.82 -2.92
N TYR B 387 -21.19 18.13 -3.71
CA TYR B 387 -21.13 18.22 -5.16
C TYR B 387 -21.33 19.65 -5.69
N ILE B 388 -22.35 20.36 -5.19
CA ILE B 388 -22.59 21.73 -5.67
C ILE B 388 -21.78 22.80 -4.90
N GLY B 389 -20.96 22.40 -3.93
CA GLY B 389 -20.06 23.31 -3.26
C GLY B 389 -20.48 23.69 -1.86
N LEU B 390 -19.56 23.51 -0.88
CA LEU B 390 -19.83 23.84 0.51
C LEU B 390 -19.89 25.35 0.70
N PRO B 391 -20.60 25.85 1.74
CA PRO B 391 -20.65 27.30 1.98
C PRO B 391 -19.27 27.96 2.08
N MET B 392 -19.18 29.15 1.51
CA MET B 392 -17.97 29.94 1.45
C MET B 392 -17.62 30.53 2.83
N MET C 1 -30.99 -36.07 22.69
CA MET C 1 -32.07 -35.12 22.95
C MET C 1 -32.50 -34.46 21.63
N ARG C 2 -33.79 -34.52 21.32
CA ARG C 2 -34.29 -33.96 20.07
C ARG C 2 -34.88 -32.56 20.24
N THR C 3 -34.62 -31.67 19.28
CA THR C 3 -35.17 -30.31 19.28
C THR C 3 -35.37 -29.79 17.84
N GLN C 4 -35.94 -28.58 17.66
CA GLN C 4 -36.09 -28.04 16.31
C GLN C 4 -34.77 -27.35 15.90
N VAL C 5 -34.27 -26.43 16.72
CA VAL C 5 -33.03 -25.71 16.40
C VAL C 5 -31.97 -25.89 17.48
N GLY C 6 -30.83 -26.49 17.12
CA GLY C 6 -29.71 -26.64 18.05
C GLY C 6 -28.87 -25.39 17.95
N ILE C 7 -28.62 -24.70 19.06
CA ILE C 7 -27.90 -23.44 19.06
C ILE C 7 -26.56 -23.56 19.77
N ILE C 8 -25.47 -23.23 19.04
CA ILE C 8 -24.15 -23.26 19.65
C ILE C 8 -23.76 -21.88 20.06
N GLY C 9 -23.73 -21.62 21.35
CA GLY C 9 -23.29 -20.32 21.86
C GLY C 9 -24.38 -19.54 22.56
N ALA C 10 -24.07 -19.05 23.76
CA ALA C 10 -25.01 -18.26 24.53
C ALA C 10 -24.55 -16.81 24.65
N GLY C 11 -24.15 -16.24 23.52
CA GLY C 11 -23.89 -14.81 23.45
C GLY C 11 -25.18 -14.11 23.05
N PRO C 12 -25.11 -12.82 22.69
CA PRO C 12 -26.32 -12.12 22.23
C PRO C 12 -26.99 -12.82 21.06
N ALA C 13 -26.23 -13.30 20.06
CA ALA C 13 -26.85 -13.98 18.92
C ALA C 13 -27.67 -15.23 19.34
N GLY C 14 -27.05 -16.17 20.06
CA GLY C 14 -27.74 -17.41 20.44
C GLY C 14 -28.91 -17.18 21.35
N LEU C 15 -28.74 -16.31 22.36
CA LEU C 15 -29.80 -16.02 23.31
C LEU C 15 -30.97 -15.29 22.65
N LEU C 16 -30.70 -14.23 21.83
CA LEU C 16 -31.78 -13.52 21.12
C LEU C 16 -32.49 -14.47 20.16
N LEU C 17 -31.74 -15.30 19.42
CA LEU C 17 -32.39 -16.26 18.50
C LEU C 17 -33.29 -17.24 19.27
N SER C 18 -32.79 -17.83 20.37
CA SER C 18 -33.59 -18.78 21.14
C SER C 18 -34.90 -18.17 21.64
N HIS C 19 -34.83 -16.89 22.09
CA HIS C 19 -36.04 -16.23 22.59
C HIS C 19 -37.00 -15.82 21.47
N LEU C 20 -36.47 -15.35 20.33
CA LEU C 20 -37.31 -15.02 19.17
C LEU C 20 -38.07 -16.27 18.70
N LEU C 21 -37.39 -17.44 18.72
CA LEU C 21 -38.00 -18.71 18.32
C LEU C 21 -39.08 -19.12 19.31
N TYR C 22 -38.81 -18.93 20.61
CA TYR C 22 -39.77 -19.25 21.67
C TYR C 22 -41.05 -18.43 21.47
N LEU C 23 -40.91 -17.13 21.17
CA LEU C 23 -42.06 -16.26 20.94
C LEU C 23 -42.96 -16.72 19.78
N GLN C 24 -42.43 -17.58 18.89
CA GLN C 24 -43.19 -18.14 17.77
C GLN C 24 -43.48 -19.66 17.91
N GLY C 25 -43.25 -20.21 19.09
CA GLY C 25 -43.51 -21.61 19.37
C GLY C 25 -42.53 -22.62 18.78
N ILE C 26 -41.29 -22.17 18.52
CA ILE C 26 -40.23 -23.03 17.98
C ILE C 26 -39.24 -23.35 19.10
N GLU C 27 -38.99 -24.65 19.32
CA GLU C 27 -38.10 -25.14 20.35
C GLU C 27 -36.63 -25.09 19.98
N SER C 28 -35.79 -24.94 20.98
CA SER C 28 -34.35 -24.89 20.78
C SER C 28 -33.60 -25.42 22.01
N ILE C 29 -32.35 -25.82 21.82
CA ILE C 29 -31.47 -26.21 22.92
C ILE C 29 -30.18 -25.41 22.70
N ILE C 30 -29.71 -24.69 23.73
CA ILE C 30 -28.47 -23.94 23.62
C ILE C 30 -27.36 -24.68 24.36
N ILE C 31 -26.16 -24.77 23.74
CA ILE C 31 -24.98 -25.29 24.44
C ILE C 31 -23.97 -24.14 24.50
N GLU C 32 -23.27 -24.01 25.62
CA GLU C 32 -22.32 -22.94 25.85
C GLU C 32 -21.09 -23.54 26.53
N ASN C 33 -19.88 -23.34 25.97
CA ASN C 33 -18.68 -23.97 26.53
C ASN C 33 -18.08 -23.22 27.74
N ARG C 34 -18.57 -22.03 28.04
CA ARG C 34 -18.13 -21.32 29.24
C ARG C 34 -19.22 -21.44 30.33
N THR C 35 -18.90 -21.07 31.59
CA THR C 35 -19.89 -21.12 32.66
C THR C 35 -20.84 -19.91 32.53
N ARG C 36 -22.01 -19.97 33.19
CA ARG C 36 -22.95 -18.85 33.23
C ARG C 36 -22.28 -17.61 33.86
N GLU C 37 -21.47 -17.83 34.91
CA GLU C 37 -20.71 -16.76 35.57
C GLU C 37 -19.78 -16.05 34.57
N GLU C 38 -19.10 -16.84 33.73
CA GLU C 38 -18.17 -16.27 32.75
C GLU C 38 -18.91 -15.42 31.72
N ILE C 39 -20.01 -15.94 31.15
CA ILE C 39 -20.73 -15.18 30.13
C ILE C 39 -21.40 -13.93 30.71
N GLU C 40 -21.88 -14.02 31.95
CA GLU C 40 -22.49 -12.85 32.61
C GLU C 40 -21.45 -11.86 33.18
N GLY C 41 -20.16 -12.21 33.12
CA GLY C 41 -19.12 -11.38 33.70
C GLY C 41 -18.23 -10.61 32.76
N THR C 42 -18.61 -10.47 31.50
CA THR C 42 -17.81 -9.68 30.54
C THR C 42 -17.90 -8.17 30.79
N ILE C 43 -16.77 -7.44 30.67
CA ILE C 43 -16.80 -5.98 30.86
C ILE C 43 -17.12 -5.20 29.57
N ARG C 44 -17.38 -5.92 28.47
CA ARG C 44 -17.74 -5.45 27.16
C ARG C 44 -18.71 -4.27 27.17
N ALA C 45 -18.49 -3.29 26.28
CA ALA C 45 -19.35 -2.11 26.19
C ALA C 45 -20.82 -2.47 25.81
N GLY C 46 -21.73 -1.51 25.94
CA GLY C 46 -23.12 -1.76 25.62
C GLY C 46 -23.76 -0.68 24.78
N VAL C 47 -23.04 -0.18 23.75
CA VAL C 47 -23.65 0.83 22.88
C VAL C 47 -24.66 0.08 22.03
N LEU C 48 -25.94 0.37 22.25
CA LEU C 48 -27.00 -0.31 21.52
C LEU C 48 -27.61 0.61 20.47
N GLU C 49 -27.80 0.08 19.26
CA GLU C 49 -28.49 0.80 18.19
C GLU C 49 -29.97 0.86 18.50
N GLN C 50 -30.67 1.85 17.92
CA GLN C 50 -32.12 2.01 18.10
C GLN C 50 -32.87 0.74 17.77
N GLY C 51 -32.46 0.04 16.71
CA GLY C 51 -33.10 -1.20 16.28
C GLY C 51 -32.97 -2.32 17.30
N THR C 52 -31.85 -2.37 18.00
CA THR C 52 -31.61 -3.39 19.03
C THR C 52 -32.46 -3.07 20.29
N VAL C 53 -32.56 -1.79 20.64
CA VAL C 53 -33.40 -1.34 21.75
C VAL C 53 -34.86 -1.70 21.44
N ASP C 54 -35.31 -1.38 20.22
CA ASP C 54 -36.67 -1.70 19.78
C ASP C 54 -36.92 -3.21 19.86
N LEU C 55 -35.96 -4.01 19.41
CA LEU C 55 -36.06 -5.48 19.43
C LEU C 55 -36.22 -6.02 20.84
N MET C 56 -35.36 -5.56 21.78
CA MET C 56 -35.44 -6.02 23.17
C MET C 56 -36.81 -5.68 23.77
N ASN C 57 -37.33 -4.47 23.49
CA ASN C 57 -38.64 -4.09 23.99
C ASN C 57 -39.76 -4.91 23.36
N GLN C 58 -39.69 -5.11 22.03
CA GLN C 58 -40.66 -5.90 21.28
C GLN C 58 -40.74 -7.34 21.77
N MET C 59 -39.61 -7.90 22.17
CA MET C 59 -39.50 -9.27 22.68
C MET C 59 -39.90 -9.43 24.16
N GLY C 60 -40.24 -8.33 24.84
CA GLY C 60 -40.65 -8.41 26.24
C GLY C 60 -39.50 -8.61 27.21
N VAL C 61 -38.26 -8.33 26.77
CA VAL C 61 -37.08 -8.49 27.62
C VAL C 61 -36.31 -7.17 27.82
N GLY C 62 -36.95 -6.02 27.59
CA GLY C 62 -36.27 -4.74 27.67
C GLY C 62 -36.57 -3.88 28.89
N ALA C 63 -37.39 -4.37 29.83
CA ALA C 63 -37.77 -3.54 31.00
C ALA C 63 -36.57 -3.00 31.81
N ARG C 64 -35.63 -3.90 32.14
CA ARG C 64 -34.47 -3.49 32.93
C ARG C 64 -33.56 -2.59 32.14
N MET C 65 -33.37 -2.86 30.83
CA MET C 65 -32.61 -2.02 29.93
C MET C 65 -33.13 -0.58 29.96
N MET C 66 -34.47 -0.41 29.92
CA MET C 66 -35.02 0.95 29.88
C MET C 66 -34.99 1.66 31.24
N LYS C 67 -34.92 0.90 32.32
CA LYS C 67 -34.90 1.49 33.67
C LYS C 67 -33.45 1.75 34.15
N GLU C 68 -32.54 0.83 33.82
CA GLU C 68 -31.16 0.89 34.29
C GLU C 68 -30.13 1.31 33.23
N GLY C 69 -30.53 1.39 31.97
CA GLY C 69 -29.64 1.87 30.91
C GLY C 69 -29.32 3.35 31.08
N HIS C 70 -28.34 3.85 30.28
CA HIS C 70 -27.94 5.24 30.28
C HIS C 70 -28.20 5.88 28.93
N PHE C 71 -28.93 6.98 28.91
CA PHE C 71 -29.38 7.62 27.69
C PHE C 71 -28.68 8.97 27.53
N HIS C 72 -27.77 9.05 26.57
CA HIS C 72 -26.96 10.24 26.30
C HIS C 72 -27.49 11.02 25.08
N GLU C 73 -27.41 12.34 25.10
CA GLU C 73 -27.87 13.15 23.96
C GLU C 73 -26.85 13.20 22.80
N GLY C 74 -25.60 12.84 23.07
CA GLY C 74 -24.57 12.87 22.06
C GLY C 74 -23.24 12.31 22.50
N PHE C 75 -22.21 12.61 21.68
CA PHE C 75 -20.83 12.23 21.96
C PHE C 75 -19.88 13.29 21.35
N GLU C 76 -18.58 13.23 21.66
CA GLU C 76 -17.63 14.21 21.15
C GLU C 76 -16.56 13.62 20.28
N LEU C 77 -16.23 14.35 19.20
CA LEU C 77 -15.08 14.04 18.33
C LEU C 77 -14.05 15.13 18.65
N ARG C 78 -12.87 14.73 19.13
CA ARG C 78 -11.83 15.67 19.53
C ARG C 78 -10.64 15.55 18.58
N PHE C 79 -10.19 16.66 18.02
CA PHE C 79 -9.07 16.65 17.09
C PHE C 79 -8.52 18.06 16.96
N ASN C 80 -7.23 18.19 16.60
CA ASN C 80 -6.57 19.50 16.52
C ASN C 80 -6.71 20.30 17.83
N GLY C 81 -6.73 19.61 18.96
CA GLY C 81 -6.84 20.23 20.27
C GLY C 81 -8.17 20.89 20.59
N ARG C 82 -9.27 20.46 19.94
CA ARG C 82 -10.58 21.02 20.21
C ARG C 82 -11.63 19.92 20.17
N GLY C 83 -12.59 20.02 21.10
CA GLY C 83 -13.71 19.11 21.16
C GLY C 83 -14.87 19.60 20.33
N HIS C 84 -15.52 18.69 19.63
CA HIS C 84 -16.67 19.00 18.76
C HIS C 84 -17.79 18.06 19.12
N ARG C 85 -18.89 18.59 19.64
CA ARG C 85 -20.02 17.77 20.01
C ARG C 85 -20.92 17.39 18.84
N ILE C 86 -21.29 16.09 18.76
CA ILE C 86 -22.27 15.59 17.79
C ILE C 86 -23.54 15.39 18.63
N ASN C 87 -24.48 16.32 18.53
CA ASN C 87 -25.70 16.28 19.31
C ASN C 87 -26.69 15.35 18.61
N VAL C 88 -26.57 14.04 18.86
CA VAL C 88 -27.43 12.99 18.30
C VAL C 88 -28.91 13.29 18.55
N HIS C 89 -29.26 13.69 19.77
CA HIS C 89 -30.64 14.00 20.16
C HIS C 89 -31.24 15.10 19.29
N GLU C 90 -30.49 16.18 19.05
CA GLU C 90 -30.98 17.27 18.21
C GLU C 90 -31.01 16.86 16.72
N LEU C 91 -29.95 16.21 16.23
CA LEU C 91 -29.85 15.84 14.81
C LEU C 91 -30.81 14.73 14.35
N THR C 92 -31.26 13.86 15.26
CA THR C 92 -32.15 12.76 14.90
C THR C 92 -33.63 13.00 15.25
N GLY C 93 -33.96 14.19 15.74
CA GLY C 93 -35.33 14.49 16.13
C GLY C 93 -35.78 13.83 17.41
N GLY C 94 -34.88 13.71 18.38
CA GLY C 94 -35.24 13.20 19.70
C GLY C 94 -34.70 11.86 20.15
N LYS C 95 -33.85 11.19 19.36
CA LYS C 95 -33.30 9.90 19.78
C LYS C 95 -32.11 10.07 20.73
N TYR C 96 -31.74 9.00 21.43
CA TYR C 96 -30.62 9.04 22.36
C TYR C 96 -29.61 7.97 22.00
N VAL C 97 -28.37 8.13 22.45
CA VAL C 97 -27.37 7.08 22.35
C VAL C 97 -27.69 6.21 23.62
N THR C 98 -28.18 4.97 23.45
CA THR C 98 -28.54 4.02 24.53
C THR C 98 -27.32 3.17 24.93
N VAL C 99 -26.98 3.15 26.22
CA VAL C 99 -25.86 2.36 26.71
C VAL C 99 -26.35 1.40 27.79
N TYR C 100 -26.22 0.10 27.53
CA TYR C 100 -26.62 -0.93 28.49
C TYR C 100 -25.64 -2.07 28.30
N ALA C 101 -24.69 -2.24 29.23
CA ALA C 101 -23.61 -3.22 29.09
C ALA C 101 -24.02 -4.58 28.50
N GLN C 102 -23.19 -5.12 27.61
CA GLN C 102 -23.45 -6.44 27.02
C GLN C 102 -23.71 -7.54 28.08
N HIS C 103 -22.99 -7.50 29.22
CA HIS C 103 -23.21 -8.50 30.27
C HIS C 103 -24.63 -8.40 30.88
N GLU C 104 -25.20 -7.19 30.96
CA GLU C 104 -26.56 -6.98 31.47
C GLU C 104 -27.57 -7.57 30.46
N VAL C 105 -27.33 -7.34 29.16
CA VAL C 105 -28.17 -7.91 28.10
C VAL C 105 -28.16 -9.44 28.18
N ILE C 106 -26.94 -10.04 28.35
CA ILE C 106 -26.80 -11.49 28.48
C ILE C 106 -27.55 -11.98 29.75
N LYS C 107 -27.35 -11.31 30.90
CA LYS C 107 -28.07 -11.68 32.12
C LYS C 107 -29.60 -11.69 31.91
N ASP C 108 -30.12 -10.62 31.27
CA ASP C 108 -31.55 -10.51 31.04
C ASP C 108 -32.07 -11.62 30.14
N LEU C 109 -31.35 -11.93 29.08
CA LEU C 109 -31.77 -12.98 28.14
C LEU C 109 -31.63 -14.39 28.71
N VAL C 110 -30.58 -14.67 29.50
CA VAL C 110 -30.45 -15.98 30.15
C VAL C 110 -31.65 -16.16 31.14
N ALA C 111 -31.92 -15.12 31.94
CA ALA C 111 -33.02 -15.17 32.90
C ALA C 111 -34.39 -15.37 32.22
N ALA C 112 -34.64 -14.64 31.12
CA ALA C 112 -35.89 -14.75 30.37
C ALA C 112 -36.02 -16.14 29.77
N ARG C 113 -34.92 -16.67 29.21
CA ARG C 113 -34.94 -18.00 28.63
C ARG C 113 -35.21 -19.07 29.69
N LEU C 114 -34.52 -19.03 30.83
CA LEU C 114 -34.72 -20.03 31.87
C LEU C 114 -36.13 -19.97 32.46
N GLN C 115 -36.69 -18.75 32.58
CA GLN C 115 -38.05 -18.55 33.10
C GLN C 115 -39.13 -19.04 32.14
N THR C 116 -38.84 -19.11 30.84
CA THR C 116 -39.81 -19.54 29.86
C THR C 116 -39.60 -20.99 29.39
N GLY C 117 -38.94 -21.81 30.21
CA GLY C 117 -38.71 -23.22 29.91
C GLY C 117 -37.57 -23.53 28.96
N GLY C 118 -36.71 -22.55 28.74
CA GLY C 118 -35.56 -22.71 27.84
C GLY C 118 -34.52 -23.69 28.34
N GLN C 119 -33.90 -24.43 27.42
CA GLN C 119 -32.87 -25.41 27.75
C GLN C 119 -31.49 -24.85 27.40
N ILE C 120 -30.63 -24.63 28.41
CA ILE C 120 -29.28 -24.13 28.21
C ILE C 120 -28.28 -25.00 28.99
N HIS C 121 -27.26 -25.54 28.32
CA HIS C 121 -26.22 -26.32 28.96
C HIS C 121 -24.96 -25.46 29.03
N PHE C 122 -24.49 -25.16 30.23
CA PHE C 122 -23.28 -24.38 30.41
C PHE C 122 -22.06 -25.31 30.64
N ASN C 123 -20.85 -24.77 30.41
CA ASN C 123 -19.59 -25.47 30.65
C ASN C 123 -19.44 -26.76 29.84
N VAL C 124 -20.01 -26.80 28.62
CA VAL C 124 -19.86 -27.99 27.78
C VAL C 124 -18.44 -28.07 27.21
N GLY C 125 -18.03 -29.27 26.83
CA GLY C 125 -16.73 -29.47 26.20
C GLY C 125 -16.84 -30.40 25.00
N ASP C 126 -15.74 -30.56 24.28
CA ASP C 126 -15.65 -31.53 23.17
C ASP C 126 -16.83 -31.41 22.17
N VAL C 127 -17.09 -30.18 21.71
CA VAL C 127 -18.21 -29.88 20.81
C VAL C 127 -17.90 -30.17 19.35
N SER C 128 -18.83 -30.80 18.65
CA SER C 128 -18.63 -31.09 17.22
C SER C 128 -19.97 -31.06 16.47
N LEU C 129 -19.92 -30.74 15.17
CA LEU C 129 -21.09 -30.68 14.31
C LEU C 129 -21.04 -31.83 13.31
N HIS C 130 -22.18 -32.43 13.01
CA HIS C 130 -22.23 -33.57 12.10
C HIS C 130 -23.45 -33.53 11.19
N ASP C 131 -23.30 -34.11 9.99
CA ASP C 131 -24.35 -34.23 8.99
C ASP C 131 -25.08 -32.92 8.71
N VAL C 132 -24.36 -31.80 8.67
CA VAL C 132 -25.00 -30.49 8.41
C VAL C 132 -25.58 -30.41 6.98
N ASP C 133 -25.02 -31.20 6.04
CA ASP C 133 -25.47 -31.27 4.65
C ASP C 133 -26.63 -32.26 4.48
N THR C 134 -27.37 -32.58 5.55
CA THR C 134 -28.50 -33.51 5.51
C THR C 134 -29.71 -32.86 6.20
N SER C 135 -30.90 -33.50 6.10
CA SER C 135 -32.09 -33.01 6.80
C SER C 135 -32.06 -33.36 8.31
N SER C 136 -31.02 -34.09 8.79
CA SER C 136 -30.91 -34.43 10.20
C SER C 136 -29.53 -34.07 10.77
N PRO C 137 -29.21 -32.76 10.88
CA PRO C 137 -27.92 -32.38 11.48
C PRO C 137 -27.86 -32.75 12.96
N LYS C 138 -26.64 -32.92 13.49
CA LYS C 138 -26.46 -33.32 14.88
C LYS C 138 -25.35 -32.53 15.54
N ILE C 139 -25.53 -32.23 16.83
CA ILE C 139 -24.49 -31.57 17.61
C ILE C 139 -24.05 -32.56 18.68
N ARG C 140 -22.74 -32.78 18.84
CA ARG C 140 -22.24 -33.66 19.90
C ARG C 140 -21.44 -32.84 20.89
N PHE C 141 -21.54 -33.18 22.18
CA PHE C 141 -20.86 -32.42 23.23
C PHE C 141 -20.79 -33.24 24.52
N ARG C 142 -19.96 -32.82 25.47
CA ARG C 142 -19.87 -33.46 26.77
C ARG C 142 -20.29 -32.44 27.82
N PRO C 143 -21.29 -32.77 28.64
CA PRO C 143 -21.70 -31.83 29.69
C PRO C 143 -20.61 -31.70 30.74
N ASN C 144 -20.42 -30.49 31.27
CA ASN C 144 -19.43 -30.18 32.30
C ASN C 144 -18.01 -30.60 31.93
N LYS C 145 -17.65 -30.38 30.66
CA LYS C 145 -16.33 -30.65 30.07
C LYS C 145 -15.98 -32.11 29.89
N ASP C 146 -16.25 -32.99 30.89
CA ASP C 146 -15.85 -34.38 30.80
C ASP C 146 -16.95 -35.41 31.03
N GLY C 147 -18.20 -35.00 30.84
CA GLY C 147 -19.33 -35.91 30.96
C GLY C 147 -19.41 -36.87 29.78
N GLU C 148 -20.36 -37.77 29.82
CA GLU C 148 -20.58 -38.74 28.76
C GLU C 148 -20.97 -38.01 27.47
N LEU C 149 -20.50 -38.49 26.32
CA LEU C 149 -20.80 -37.84 25.04
C LEU C 149 -22.31 -37.85 24.77
N GLN C 150 -22.88 -36.67 24.57
CA GLN C 150 -24.29 -36.47 24.30
C GLN C 150 -24.53 -35.95 22.90
N GLU C 151 -25.73 -36.17 22.37
CA GLU C 151 -26.07 -35.71 21.04
C GLU C 151 -27.41 -34.97 21.01
N ILE C 152 -27.44 -33.87 20.26
CA ILE C 152 -28.64 -33.10 20.00
C ILE C 152 -29.03 -33.38 18.57
N GLU C 153 -30.20 -33.97 18.36
CA GLU C 153 -30.72 -34.23 17.02
C GLU C 153 -31.64 -33.05 16.73
N CYS C 154 -31.40 -32.34 15.62
CA CYS C 154 -32.21 -31.17 15.30
C CYS C 154 -32.48 -31.04 13.80
N ASP C 155 -33.29 -30.05 13.40
CA ASP C 155 -33.56 -29.81 11.98
C ASP C 155 -32.55 -28.77 11.44
N PHE C 156 -32.12 -27.83 12.31
CA PHE C 156 -31.18 -26.77 11.95
C PHE C 156 -30.19 -26.57 13.06
N ILE C 157 -28.97 -26.16 12.70
CA ILE C 157 -27.97 -25.80 13.68
C ILE C 157 -27.71 -24.32 13.47
N ALA C 158 -27.76 -23.53 14.54
CA ALA C 158 -27.46 -22.13 14.49
C ALA C 158 -26.10 -21.95 15.13
N GLY C 159 -25.12 -21.55 14.33
CA GLY C 159 -23.76 -21.28 14.79
C GLY C 159 -23.64 -19.88 15.32
N CYS C 160 -23.88 -19.71 16.61
CA CYS C 160 -23.81 -18.41 17.28
C CYS C 160 -22.64 -18.43 18.27
N ASP C 161 -21.53 -19.04 17.87
CA ASP C 161 -20.43 -19.38 18.76
C ASP C 161 -19.18 -18.50 18.65
N GLY C 162 -19.35 -17.28 18.17
CA GLY C 162 -18.23 -16.34 18.10
C GLY C 162 -17.16 -16.64 17.08
N PHE C 163 -16.18 -15.77 17.02
CA PHE C 163 -15.16 -15.84 15.98
C PHE C 163 -14.40 -17.17 15.95
N ARG C 164 -14.09 -17.72 17.14
CA ARG C 164 -13.30 -18.96 17.17
C ARG C 164 -14.11 -20.23 17.47
N GLY C 165 -15.42 -20.18 17.28
CA GLY C 165 -16.27 -21.35 17.52
C GLY C 165 -16.11 -22.42 16.46
N PRO C 166 -16.66 -23.63 16.71
CA PRO C 166 -16.53 -24.71 15.72
C PRO C 166 -17.48 -24.64 14.53
N SER C 167 -18.47 -23.75 14.53
CA SER C 167 -19.46 -23.71 13.44
CA SER C 167 -19.46 -23.71 13.44
C SER C 167 -18.95 -23.20 12.11
N ARG C 168 -18.22 -22.06 12.09
CA ARG C 168 -17.71 -21.55 10.80
C ARG C 168 -16.83 -22.60 10.06
N PRO C 169 -15.88 -23.30 10.72
CA PRO C 169 -15.11 -24.34 9.99
C PRO C 169 -15.98 -25.48 9.43
N ALA C 170 -17.23 -25.66 9.94
CA ALA C 170 -18.13 -26.67 9.38
C ALA C 170 -18.69 -26.29 7.99
N ILE C 171 -18.48 -25.04 7.56
CA ILE C 171 -18.80 -24.62 6.19
C ILE C 171 -17.49 -24.90 5.48
N PRO C 172 -17.46 -25.81 4.49
CA PRO C 172 -16.16 -26.17 3.88
C PRO C 172 -15.32 -25.00 3.41
N GLN C 173 -14.00 -25.07 3.61
CA GLN C 173 -13.06 -24.02 3.20
C GLN C 173 -13.21 -23.64 1.72
N SER C 174 -13.46 -24.65 0.88
CA SER C 174 -13.63 -24.46 -0.56
C SER C 174 -14.87 -23.68 -0.98
N VAL C 175 -15.82 -23.48 -0.07
CA VAL C 175 -17.06 -22.79 -0.35
C VAL C 175 -17.12 -21.40 0.33
N ARG C 176 -16.33 -21.20 1.42
CA ARG C 176 -16.31 -19.90 2.11
C ARG C 176 -15.37 -18.90 1.44
N LYS C 177 -15.88 -17.70 1.12
CA LYS C 177 -15.04 -16.59 0.66
C LYS C 177 -14.93 -15.69 1.84
N GLU C 178 -13.70 -15.41 2.26
CA GLU C 178 -13.49 -14.56 3.40
C GLU C 178 -12.88 -13.25 2.96
N TYR C 179 -13.27 -12.20 3.65
CA TYR C 179 -12.82 -10.84 3.42
C TYR C 179 -12.25 -10.39 4.75
N GLN C 180 -11.06 -9.81 4.75
CA GLN C 180 -10.46 -9.39 6.00
C GLN C 180 -9.55 -8.19 5.82
N LYS C 181 -9.45 -7.38 6.88
CA LYS C 181 -8.53 -6.26 6.92
C LYS C 181 -7.90 -6.36 8.28
N VAL C 182 -6.57 -6.28 8.25
CA VAL C 182 -5.67 -6.33 9.37
C VAL C 182 -5.35 -4.93 9.73
N TYR C 183 -5.54 -4.52 11.00
CA TYR C 183 -5.17 -3.17 11.41
C TYR C 183 -3.81 -3.19 12.12
N PRO C 184 -2.92 -2.21 11.85
CA PRO C 184 -1.58 -2.21 12.48
C PRO C 184 -1.56 -1.80 13.96
N PHE C 185 -2.73 -1.46 14.49
CA PHE C 185 -2.91 -1.01 15.85
C PHE C 185 -3.93 -1.86 16.59
N SER C 186 -3.84 -1.82 17.90
CA SER C 186 -4.75 -2.48 18.82
C SER C 186 -5.16 -1.40 19.86
N TRP C 187 -6.03 -1.75 20.82
CA TRP C 187 -6.36 -0.83 21.87
C TRP C 187 -5.77 -1.35 23.18
N LEU C 188 -5.30 -0.46 24.04
CA LEU C 188 -4.95 -0.83 25.41
C LEU C 188 -6.12 -0.26 26.20
N GLY C 189 -6.95 -1.14 26.77
CA GLY C 189 -8.13 -0.71 27.53
C GLY C 189 -7.84 -0.79 29.01
N ILE C 190 -8.30 0.20 29.78
CA ILE C 190 -8.11 0.21 31.22
C ILE C 190 -9.43 0.50 31.95
N LEU C 191 -9.52 0.07 33.21
CA LEU C 191 -10.62 0.40 34.11
C LEU C 191 -10.00 1.27 35.20
N VAL C 192 -10.59 2.45 35.46
CA VAL C 192 -10.02 3.38 36.43
C VAL C 192 -11.00 3.71 37.54
N GLU C 193 -10.55 3.73 38.79
CA GLU C 193 -11.40 4.14 39.89
C GLU C 193 -11.25 5.64 40.01
N ALA C 194 -12.16 6.38 39.36
CA ALA C 194 -12.16 7.85 39.35
C ALA C 194 -13.51 8.38 38.88
N PRO C 195 -13.90 9.64 39.17
CA PRO C 195 -15.14 10.17 38.59
C PRO C 195 -14.94 10.45 37.08
N PRO C 196 -16.04 10.63 36.33
CA PRO C 196 -15.90 10.89 34.89
C PRO C 196 -15.34 12.26 34.56
N SER C 197 -14.40 12.32 33.62
CA SER C 197 -13.82 13.61 33.20
C SER C 197 -14.81 14.44 32.36
N ALA C 198 -15.80 13.79 31.74
CA ALA C 198 -16.80 14.42 30.90
C ALA C 198 -18.13 13.66 31.00
N HIS C 199 -19.23 14.30 30.59
CA HIS C 199 -20.54 13.66 30.65
C HIS C 199 -20.78 12.70 29.50
N GLU C 200 -20.15 12.93 28.33
CA GLU C 200 -20.37 12.05 27.17
C GLU C 200 -19.08 11.43 26.64
N LEU C 201 -19.20 10.38 25.80
CA LEU C 201 -18.03 9.70 25.24
C LEU C 201 -17.15 10.68 24.44
N ILE C 202 -15.82 10.50 24.49
CA ILE C 202 -14.89 11.30 23.72
C ILE C 202 -14.08 10.37 22.83
N TYR C 203 -14.14 10.60 21.53
CA TYR C 203 -13.34 9.87 20.55
C TYR C 203 -12.30 10.90 20.11
N ALA C 204 -11.02 10.70 20.45
CA ALA C 204 -9.98 11.69 20.14
C ALA C 204 -8.95 11.20 19.13
N ASN C 205 -8.68 12.03 18.12
CA ASN C 205 -7.62 11.78 17.17
C ASN C 205 -6.52 12.76 17.56
N HIS C 206 -5.31 12.26 17.75
CA HIS C 206 -4.16 13.11 18.09
C HIS C 206 -2.99 12.70 17.20
N GLU C 207 -2.00 13.58 17.02
CA GLU C 207 -0.79 13.25 16.26
C GLU C 207 -0.09 11.99 16.81
N ARG C 208 -0.15 11.77 18.15
CA ARG C 208 0.44 10.59 18.79
C ARG C 208 -0.39 9.31 18.71
N GLY C 209 -1.66 9.44 18.34
CA GLY C 209 -2.57 8.32 18.24
C GLY C 209 -3.94 8.57 18.82
N PHE C 210 -4.82 7.60 18.69
CA PHE C 210 -6.20 7.69 19.17
C PHE C 210 -6.32 7.45 20.69
N ALA C 211 -7.36 8.04 21.29
CA ALA C 211 -7.75 7.82 22.68
C ALA C 211 -9.28 7.88 22.77
N LEU C 212 -9.85 7.08 23.64
CA LEU C 212 -11.30 7.03 23.82
C LEU C 212 -11.59 7.10 25.30
N VAL C 213 -12.43 8.06 25.71
CA VAL C 213 -12.78 8.21 27.12
C VAL C 213 -14.24 7.79 27.21
N SER C 214 -14.48 6.68 27.89
CA SER C 214 -15.82 6.14 28.10
C SER C 214 -16.05 5.96 29.64
N THR C 215 -17.17 5.32 30.03
CA THR C 215 -17.51 5.16 31.45
C THR C 215 -18.23 3.84 31.71
N ARG C 216 -18.28 3.44 32.99
CA ARG C 216 -19.01 2.24 33.44
C ARG C 216 -20.02 2.66 34.50
N SER C 217 -19.57 3.48 35.46
CA SER C 217 -20.39 3.98 36.56
C SER C 217 -19.80 5.33 37.08
N PRO C 218 -20.46 6.04 38.03
CA PRO C 218 -19.88 7.30 38.52
C PRO C 218 -18.49 7.11 39.16
N GLN C 219 -18.12 5.88 39.61
CA GLN C 219 -16.77 5.73 40.18
CA GLN C 219 -16.80 5.68 40.21
C GLN C 219 -15.84 4.85 39.36
N ILE C 220 -16.31 4.26 38.23
CA ILE C 220 -15.46 3.43 37.39
C ILE C 220 -15.49 3.93 35.97
N GLN C 221 -14.32 4.28 35.42
CA GLN C 221 -14.23 4.77 34.05
C GLN C 221 -13.54 3.74 33.14
N ARG C 222 -13.82 3.80 31.84
CA ARG C 222 -13.21 2.86 30.87
C ARG C 222 -12.52 3.73 29.84
N LEU C 223 -11.21 3.58 29.67
CA LEU C 223 -10.46 4.40 28.71
C LEU C 223 -9.66 3.51 27.79
N TYR C 224 -9.37 3.99 26.57
CA TYR C 224 -8.56 3.23 25.63
C TYR C 224 -7.51 4.10 24.98
N LEU C 225 -6.34 3.54 24.71
CA LEU C 225 -5.27 4.18 23.95
C LEU C 225 -5.00 3.30 22.74
N GLN C 226 -4.79 3.89 21.55
CA GLN C 226 -4.32 3.12 20.42
C GLN C 226 -2.85 2.77 20.74
N VAL C 227 -2.46 1.53 20.50
CA VAL C 227 -1.07 1.08 20.70
C VAL C 227 -0.69 0.23 19.50
N ASP C 228 0.63 0.01 19.27
CA ASP C 228 1.10 -0.89 18.23
C ASP C 228 0.54 -2.31 18.49
N ALA C 229 0.10 -3.00 17.45
CA ALA C 229 -0.50 -4.33 17.61
C ALA C 229 0.39 -5.38 18.31
N GLN C 230 1.73 -5.22 18.28
CA GLN C 230 2.62 -6.16 18.98
C GLN C 230 2.84 -5.82 20.46
N ASP C 231 2.35 -4.67 20.93
CA ASP C 231 2.53 -4.26 22.31
C ASP C 231 1.83 -5.20 23.31
N HIS C 232 2.42 -5.33 24.50
CA HIS C 232 1.91 -6.08 25.63
C HIS C 232 1.64 -5.09 26.77
N ILE C 233 0.79 -5.49 27.71
CA ILE C 233 0.50 -4.64 28.86
C ILE C 233 1.74 -4.35 29.72
N ASP C 234 2.78 -5.24 29.71
CA ASP C 234 3.98 -4.99 30.49
C ASP C 234 4.88 -3.87 29.90
N ASN C 235 4.60 -3.44 28.66
CA ASN C 235 5.27 -2.29 28.06
C ASN C 235 4.59 -0.94 28.50
N TRP C 236 3.47 -1.02 29.24
CA TRP C 236 2.69 0.13 29.62
C TRP C 236 2.48 0.27 31.10
N SER C 237 3.41 0.94 31.78
CA SER C 237 3.27 1.21 33.20
C SER C 237 2.09 2.20 33.41
N ASP C 238 1.61 2.34 34.64
CA ASP C 238 0.53 3.28 34.93
C ASP C 238 0.94 4.71 34.56
N ASP C 239 2.20 5.07 34.87
CA ASP C 239 2.76 6.38 34.54
C ASP C 239 2.76 6.64 33.04
N ARG C 240 3.18 5.65 32.23
CA ARG C 240 3.21 5.81 30.79
C ARG C 240 1.78 5.94 30.22
N ILE C 241 0.83 5.19 30.79
CA ILE C 241 -0.57 5.25 30.33
C ILE C 241 -1.14 6.65 30.56
N TRP C 242 -0.99 7.18 31.79
CA TRP C 242 -1.52 8.51 32.08
C TRP C 242 -0.86 9.60 31.28
N SER C 243 0.47 9.53 31.11
CA SER C 243 1.18 10.54 30.34
C SER C 243 0.70 10.58 28.89
N GLU C 244 0.47 9.41 28.30
CA GLU C 244 -0.01 9.31 26.94
C GLU C 244 -1.47 9.76 26.81
N LEU C 245 -2.32 9.40 27.78
CA LEU C 245 -3.71 9.82 27.75
C LEU C 245 -3.81 11.36 27.89
N HIS C 246 -3.03 11.96 28.80
CA HIS C 246 -3.04 13.42 28.98
C HIS C 246 -2.58 14.10 27.68
N ALA C 247 -1.52 13.56 27.04
CA ALA C 247 -1.00 14.14 25.81
C ALA C 247 -2.03 14.06 24.66
N ARG C 248 -2.67 12.90 24.46
CA ARG C 248 -3.61 12.73 23.35
C ARG C 248 -4.93 13.43 23.54
N LEU C 249 -5.35 13.63 24.79
CA LEU C 249 -6.64 14.29 25.09
C LEU C 249 -6.51 15.79 25.32
N GLU C 250 -5.29 16.34 25.23
CA GLU C 250 -5.02 17.76 25.44
C GLU C 250 -5.87 18.66 24.55
N THR C 251 -6.40 19.74 25.11
CA THR C 251 -7.17 20.72 24.34
C THR C 251 -6.63 22.13 24.59
N ARG C 252 -6.88 23.06 23.65
CA ARG C 252 -6.46 24.45 23.82
C ARG C 252 -7.17 25.09 25.02
N ASP C 253 -8.45 24.72 25.29
CA ASP C 253 -9.16 25.29 26.44
C ASP C 253 -8.81 24.61 27.80
N GLY C 254 -7.85 23.69 27.81
CA GLY C 254 -7.37 23.04 29.02
C GLY C 254 -8.23 21.95 29.64
N PHE C 255 -8.32 20.80 28.98
CA PHE C 255 -9.08 19.65 29.48
C PHE C 255 -8.42 19.03 30.71
N LYS C 256 -9.23 18.67 31.71
CA LYS C 256 -8.76 18.07 32.94
C LYS C 256 -9.10 16.58 32.96
N LEU C 257 -8.09 15.73 32.74
CA LEU C 257 -8.28 14.29 32.77
C LEU C 257 -8.16 13.85 34.23
N LEU C 258 -9.26 13.35 34.79
CA LEU C 258 -9.29 12.95 36.18
C LEU C 258 -8.66 11.56 36.37
N GLU C 259 -7.58 11.48 37.15
CA GLU C 259 -6.89 10.21 37.38
C GLU C 259 -7.34 9.45 38.64
N GLY C 260 -7.04 8.16 38.67
CA GLY C 260 -7.30 7.28 39.80
C GLY C 260 -6.58 5.95 39.61
N PRO C 261 -6.65 5.06 40.62
CA PRO C 261 -6.01 3.74 40.46
C PRO C 261 -6.50 2.97 39.22
N ILE C 262 -5.57 2.29 38.52
CA ILE C 262 -5.95 1.48 37.36
C ILE C 262 -6.23 0.05 37.86
N PHE C 263 -7.50 -0.34 37.83
CA PHE C 263 -7.95 -1.64 38.33
C PHE C 263 -7.66 -2.79 37.37
N GLN C 264 -7.66 -2.50 36.06
CA GLN C 264 -7.42 -3.52 35.04
CA GLN C 264 -7.35 -3.52 35.06
C GLN C 264 -6.79 -2.89 33.79
N LYS C 265 -6.01 -3.66 33.04
CA LYS C 265 -5.41 -3.22 31.79
C LYS C 265 -5.23 -4.43 30.88
N GLY C 266 -5.56 -4.25 29.62
CA GLY C 266 -5.52 -5.33 28.66
C GLY C 266 -5.45 -4.85 27.22
N ILE C 267 -4.96 -5.70 26.33
CA ILE C 267 -4.85 -5.41 24.92
C ILE C 267 -6.03 -6.02 24.18
N VAL C 268 -6.66 -5.26 23.32
CA VAL C 268 -7.79 -5.70 22.50
C VAL C 268 -7.32 -5.58 21.06
N SER C 269 -7.14 -6.69 20.35
CA SER C 269 -6.75 -6.61 18.94
C SER C 269 -8.02 -6.28 18.12
N MET C 270 -7.85 -5.78 16.88
CA MET C 270 -9.02 -5.49 16.07
C MET C 270 -8.88 -5.90 14.62
N ARG C 271 -10.01 -6.18 13.98
CA ARG C 271 -10.03 -6.60 12.60
C ARG C 271 -11.42 -6.37 11.99
N SER C 272 -11.48 -6.49 10.70
CA SER C 272 -12.74 -6.48 9.96
C SER C 272 -12.70 -7.82 9.26
N PHE C 273 -13.79 -8.56 9.30
CA PHE C 273 -13.88 -9.91 8.73
C PHE C 273 -15.29 -10.16 8.27
N VAL C 274 -15.46 -10.74 7.07
CA VAL C 274 -16.78 -11.11 6.57
C VAL C 274 -16.65 -12.49 5.93
N CYS C 275 -17.54 -13.41 6.30
CA CYS C 275 -17.56 -14.74 5.69
C CYS C 275 -18.81 -14.79 4.82
N ASP C 276 -18.66 -15.25 3.58
CA ASP C 276 -19.77 -15.38 2.65
C ASP C 276 -19.61 -16.74 1.97
N PRO C 277 -20.57 -17.67 2.12
CA PRO C 277 -21.89 -17.48 2.73
C PRO C 277 -21.90 -17.64 4.24
N MET C 278 -23.06 -17.38 4.85
CA MET C 278 -23.27 -17.58 6.26
C MET C 278 -24.14 -18.82 6.51
N GLN C 279 -24.20 -19.76 5.55
CA GLN C 279 -25.00 -20.95 5.67
C GLN C 279 -24.45 -22.04 4.78
N HIS C 280 -24.72 -23.30 5.16
CA HIS C 280 -24.31 -24.48 4.40
C HIS C 280 -25.23 -25.59 4.84
N GLY C 281 -26.12 -26.00 3.95
CA GLY C 281 -27.12 -27.02 4.26
C GLY C 281 -28.05 -26.54 5.37
N ARG C 282 -28.10 -27.29 6.48
CA ARG C 282 -28.92 -26.91 7.62
C ARG C 282 -28.16 -26.10 8.68
N LEU C 283 -26.91 -25.72 8.42
CA LEU C 283 -26.13 -24.91 9.35
C LEU C 283 -26.25 -23.43 8.96
N PHE C 284 -26.56 -22.57 9.92
CA PHE C 284 -26.71 -21.13 9.67
C PHE C 284 -25.88 -20.37 10.71
N LEU C 285 -24.99 -19.47 10.28
CA LEU C 285 -24.16 -18.69 11.19
C LEU C 285 -24.81 -17.33 11.48
N ALA C 286 -24.45 -16.76 12.64
CA ALA C 286 -24.94 -15.44 13.01
C ALA C 286 -23.92 -14.78 13.94
N GLY C 287 -23.83 -13.45 13.88
CA GLY C 287 -22.95 -12.72 14.76
C GLY C 287 -21.47 -12.89 14.45
N ASP C 288 -20.62 -12.83 15.49
CA ASP C 288 -19.17 -12.91 15.39
C ASP C 288 -18.65 -14.21 14.73
N ALA C 289 -19.48 -15.28 14.70
CA ALA C 289 -19.10 -16.51 13.96
C ALA C 289 -19.05 -16.24 12.46
N ALA C 290 -19.75 -15.20 11.97
CA ALA C 290 -19.82 -14.92 10.54
C ALA C 290 -19.05 -13.64 10.12
N HIS C 291 -18.90 -12.68 11.04
CA HIS C 291 -18.29 -11.40 10.69
C HIS C 291 -17.80 -10.67 11.93
N ILE C 292 -16.74 -9.86 11.76
CA ILE C 292 -16.17 -9.04 12.83
C ILE C 292 -16.01 -7.60 12.33
N VAL C 293 -16.19 -6.63 13.22
CA VAL C 293 -15.92 -5.24 12.94
C VAL C 293 -14.94 -4.73 14.01
N PRO C 294 -14.12 -3.73 13.67
CA PRO C 294 -13.28 -3.09 14.71
C PRO C 294 -14.19 -2.32 15.69
N PRO C 295 -13.88 -2.29 17.00
CA PRO C 295 -14.84 -1.74 17.97
C PRO C 295 -15.09 -0.24 17.98
N THR C 296 -14.40 0.49 17.09
CA THR C 296 -14.61 1.94 17.01
C THR C 296 -16.07 2.28 16.63
N GLY C 297 -16.71 1.41 15.86
CA GLY C 297 -18.10 1.63 15.44
C GLY C 297 -19.16 1.12 16.40
N ALA C 298 -18.81 0.27 17.43
CA ALA C 298 -19.79 -0.30 18.35
C ALA C 298 -20.97 -0.96 17.56
N LYS C 299 -20.66 -1.77 16.54
CA LYS C 299 -21.69 -2.40 15.71
C LYS C 299 -21.86 -3.93 15.92
N GLY C 300 -20.89 -4.60 16.53
CA GLY C 300 -20.87 -6.06 16.63
C GLY C 300 -22.08 -6.73 17.23
N LEU C 301 -22.40 -6.41 18.50
CA LEU C 301 -23.62 -6.99 19.13
C LEU C 301 -24.87 -6.58 18.30
N ASN C 302 -24.90 -5.32 17.83
CA ASN C 302 -26.02 -4.80 17.02
C ASN C 302 -26.26 -5.63 15.75
N LEU C 303 -25.17 -6.03 15.08
CA LEU C 303 -25.24 -6.86 13.88
C LEU C 303 -25.66 -8.28 14.21
N ALA C 304 -25.21 -8.81 15.35
CA ALA C 304 -25.62 -10.16 15.77
C ALA C 304 -27.16 -10.19 15.96
N ALA C 305 -27.72 -9.12 16.55
CA ALA C 305 -29.17 -9.00 16.74
C ALA C 305 -29.90 -8.90 15.39
N ALA C 306 -29.33 -8.19 14.44
CA ALA C 306 -29.94 -8.05 13.11
C ALA C 306 -29.92 -9.40 12.38
N ASP C 307 -28.79 -10.14 12.45
CA ASP C 307 -28.66 -11.43 11.78
C ASP C 307 -29.73 -12.40 12.29
N VAL C 308 -29.90 -12.50 13.62
CA VAL C 308 -30.81 -13.49 14.18
C VAL C 308 -32.26 -13.14 13.93
N GLN C 309 -32.61 -11.85 13.72
CA GLN C 309 -33.97 -11.49 13.35
C GLN C 309 -34.32 -12.08 11.99
N VAL C 310 -33.38 -12.02 11.04
CA VAL C 310 -33.59 -12.59 9.71
C VAL C 310 -33.66 -14.10 9.77
N LEU C 311 -32.73 -14.72 10.50
CA LEU C 311 -32.70 -16.18 10.65
C LEU C 311 -34.00 -16.70 11.28
N ALA C 312 -34.46 -16.03 12.36
CA ALA C 312 -35.70 -16.43 13.02
C ALA C 312 -36.88 -16.32 12.06
N ARG C 313 -36.91 -15.27 11.22
CA ARG C 313 -37.98 -15.10 10.25
C ARG C 313 -38.00 -16.20 9.19
N GLY C 314 -36.83 -16.71 8.83
CA GLY C 314 -36.73 -17.81 7.88
C GLY C 314 -37.16 -19.12 8.52
N LEU C 315 -36.73 -19.35 9.75
CA LEU C 315 -37.08 -20.56 10.49
C LEU C 315 -38.60 -20.60 10.73
N GLU C 316 -39.20 -19.44 11.01
CA GLU C 316 -40.63 -19.32 11.24
C GLU C 316 -41.41 -19.67 10.00
N ALA C 317 -40.98 -19.17 8.84
CA ALA C 317 -41.66 -19.47 7.57
C ALA C 317 -41.56 -20.96 7.23
N TYR C 318 -40.45 -21.61 7.60
CA TYR C 318 -40.27 -23.03 7.38
C TYR C 318 -41.25 -23.87 8.22
N TYR C 319 -41.33 -23.59 9.53
CA TYR C 319 -42.21 -24.38 10.40
C TYR C 319 -43.69 -24.08 10.22
N LYS C 320 -44.03 -22.84 9.88
CA LYS C 320 -45.43 -22.46 9.70
C LYS C 320 -46.00 -22.87 8.34
N ALA C 321 -45.27 -22.60 7.24
CA ALA C 321 -45.80 -22.90 5.90
C ALA C 321 -44.95 -23.88 5.06
N GLY C 322 -43.86 -24.38 5.60
CA GLY C 322 -42.96 -25.25 4.86
C GLY C 322 -42.14 -24.53 3.80
N LYS C 323 -42.09 -23.19 3.86
CA LYS C 323 -41.38 -22.37 2.88
C LYS C 323 -39.89 -22.23 3.18
N MET C 324 -39.06 -22.38 2.15
CA MET C 324 -37.60 -22.31 2.28
C MET C 324 -36.98 -21.00 1.77
N GLU C 325 -37.74 -20.20 0.98
CA GLU C 325 -37.25 -18.95 0.38
C GLU C 325 -36.44 -18.02 1.31
N ILE C 326 -37.00 -17.62 2.47
CA ILE C 326 -36.29 -16.71 3.37
C ILE C 326 -35.01 -17.34 3.92
N LEU C 327 -35.03 -18.64 4.25
CA LEU C 327 -33.83 -19.33 4.72
C LEU C 327 -32.78 -19.38 3.61
N ASN C 328 -33.20 -19.68 2.37
CA ASN C 328 -32.30 -19.71 1.22
C ASN C 328 -31.62 -18.35 1.00
N ARG C 329 -32.34 -17.25 1.28
CA ARG C 329 -31.78 -15.90 1.11
C ARG C 329 -31.25 -15.28 2.41
N CYS C 330 -31.10 -16.07 3.48
CA CYS C 330 -30.62 -15.55 4.77
C CYS C 330 -29.26 -14.82 4.63
N THR C 331 -28.30 -15.46 3.95
CA THR C 331 -26.97 -14.85 3.73
C THR C 331 -27.10 -13.54 2.96
N GLU C 332 -27.85 -13.57 1.85
CA GLU C 332 -28.08 -12.42 1.00
C GLU C 332 -28.63 -11.22 1.79
N ILE C 333 -29.68 -11.44 2.58
CA ILE C 333 -30.28 -10.37 3.38
C ILE C 333 -29.34 -9.85 4.46
N CYS C 334 -28.73 -10.76 5.23
CA CYS C 334 -27.81 -10.35 6.30
C CYS C 334 -26.63 -9.55 5.77
N LEU C 335 -26.03 -10.03 4.66
CA LEU C 335 -24.83 -9.38 4.11
C LEU C 335 -25.03 -7.92 3.71
N ARG C 336 -26.22 -7.55 3.22
CA ARG C 336 -26.48 -6.16 2.85
C ARG C 336 -26.30 -5.22 4.03
N ARG C 337 -26.80 -5.64 5.20
CA ARG C 337 -26.66 -4.86 6.42
C ARG C 337 -25.23 -4.96 6.96
N ILE C 338 -24.65 -6.16 6.93
CA ILE C 338 -23.29 -6.37 7.39
C ILE C 338 -22.29 -5.47 6.66
N TRP C 339 -22.37 -5.41 5.33
CA TRP C 339 -21.44 -4.59 4.57
C TRP C 339 -21.54 -3.11 4.89
N LYS C 340 -22.75 -2.59 5.13
CA LYS C 340 -22.91 -1.18 5.49
C LYS C 340 -22.32 -0.90 6.89
N ALA C 341 -22.47 -1.84 7.83
CA ALA C 341 -21.89 -1.68 9.18
C ALA C 341 -20.37 -1.83 9.11
N GLU C 342 -19.86 -2.73 8.24
CA GLU C 342 -18.43 -2.92 8.04
C GLU C 342 -17.82 -1.59 7.50
N ARG C 343 -18.54 -0.95 6.58
CA ARG C 343 -18.10 0.31 5.99
C ARG C 343 -18.04 1.40 7.07
N PHE C 344 -19.08 1.54 7.85
CA PHE C 344 -19.10 2.56 8.92
C PHE C 344 -18.03 2.30 9.97
N SER C 345 -17.85 1.05 10.38
CA SER C 345 -16.83 0.70 11.37
C SER C 345 -15.46 1.01 10.87
N TRP C 346 -15.19 0.67 9.60
CA TRP C 346 -13.93 0.95 8.93
C TRP C 346 -13.72 2.47 8.83
N PHE C 347 -14.76 3.22 8.48
CA PHE C 347 -14.74 4.67 8.35
C PHE C 347 -14.32 5.32 9.67
N MET C 348 -15.01 4.96 10.77
CA MET C 348 -14.67 5.50 12.09
C MET C 348 -13.26 5.11 12.50
N THR C 349 -12.87 3.87 12.22
CA THR C 349 -11.53 3.42 12.61
C THR C 349 -10.45 4.19 11.87
N THR C 350 -10.58 4.29 10.55
CA THR C 350 -9.56 4.95 9.73
C THR C 350 -9.54 6.45 9.95
N MET C 351 -10.71 7.07 10.22
CA MET C 351 -10.77 8.51 10.47
C MET C 351 -10.08 8.86 11.80
N LEU C 352 -10.21 7.99 12.82
CA LEU C 352 -9.75 8.37 14.15
C LEU C 352 -8.35 7.88 14.57
N HIS C 353 -7.83 6.82 13.95
CA HIS C 353 -6.53 6.28 14.35
C HIS C 353 -5.36 6.80 13.53
N ARG C 354 -4.23 6.92 14.20
CA ARG C 354 -2.97 7.29 13.55
C ARG C 354 -2.48 6.09 12.76
N ASP C 355 -2.12 6.26 11.50
CA ASP C 355 -1.56 5.16 10.72
C ASP C 355 -0.23 5.68 10.18
N GLN C 356 0.89 5.21 10.75
CA GLN C 356 2.22 5.67 10.31
C GLN C 356 2.56 5.35 8.85
N GLY C 357 1.78 4.49 8.22
CA GLY C 357 1.93 4.23 6.78
C GLY C 357 1.29 5.30 5.92
N HIS C 358 0.44 6.18 6.51
CA HIS C 358 -0.19 7.26 5.76
C HIS C 358 0.83 8.22 5.20
N THR C 359 0.62 8.66 3.96
CA THR C 359 1.43 9.73 3.39
C THR C 359 0.97 11.06 4.07
N PRO C 360 1.74 12.16 3.94
CA PRO C 360 1.26 13.46 4.48
C PRO C 360 -0.10 13.85 3.86
N PHE C 361 -0.34 13.50 2.58
CA PHE C 361 -1.64 13.80 1.94
C PHE C 361 -2.78 13.03 2.62
N GLU C 362 -2.56 11.73 2.91
CA GLU C 362 -3.57 10.91 3.59
C GLU C 362 -3.87 11.45 4.98
N ARG C 363 -2.83 11.92 5.70
CA ARG C 363 -3.07 12.56 7.02
C ARG C 363 -3.91 13.84 6.86
N GLY C 364 -3.64 14.62 5.82
CA GLY C 364 -4.38 15.83 5.56
C GLY C 364 -5.84 15.57 5.29
N ILE C 365 -6.14 14.54 4.47
CA ILE C 365 -7.55 14.26 4.16
C ILE C 365 -8.27 13.60 5.36
N GLN C 366 -7.54 12.92 6.25
CA GLN C 366 -8.13 12.39 7.48
C GLN C 366 -8.63 13.59 8.36
N LEU C 367 -7.78 14.59 8.52
CA LEU C 367 -8.13 15.78 9.31
C LEU C 367 -9.23 16.59 8.61
N ALA C 368 -9.24 16.62 7.26
CA ALA C 368 -10.27 17.32 6.51
C ALA C 368 -11.63 16.62 6.74
N GLU C 369 -11.65 15.29 6.84
CA GLU C 369 -12.91 14.58 7.08
C GLU C 369 -13.45 14.86 8.50
N LEU C 370 -12.54 14.94 9.49
CA LEU C 370 -12.93 15.29 10.86
C LEU C 370 -13.53 16.70 10.89
N ASP C 371 -12.91 17.64 10.16
CA ASP C 371 -13.40 19.01 10.05
C ASP C 371 -14.81 18.98 9.38
N TYR C 372 -14.96 18.27 8.27
CA TYR C 372 -16.23 18.20 7.54
C TYR C 372 -17.40 17.64 8.36
N VAL C 373 -17.24 16.44 8.99
CA VAL C 373 -18.33 15.84 9.79
C VAL C 373 -18.74 16.69 10.99
N THR C 374 -17.86 17.57 11.48
CA THR C 374 -18.20 18.42 12.62
C THR C 374 -18.59 19.86 12.22
N SER C 375 -18.61 20.19 10.91
CA SER C 375 -18.98 21.55 10.51
C SER C 375 -20.18 21.62 9.58
N SER C 376 -20.65 20.48 9.08
CA SER C 376 -21.81 20.43 8.21
C SER C 376 -22.95 19.76 8.96
N ARG C 377 -24.14 20.35 8.87
CA ARG C 377 -25.31 19.79 9.53
C ARG C 377 -25.67 18.44 8.90
N ALA C 378 -25.65 18.35 7.57
CA ALA C 378 -25.98 17.10 6.89
C ALA C 378 -24.94 16.01 7.18
N ALA C 379 -23.64 16.35 7.19
CA ALA C 379 -22.59 15.38 7.49
C ALA C 379 -22.71 14.91 8.96
N SER C 380 -22.98 15.83 9.90
CA SER C 380 -23.15 15.44 11.30
C SER C 380 -24.40 14.60 11.49
N THR C 381 -25.48 14.90 10.74
CA THR C 381 -26.74 14.13 10.82
C THR C 381 -26.52 12.73 10.31
N SER C 382 -25.80 12.59 9.20
CA SER C 382 -25.47 11.30 8.62
C SER C 382 -24.64 10.48 9.63
N LEU C 383 -23.70 11.13 10.34
CA LEU C 383 -22.89 10.48 11.36
C LEU C 383 -23.79 10.06 12.53
N ALA C 384 -24.61 10.96 13.04
CA ALA C 384 -25.54 10.66 14.14
C ALA C 384 -26.45 9.47 13.81
N GLU C 385 -27.03 9.44 12.61
CA GLU C 385 -27.92 8.35 12.18
C GLU C 385 -27.17 7.02 12.03
N ASN C 386 -25.93 7.06 11.50
CA ASN C 386 -25.12 5.82 11.39
C ASN C 386 -24.76 5.31 12.79
N TYR C 387 -24.48 6.23 13.71
CA TYR C 387 -24.10 5.91 15.08
C TYR C 387 -25.22 5.16 15.81
N ILE C 388 -26.47 5.67 15.75
CA ILE C 388 -27.57 4.99 16.42
C ILE C 388 -28.26 3.93 15.52
N GLY C 389 -27.77 3.72 14.31
CA GLY C 389 -28.28 2.71 13.40
C GLY C 389 -29.64 3.01 12.84
N LEU C 390 -29.83 2.72 11.55
CA LEU C 390 -31.11 2.96 10.89
C LEU C 390 -31.55 1.71 10.07
N PRO C 391 -32.75 1.69 9.46
CA PRO C 391 -33.17 0.49 8.69
C PRO C 391 -32.13 0.00 7.69
N MET D 1 0.30 -42.28 31.37
CA MET D 1 1.50 -42.83 30.75
C MET D 1 2.64 -41.84 30.87
N ARG D 2 3.77 -42.26 31.44
CA ARG D 2 4.91 -41.37 31.64
C ARG D 2 5.95 -41.50 30.54
N THR D 3 6.52 -40.38 30.09
CA THR D 3 7.58 -40.36 29.08
C THR D 3 8.52 -39.15 29.31
N GLN D 4 9.60 -39.02 28.51
CA GLN D 4 10.49 -37.88 28.65
C GLN D 4 9.94 -36.69 27.86
N VAL D 5 9.64 -36.90 26.56
CA VAL D 5 9.11 -35.83 25.73
C VAL D 5 7.76 -36.21 25.11
N GLY D 6 6.71 -35.46 25.44
CA GLY D 6 5.40 -35.66 24.83
C GLY D 6 5.34 -34.85 23.54
N ILE D 7 5.02 -35.49 22.41
CA ILE D 7 5.03 -34.82 21.12
C ILE D 7 3.65 -34.74 20.51
N ILE D 8 3.19 -33.51 20.22
CA ILE D 8 1.89 -33.33 19.60
C ILE D 8 2.05 -33.12 18.13
N GLY D 9 1.62 -34.09 17.34
CA GLY D 9 1.68 -33.99 15.89
C GLY D 9 2.64 -34.97 15.25
N ALA D 10 2.15 -35.68 14.23
CA ALA D 10 2.98 -36.65 13.51
C ALA D 10 3.23 -36.19 12.09
N GLY D 11 3.63 -34.93 11.97
CA GLY D 11 4.11 -34.42 10.69
C GLY D 11 5.62 -34.61 10.64
N PRO D 12 6.29 -33.98 9.66
CA PRO D 12 7.76 -34.08 9.61
C PRO D 12 8.42 -33.64 10.90
N ALA D 13 7.98 -32.54 11.52
CA ALA D 13 8.61 -32.07 12.76
C ALA D 13 8.53 -33.11 13.91
N GLY D 14 7.33 -33.60 14.22
CA GLY D 14 7.13 -34.53 15.32
C GLY D 14 7.82 -35.87 15.09
N LEU D 15 7.69 -36.38 13.87
CA LEU D 15 8.30 -37.67 13.54
C LEU D 15 9.83 -37.59 13.54
N LEU D 16 10.43 -36.54 12.92
CA LEU D 16 11.88 -36.38 12.91
C LEU D 16 12.39 -36.19 14.34
N LEU D 17 11.69 -35.38 15.16
CA LEU D 17 12.12 -35.17 16.54
C LEU D 17 12.09 -36.50 17.32
N SER D 18 10.98 -37.25 17.23
CA SER D 18 10.86 -38.52 17.97
C SER D 18 12.00 -39.49 17.60
N HIS D 19 12.35 -39.55 16.31
CA HIS D 19 13.42 -40.45 15.88
C HIS D 19 14.82 -39.95 16.27
N LEU D 20 15.05 -38.64 16.21
CA LEU D 20 16.34 -38.06 16.65
C LEU D 20 16.54 -38.35 18.15
N LEU D 21 15.46 -38.24 18.94
CA LEU D 21 15.52 -38.52 20.38
C LEU D 21 15.79 -40.00 20.63
N TYR D 22 15.13 -40.88 19.86
CA TYR D 22 15.34 -42.33 19.97
C TYR D 22 16.81 -42.68 19.73
N LEU D 23 17.43 -42.07 18.70
CA LEU D 23 18.83 -42.30 18.38
C LEU D 23 19.79 -41.89 19.50
N GLN D 24 19.32 -41.08 20.46
CA GLN D 24 20.11 -40.68 21.62
C GLN D 24 19.60 -41.28 22.96
N GLY D 25 18.72 -42.26 22.89
CA GLY D 25 18.18 -42.93 24.07
C GLY D 25 17.17 -42.14 24.87
N ILE D 26 16.48 -41.19 24.23
CA ILE D 26 15.46 -40.37 24.88
C ILE D 26 14.08 -40.83 24.41
N GLU D 27 13.20 -41.17 25.37
CA GLU D 27 11.87 -41.66 25.08
C GLU D 27 10.86 -40.54 24.76
N SER D 28 9.88 -40.88 23.95
CA SER D 28 8.84 -39.96 23.57
C SER D 28 7.54 -40.70 23.26
N ILE D 29 6.42 -39.95 23.30
CA ILE D 29 5.12 -40.48 22.91
C ILE D 29 4.53 -39.45 21.94
N ILE D 30 4.10 -39.91 20.75
CA ILE D 30 3.47 -38.99 19.79
C ILE D 30 1.97 -39.17 19.78
N ILE D 31 1.21 -38.07 19.76
CA ILE D 31 -0.24 -38.13 19.56
C ILE D 31 -0.56 -37.40 18.25
N GLU D 32 -1.48 -37.94 17.45
CA GLU D 32 -1.82 -37.39 16.15
C GLU D 32 -3.35 -37.46 16.00
N ASN D 33 -4.02 -36.32 15.71
CA ASN D 33 -5.48 -36.31 15.65
C ASN D 33 -6.06 -36.89 14.36
N ARG D 34 -5.25 -37.08 13.32
CA ARG D 34 -5.72 -37.71 12.09
C ARG D 34 -5.31 -39.21 12.07
N THR D 35 -5.87 -40.00 11.15
CA THR D 35 -5.51 -41.42 11.06
C THR D 35 -4.15 -41.55 10.37
N ARG D 36 -3.50 -42.73 10.49
CA ARG D 36 -2.24 -43.00 9.81
C ARG D 36 -2.45 -42.91 8.29
N GLU D 37 -3.60 -43.42 7.80
CA GLU D 37 -3.98 -43.37 6.40
C GLU D 37 -4.04 -41.93 5.91
N GLU D 38 -4.63 -41.03 6.70
CA GLU D 38 -4.75 -39.62 6.33
C GLU D 38 -3.39 -38.95 6.22
N ILE D 39 -2.52 -39.13 7.24
CA ILE D 39 -1.22 -38.47 7.22
C ILE D 39 -0.34 -39.03 6.12
N GLU D 40 -0.44 -40.33 5.83
CA GLU D 40 0.35 -40.93 4.76
C GLU D 40 -0.22 -40.68 3.36
N GLY D 41 -1.42 -40.10 3.27
CA GLY D 41 -2.09 -39.93 2.01
C GLY D 41 -2.18 -38.55 1.43
N THR D 42 -1.34 -37.61 1.87
CA THR D 42 -1.35 -36.27 1.31
C THR D 42 -0.70 -36.19 -0.07
N ILE D 43 -1.05 -35.14 -0.84
CA ILE D 43 -0.41 -34.91 -2.13
C ILE D 43 0.60 -33.74 -2.03
N ARG D 44 1.04 -33.41 -0.79
CA ARG D 44 1.98 -32.36 -0.48
C ARG D 44 3.28 -32.61 -1.18
N ALA D 45 3.84 -31.52 -1.64
CA ALA D 45 5.12 -31.34 -2.29
C ALA D 45 6.24 -32.14 -1.59
N GLY D 46 7.38 -32.32 -2.25
CA GLY D 46 8.48 -33.04 -1.64
C GLY D 46 9.85 -32.44 -1.95
N VAL D 47 9.90 -31.13 -2.25
CA VAL D 47 11.18 -30.48 -2.53
C VAL D 47 11.98 -30.46 -1.23
N LEU D 48 13.08 -31.20 -1.21
CA LEU D 48 13.94 -31.31 -0.05
C LEU D 48 15.24 -30.57 -0.22
N GLU D 49 15.64 -29.84 0.80
CA GLU D 49 16.91 -29.16 0.82
C GLU D 49 18.01 -30.21 1.05
N GLN D 50 19.25 -29.90 0.65
CA GLN D 50 20.38 -30.78 0.89
C GLN D 50 20.54 -31.13 2.38
N GLY D 51 20.24 -30.18 3.27
CA GLY D 51 20.33 -30.43 4.71
C GLY D 51 19.34 -31.46 5.21
N THR D 52 18.14 -31.49 4.61
CA THR D 52 17.11 -32.46 4.98
C THR D 52 17.48 -33.85 4.45
N VAL D 53 18.05 -33.92 3.23
CA VAL D 53 18.53 -35.17 2.65
C VAL D 53 19.65 -35.73 3.55
N ASP D 54 20.61 -34.87 3.93
CA ASP D 54 21.70 -35.28 4.81
C ASP D 54 21.17 -35.81 6.15
N LEU D 55 20.18 -35.12 6.72
CA LEU D 55 19.56 -35.51 7.98
C LEU D 55 18.90 -36.89 7.90
N MET D 56 18.09 -37.12 6.86
CA MET D 56 17.43 -38.42 6.68
C MET D 56 18.48 -39.54 6.57
N ASN D 57 19.57 -39.29 5.83
CA ASN D 57 20.64 -40.31 5.71
C ASN D 57 21.40 -40.51 7.03
N GLN D 58 21.68 -39.41 7.74
CA GLN D 58 22.37 -39.46 9.06
C GLN D 58 21.57 -40.27 10.06
N MET D 59 20.23 -40.14 10.01
CA MET D 59 19.32 -40.84 10.91
C MET D 59 19.05 -42.31 10.55
N GLY D 60 19.58 -42.79 9.43
CA GLY D 60 19.36 -44.16 9.00
C GLY D 60 17.98 -44.41 8.40
N VAL D 61 17.28 -43.35 7.99
CA VAL D 61 15.92 -43.46 7.42
C VAL D 61 15.83 -42.93 5.99
N GLY D 62 16.96 -42.81 5.30
CA GLY D 62 16.99 -42.24 3.96
C GLY D 62 17.05 -43.18 2.79
N ALA D 63 17.09 -44.51 3.02
CA ALA D 63 17.22 -45.48 1.92
C ALA D 63 16.16 -45.34 0.83
N ARG D 64 14.85 -45.27 1.19
CA ARG D 64 13.83 -45.18 0.15
C ARG D 64 13.85 -43.83 -0.56
N MET D 65 14.22 -42.76 0.14
CA MET D 65 14.38 -41.42 -0.42
C MET D 65 15.46 -41.47 -1.52
N MET D 66 16.58 -42.18 -1.27
CA MET D 66 17.66 -42.25 -2.24
C MET D 66 17.29 -43.15 -3.44
N LYS D 67 16.52 -44.21 -3.19
CA LYS D 67 16.15 -45.16 -4.25
C LYS D 67 15.02 -44.61 -5.13
N GLU D 68 14.03 -43.96 -4.52
CA GLU D 68 12.82 -43.52 -5.20
C GLU D 68 12.72 -42.03 -5.48
N GLY D 69 13.57 -41.23 -4.85
CA GLY D 69 13.56 -39.79 -5.09
C GLY D 69 13.98 -39.43 -6.50
N HIS D 70 13.66 -38.19 -6.94
CA HIS D 70 14.02 -37.70 -8.28
C HIS D 70 15.05 -36.62 -8.11
N PHE D 71 16.20 -36.80 -8.75
CA PHE D 71 17.36 -35.91 -8.63
C PHE D 71 17.57 -35.17 -9.92
N HIS D 72 17.26 -33.86 -9.91
CA HIS D 72 17.35 -32.99 -11.09
C HIS D 72 18.56 -32.08 -11.02
N GLU D 73 19.17 -31.77 -12.18
CA GLU D 73 20.33 -30.85 -12.20
C GLU D 73 19.95 -29.36 -12.07
N GLY D 74 18.68 -29.03 -12.28
CA GLY D 74 18.24 -27.65 -12.17
C GLY D 74 16.74 -27.47 -12.25
N PHE D 75 16.34 -26.21 -12.46
CA PHE D 75 14.95 -25.80 -12.60
C PHE D 75 14.90 -24.60 -13.55
N GLU D 76 13.72 -24.22 -14.00
CA GLU D 76 13.57 -23.11 -14.94
C GLU D 76 12.82 -21.92 -14.39
N LEU D 77 13.29 -20.71 -14.72
CA LEU D 77 12.57 -19.46 -14.46
C LEU D 77 12.10 -19.02 -15.83
N ARG D 78 10.79 -18.90 -16.02
CA ARG D 78 10.24 -18.54 -17.32
C ARG D 78 9.60 -17.18 -17.21
N PHE D 79 9.96 -16.27 -18.11
CA PHE D 79 9.41 -14.92 -18.09
C PHE D 79 9.63 -14.27 -19.43
N ASN D 80 8.76 -13.32 -19.80
CA ASN D 80 8.83 -12.66 -21.11
C ASN D 80 8.83 -13.67 -22.28
N GLY D 81 8.10 -14.77 -22.10
CA GLY D 81 7.95 -15.81 -23.11
C GLY D 81 9.21 -16.62 -23.39
N ARG D 82 10.14 -16.66 -22.43
CA ARG D 82 11.36 -17.41 -22.59
C ARG D 82 11.72 -18.17 -21.32
N GLY D 83 12.20 -19.39 -21.48
CA GLY D 83 12.67 -20.19 -20.36
C GLY D 83 14.14 -19.94 -20.13
N HIS D 84 14.55 -19.85 -18.85
CA HIS D 84 15.92 -19.61 -18.44
C HIS D 84 16.27 -20.65 -17.42
N ARG D 85 17.19 -21.54 -17.77
CA ARG D 85 17.56 -22.61 -16.87
C ARG D 85 18.54 -22.16 -15.77
N ILE D 86 18.28 -22.57 -14.52
CA ILE D 86 19.18 -22.33 -13.39
C ILE D 86 19.82 -23.71 -13.19
N ASN D 87 21.03 -23.87 -13.66
CA ASN D 87 21.72 -25.16 -13.56
C ASN D 87 22.35 -25.29 -12.18
N VAL D 88 21.54 -25.73 -11.20
CA VAL D 88 21.95 -25.91 -9.81
C VAL D 88 23.19 -26.81 -9.70
N HIS D 89 23.20 -27.92 -10.43
CA HIS D 89 24.32 -28.88 -10.42
C HIS D 89 25.64 -28.22 -10.82
N GLU D 90 25.64 -27.40 -11.87
CA GLU D 90 26.83 -26.69 -12.30
C GLU D 90 27.21 -25.58 -11.30
N LEU D 91 26.24 -24.76 -10.88
CA LEU D 91 26.49 -23.62 -9.99
C LEU D 91 26.92 -23.96 -8.57
N THR D 92 26.55 -25.14 -8.07
CA THR D 92 26.89 -25.53 -6.69
C THR D 92 28.05 -26.53 -6.58
N GLY D 93 28.67 -26.87 -7.70
CA GLY D 93 29.76 -27.83 -7.71
C GLY D 93 29.32 -29.28 -7.51
N GLY D 94 28.18 -29.65 -8.06
CA GLY D 94 27.73 -31.03 -8.00
C GLY D 94 26.47 -31.42 -7.25
N LYS D 95 25.76 -30.44 -6.64
CA LYS D 95 24.53 -30.78 -5.92
C LYS D 95 23.32 -30.94 -6.85
N TYR D 96 22.23 -31.56 -6.37
CA TYR D 96 21.02 -31.75 -7.17
C TYR D 96 19.80 -31.16 -6.46
N VAL D 97 18.75 -30.87 -7.23
CA VAL D 97 17.46 -30.49 -6.67
C VAL D 97 16.79 -31.85 -6.38
N THR D 98 16.49 -32.11 -5.09
CA THR D 98 15.91 -33.38 -4.68
C THR D 98 14.43 -33.28 -4.46
N VAL D 99 13.66 -34.22 -5.04
CA VAL D 99 12.23 -34.26 -4.78
C VAL D 99 11.84 -35.66 -4.33
N TYR D 100 11.23 -35.71 -3.15
CA TYR D 100 10.74 -36.94 -2.55
C TYR D 100 9.55 -36.49 -1.71
N ALA D 101 8.32 -36.71 -2.26
CA ALA D 101 7.04 -36.29 -1.67
C ALA D 101 6.97 -36.35 -0.16
N GLN D 102 6.40 -35.30 0.45
CA GLN D 102 6.25 -35.24 1.91
C GLN D 102 5.53 -36.47 2.48
N HIS D 103 4.51 -37.00 1.77
CA HIS D 103 3.79 -38.19 2.24
C HIS D 103 4.69 -39.43 2.29
N GLU D 104 5.70 -39.48 1.41
CA GLU D 104 6.65 -40.58 1.41
C GLU D 104 7.56 -40.45 2.60
N VAL D 105 8.00 -39.23 2.91
CA VAL D 105 8.84 -38.95 4.09
C VAL D 105 8.09 -39.36 5.35
N ILE D 106 6.80 -38.99 5.44
CA ILE D 106 5.96 -39.36 6.57
C ILE D 106 5.85 -40.88 6.70
N LYS D 107 5.55 -41.57 5.60
CA LYS D 107 5.48 -43.04 5.61
C LYS D 107 6.80 -43.68 6.14
N ASP D 108 7.95 -43.19 5.64
CA ASP D 108 9.23 -43.73 6.07
C ASP D 108 9.48 -43.52 7.54
N LEU D 109 9.17 -42.31 8.05
CA LEU D 109 9.40 -42.00 9.47
C LEU D 109 8.41 -42.74 10.38
N VAL D 110 7.14 -42.87 10.00
CA VAL D 110 6.17 -43.64 10.80
C VAL D 110 6.66 -45.11 10.90
N ALA D 111 7.04 -45.71 9.76
CA ALA D 111 7.55 -47.08 9.73
C ALA D 111 8.80 -47.27 10.58
N ALA D 112 9.75 -46.36 10.49
CA ALA D 112 10.98 -46.43 11.27
C ALA D 112 10.67 -46.30 12.76
N ARG D 113 9.77 -45.36 13.12
CA ARG D 113 9.39 -45.18 14.51
C ARG D 113 8.71 -46.44 15.07
N LEU D 114 7.72 -47.00 14.35
CA LEU D 114 7.03 -48.19 14.83
C LEU D 114 7.94 -49.40 14.95
N GLN D 115 8.88 -49.53 14.02
CA GLN D 115 9.84 -50.62 14.04
C GLN D 115 10.85 -50.54 15.19
N THR D 116 11.11 -49.32 15.68
CA THR D 116 12.07 -49.14 16.76
C THR D 116 11.41 -48.97 18.15
N GLY D 117 10.18 -49.46 18.30
CA GLY D 117 9.45 -49.42 19.56
C GLY D 117 8.77 -48.12 19.89
N GLY D 118 8.66 -47.24 18.91
CA GLY D 118 8.04 -45.94 19.08
C GLY D 118 6.56 -46.01 19.39
N GLN D 119 6.09 -45.10 20.25
CA GLN D 119 4.70 -45.03 20.64
C GLN D 119 4.01 -43.89 19.88
N ILE D 120 3.04 -44.23 19.03
CA ILE D 120 2.27 -43.24 18.27
C ILE D 120 0.78 -43.56 18.40
N HIS D 121 -0.02 -42.58 18.84
CA HIS D 121 -1.47 -42.74 18.94
C HIS D 121 -2.10 -41.96 17.79
N PHE D 122 -2.78 -42.65 16.90
CA PHE D 122 -3.46 -41.99 15.77
C PHE D 122 -4.94 -41.76 16.10
N ASN D 123 -5.58 -40.83 15.37
CA ASN D 123 -7.00 -40.51 15.49
C ASN D 123 -7.40 -40.05 16.89
N VAL D 124 -6.49 -39.36 17.61
CA VAL D 124 -6.82 -38.86 18.95
C VAL D 124 -7.80 -37.68 18.84
N GLY D 125 -8.54 -37.43 19.91
CA GLY D 125 -9.43 -36.28 19.97
C GLY D 125 -9.31 -35.58 21.32
N ASP D 126 -10.00 -34.45 21.45
CA ASP D 126 -10.08 -33.70 22.72
C ASP D 126 -8.70 -33.44 23.35
N VAL D 127 -7.76 -32.90 22.56
CA VAL D 127 -6.39 -32.68 23.02
C VAL D 127 -6.22 -31.37 23.80
N SER D 128 -5.51 -31.44 24.93
CA SER D 128 -5.23 -30.23 25.71
C SER D 128 -3.87 -30.30 26.39
N LEU D 129 -3.27 -29.12 26.63
CA LEU D 129 -1.96 -29.00 27.28
C LEU D 129 -2.15 -28.42 28.67
N HIS D 130 -1.38 -28.90 29.66
CA HIS D 130 -1.53 -28.43 31.03
C HIS D 130 -0.19 -28.28 31.72
N ASP D 131 -0.12 -27.33 32.67
CA ASP D 131 1.05 -27.07 33.51
C ASP D 131 2.35 -26.95 32.74
N VAL D 132 2.32 -26.28 31.57
CA VAL D 132 3.53 -26.13 30.75
C VAL D 132 4.58 -25.24 31.46
N ASP D 133 4.15 -24.33 32.35
CA ASP D 133 5.02 -23.44 33.12
C ASP D 133 5.53 -24.11 34.40
N THR D 134 5.55 -25.45 34.45
CA THR D 134 6.02 -26.21 35.61
C THR D 134 7.05 -27.28 35.14
N SER D 135 7.73 -27.95 36.08
CA SER D 135 8.63 -29.05 35.74
C SER D 135 7.86 -30.35 35.40
N SER D 136 6.51 -30.37 35.50
CA SER D 136 5.73 -31.54 35.16
C SER D 136 4.58 -31.22 34.18
N PRO D 137 4.89 -30.85 32.92
CA PRO D 137 3.81 -30.59 31.95
C PRO D 137 3.03 -31.86 31.63
N LYS D 138 1.78 -31.71 31.21
CA LYS D 138 0.93 -32.85 30.91
C LYS D 138 0.17 -32.64 29.61
N ILE D 139 -0.06 -33.73 28.87
CA ILE D 139 -0.88 -33.69 27.67
C ILE D 139 -2.10 -34.57 27.95
N ARG D 140 -3.32 -34.07 27.69
CA ARG D 140 -4.52 -34.89 27.85
C ARG D 140 -5.17 -35.11 26.49
N PHE D 141 -5.72 -36.30 26.26
CA PHE D 141 -6.32 -36.64 24.96
C PHE D 141 -7.23 -37.87 25.09
N ARG D 142 -8.06 -38.13 24.09
CA ARG D 142 -8.90 -39.32 24.06
C ARG D 142 -8.49 -40.15 22.87
N PRO D 143 -8.14 -41.42 23.08
CA PRO D 143 -7.77 -42.27 21.94
C PRO D 143 -9.00 -42.57 21.08
N ASN D 144 -8.81 -42.61 19.77
CA ASN D 144 -9.86 -42.89 18.79
C ASN D 144 -11.06 -41.96 18.90
N LYS D 145 -10.78 -40.66 19.14
CA LYS D 145 -11.75 -39.57 19.23
C LYS D 145 -12.63 -39.58 20.47
N ASP D 146 -13.17 -40.76 20.85
CA ASP D 146 -14.10 -40.82 21.98
C ASP D 146 -13.73 -41.82 23.08
N GLY D 147 -12.46 -42.17 23.17
CA GLY D 147 -11.99 -43.05 24.22
C GLY D 147 -11.95 -42.36 25.56
N GLU D 148 -11.60 -43.11 26.60
CA GLU D 148 -11.49 -42.54 27.94
C GLU D 148 -10.35 -41.52 27.98
N LEU D 149 -10.52 -40.42 28.73
CA LEU D 149 -9.51 -39.39 28.85
C LEU D 149 -8.21 -39.94 29.41
N GLN D 150 -7.13 -39.78 28.64
CA GLN D 150 -5.81 -40.26 29.01
C GLN D 150 -4.86 -39.09 29.21
N GLU D 151 -3.80 -39.33 29.99
CA GLU D 151 -2.82 -38.29 30.27
C GLU D 151 -1.40 -38.77 30.06
N ILE D 152 -0.57 -37.92 29.44
CA ILE D 152 0.84 -38.17 29.23
C ILE D 152 1.56 -37.25 30.19
N GLU D 153 2.30 -37.82 31.14
CA GLU D 153 3.10 -37.04 32.07
C GLU D 153 4.49 -37.01 31.47
N CYS D 154 5.03 -35.82 31.23
CA CYS D 154 6.36 -35.71 30.60
C CYS D 154 7.20 -34.58 31.20
N ASP D 155 8.46 -34.46 30.78
CA ASP D 155 9.33 -33.38 31.24
C ASP D 155 9.22 -32.18 30.27
N PHE D 156 8.97 -32.45 28.98
CA PHE D 156 8.86 -31.44 27.94
C PHE D 156 7.73 -31.78 26.98
N ILE D 157 7.09 -30.76 26.44
CA ILE D 157 6.08 -30.96 25.41
C ILE D 157 6.64 -30.31 24.15
N ALA D 158 6.65 -31.06 23.04
CA ALA D 158 7.07 -30.52 21.77
C ALA D 158 5.80 -30.31 20.96
N GLY D 159 5.52 -29.04 20.65
CA GLY D 159 4.38 -28.64 19.86
C GLY D 159 4.71 -28.72 18.40
N CYS D 160 4.47 -29.89 17.78
CA CYS D 160 4.76 -30.10 16.37
C CYS D 160 3.44 -30.30 15.63
N ASP D 161 2.41 -29.55 16.01
CA ASP D 161 1.05 -29.74 15.57
C ASP D 161 0.53 -28.78 14.48
N GLY D 162 1.42 -28.17 13.73
CA GLY D 162 1.03 -27.32 12.62
C GLY D 162 0.42 -25.99 12.97
N PHE D 163 0.08 -25.20 11.95
CA PHE D 163 -0.39 -23.85 12.13
C PHE D 163 -1.61 -23.73 13.04
N ARG D 164 -2.57 -24.65 12.94
CA ARG D 164 -3.79 -24.58 13.73
C ARG D 164 -3.86 -25.57 14.91
N GLY D 165 -2.71 -26.06 15.37
CA GLY D 165 -2.70 -26.95 16.50
C GLY D 165 -2.94 -26.26 17.83
N PRO D 166 -3.13 -27.04 18.90
CA PRO D 166 -3.36 -26.42 20.22
C PRO D 166 -2.11 -25.90 20.94
N SER D 167 -0.89 -26.22 20.47
CA SER D 167 0.31 -25.84 21.20
C SER D 167 0.65 -24.36 21.17
N ARG D 168 0.58 -23.69 20.00
CA ARG D 168 0.91 -22.25 19.96
C ARG D 168 0.01 -21.42 20.90
N PRO D 169 -1.33 -21.64 20.97
CA PRO D 169 -2.14 -20.88 21.95
C PRO D 169 -1.75 -21.10 23.41
N ALA D 170 -1.04 -22.22 23.71
CA ALA D 170 -0.56 -22.47 25.07
C ALA D 170 0.59 -21.53 25.48
N ILE D 171 1.18 -20.77 24.52
CA ILE D 171 2.15 -19.75 24.86
C ILE D 171 1.28 -18.51 25.01
N PRO D 172 1.20 -17.94 26.22
CA PRO D 172 0.31 -16.80 26.43
C PRO D 172 0.52 -15.65 25.45
N GLN D 173 -0.58 -15.01 25.04
CA GLN D 173 -0.57 -13.87 24.14
C GLN D 173 0.32 -12.74 24.68
N SER D 174 0.35 -12.54 26.01
CA SER D 174 1.16 -11.50 26.64
C SER D 174 2.68 -11.73 26.57
N VAL D 175 3.12 -12.91 26.13
CA VAL D 175 4.52 -13.26 26.02
C VAL D 175 5.00 -13.36 24.56
N ARG D 176 4.08 -13.62 23.61
CA ARG D 176 4.49 -13.76 22.23
C ARG D 176 4.25 -12.51 21.34
N LYS D 177 5.09 -12.39 20.32
CA LYS D 177 5.03 -11.37 19.28
C LYS D 177 4.90 -12.10 17.98
N GLU D 178 3.93 -11.72 17.17
CA GLU D 178 3.71 -12.36 15.89
C GLU D 178 3.97 -11.38 14.76
N TYR D 179 4.52 -11.90 13.68
CA TYR D 179 4.90 -11.17 12.49
C TYR D 179 4.18 -11.88 11.36
N GLN D 180 3.55 -11.14 10.47
CA GLN D 180 2.83 -11.78 9.37
C GLN D 180 2.73 -10.90 8.14
N LYS D 181 2.51 -11.55 6.99
CA LYS D 181 2.27 -10.90 5.74
C LYS D 181 1.19 -11.67 5.04
N VAL D 182 0.18 -10.98 4.50
CA VAL D 182 -0.90 -11.59 3.72
C VAL D 182 -0.64 -11.23 2.30
N TYR D 183 -0.36 -12.23 1.46
CA TYR D 183 -0.04 -11.95 0.07
C TYR D 183 -1.34 -11.65 -0.68
N PRO D 184 -1.33 -10.70 -1.62
CA PRO D 184 -2.58 -10.35 -2.33
C PRO D 184 -2.94 -11.33 -3.45
N PHE D 185 -2.72 -12.60 -3.20
CA PHE D 185 -2.97 -13.68 -4.17
C PHE D 185 -2.88 -15.03 -3.43
N SER D 186 -3.48 -16.05 -4.00
CA SER D 186 -3.47 -17.40 -3.49
C SER D 186 -3.04 -18.33 -4.65
N TRP D 187 -2.91 -19.63 -4.40
CA TRP D 187 -2.61 -20.57 -5.46
C TRP D 187 -3.84 -21.45 -5.70
N LEU D 188 -4.12 -21.77 -6.95
CA LEU D 188 -5.12 -22.77 -7.31
C LEU D 188 -4.23 -23.95 -7.71
N GLY D 189 -4.24 -25.00 -6.91
CA GLY D 189 -3.44 -26.19 -7.16
C GLY D 189 -4.30 -27.28 -7.76
N ILE D 190 -3.74 -28.02 -8.73
CA ILE D 190 -4.43 -29.11 -9.42
C ILE D 190 -3.57 -30.37 -9.48
N LEU D 191 -4.21 -31.54 -9.34
CA LEU D 191 -3.51 -32.81 -9.46
C LEU D 191 -4.03 -33.40 -10.78
N VAL D 192 -3.14 -33.69 -11.73
CA VAL D 192 -3.55 -34.09 -13.07
C VAL D 192 -2.99 -35.42 -13.52
N GLU D 193 -3.76 -36.17 -14.32
CA GLU D 193 -3.25 -37.41 -14.89
C GLU D 193 -2.75 -37.15 -16.29
N ALA D 194 -1.44 -36.94 -16.45
CA ALA D 194 -0.81 -36.67 -17.76
C ALA D 194 0.71 -36.83 -17.69
N PRO D 195 1.41 -37.09 -18.80
CA PRO D 195 2.89 -37.14 -18.74
C PRO D 195 3.49 -35.75 -18.44
N PRO D 196 4.75 -35.66 -17.94
CA PRO D 196 5.31 -34.34 -17.65
C PRO D 196 5.64 -33.55 -18.89
N SER D 197 5.32 -32.27 -18.86
CA SER D 197 5.59 -31.38 -19.99
C SER D 197 7.09 -31.06 -20.15
N ALA D 198 7.86 -31.18 -19.06
CA ALA D 198 9.28 -30.90 -19.03
C ALA D 198 9.96 -31.81 -17.97
N HIS D 199 11.29 -31.92 -18.02
CA HIS D 199 12.03 -32.78 -17.09
C HIS D 199 12.29 -32.13 -15.73
N GLU D 200 12.27 -30.80 -15.68
CA GLU D 200 12.53 -30.08 -14.44
C GLU D 200 11.39 -29.08 -14.11
N LEU D 201 11.33 -28.62 -12.86
CA LEU D 201 10.28 -27.67 -12.44
C LEU D 201 10.33 -26.39 -13.26
N ILE D 202 9.14 -25.75 -13.46
CA ILE D 202 9.03 -24.51 -14.19
C ILE D 202 8.33 -23.49 -13.32
N TYR D 203 9.02 -22.41 -12.96
CA TYR D 203 8.44 -21.32 -12.18
C TYR D 203 8.25 -20.20 -13.21
N ALA D 204 7.00 -19.88 -13.56
CA ALA D 204 6.73 -18.91 -14.62
C ALA D 204 6.09 -17.63 -14.14
N ASN D 205 6.63 -16.49 -14.58
CA ASN D 205 6.06 -15.19 -14.30
C ASN D 205 5.48 -14.76 -15.66
N HIS D 206 4.22 -14.45 -15.71
CA HIS D 206 3.58 -13.98 -16.94
C HIS D 206 2.82 -12.71 -16.62
N GLU D 207 2.50 -11.88 -17.64
CA GLU D 207 1.71 -10.67 -17.42
C GLU D 207 0.38 -10.98 -16.74
N ARG D 208 -0.22 -12.16 -17.03
CA ARG D 208 -1.48 -12.59 -16.44
C ARG D 208 -1.37 -13.18 -15.02
N GLY D 209 -0.15 -13.52 -14.59
CA GLY D 209 0.08 -14.10 -13.28
C GLY D 209 1.07 -15.25 -13.31
N PHE D 210 1.38 -15.77 -12.13
CA PHE D 210 2.32 -16.87 -11.95
C PHE D 210 1.71 -18.21 -12.25
N ALA D 211 2.56 -19.15 -12.66
CA ALA D 211 2.21 -20.56 -12.88
C ALA D 211 3.42 -21.41 -12.47
N LEU D 212 3.16 -22.58 -11.91
CA LEU D 212 4.21 -23.49 -11.48
C LEU D 212 3.88 -24.86 -12.01
N VAL D 213 4.83 -25.47 -12.75
CA VAL D 213 4.67 -26.81 -13.28
C VAL D 213 5.59 -27.72 -12.48
N SER D 214 4.98 -28.56 -11.67
CA SER D 214 5.73 -29.53 -10.87
C SER D 214 5.27 -30.94 -11.24
N THR D 215 5.78 -31.95 -10.53
CA THR D 215 5.46 -33.34 -10.86
C THR D 215 5.37 -34.20 -9.59
N ARG D 216 4.78 -35.38 -9.73
CA ARG D 216 4.70 -36.36 -8.64
C ARG D 216 5.31 -37.67 -9.13
N SER D 217 4.95 -38.07 -10.35
CA SER D 217 5.45 -39.28 -10.98
C SER D 217 5.37 -39.14 -12.53
N PRO D 218 5.88 -40.11 -13.33
CA PRO D 218 5.71 -40.01 -14.79
C PRO D 218 4.24 -39.96 -15.22
N GLN D 219 3.29 -40.35 -14.34
CA GLN D 219 1.89 -40.40 -14.70
C GLN D 219 1.07 -39.24 -14.11
N ILE D 220 1.53 -38.67 -12.97
CA ILE D 220 0.79 -37.67 -12.21
C ILE D 220 1.57 -36.37 -12.08
N GLN D 221 0.95 -35.24 -12.50
CA GLN D 221 1.60 -33.94 -12.42
C GLN D 221 0.89 -33.04 -11.43
N ARG D 222 1.64 -32.07 -10.86
CA ARG D 222 1.07 -31.12 -9.90
C ARG D 222 1.32 -29.73 -10.49
N LEU D 223 0.26 -28.93 -10.71
CA LEU D 223 0.42 -27.59 -11.28
C LEU D 223 -0.30 -26.55 -10.42
N TYR D 224 0.18 -25.30 -10.48
CA TYR D 224 -0.45 -24.23 -9.72
C TYR D 224 -0.60 -22.98 -10.56
N LEU D 225 -1.70 -22.24 -10.34
CA LEU D 225 -1.97 -20.95 -10.97
C LEU D 225 -2.12 -19.95 -9.85
N GLN D 226 -1.49 -18.77 -9.98
CA GLN D 226 -1.78 -17.69 -9.04
C GLN D 226 -3.24 -17.23 -9.36
N VAL D 227 -4.04 -17.03 -8.32
CA VAL D 227 -5.39 -16.49 -8.47
C VAL D 227 -5.57 -15.39 -7.42
N ASP D 228 -6.61 -14.55 -7.58
CA ASP D 228 -6.95 -13.52 -6.59
C ASP D 228 -7.29 -14.20 -5.26
N ALA D 229 -6.83 -13.64 -4.13
CA ALA D 229 -7.00 -14.28 -2.82
C ALA D 229 -8.46 -14.61 -2.41
N GLN D 230 -9.46 -13.88 -2.92
CA GLN D 230 -10.86 -14.21 -2.61
C GLN D 230 -11.44 -15.30 -3.50
N ASP D 231 -10.78 -15.63 -4.62
CA ASP D 231 -11.33 -16.59 -5.57
C ASP D 231 -11.69 -17.92 -4.94
N HIS D 232 -12.75 -18.48 -5.46
CA HIS D 232 -13.34 -19.77 -5.08
C HIS D 232 -13.05 -20.74 -6.20
N ILE D 233 -12.98 -22.05 -5.88
CA ILE D 233 -12.80 -23.06 -6.90
C ILE D 233 -14.00 -23.10 -7.88
N ASP D 234 -15.20 -22.65 -7.47
CA ASP D 234 -16.36 -22.64 -8.38
C ASP D 234 -16.27 -21.54 -9.46
N ASN D 235 -15.34 -20.59 -9.32
CA ASN D 235 -15.05 -19.58 -10.35
C ASN D 235 -14.09 -20.16 -11.42
N TRP D 236 -13.55 -21.39 -11.22
CA TRP D 236 -12.55 -21.97 -12.08
C TRP D 236 -12.93 -23.32 -12.63
N SER D 237 -13.56 -23.32 -13.80
CA SER D 237 -13.88 -24.56 -14.49
C SER D 237 -12.58 -25.20 -14.98
N ASP D 238 -12.63 -26.50 -15.37
CA ASP D 238 -11.44 -27.17 -15.90
C ASP D 238 -10.95 -26.46 -17.16
N ASP D 239 -11.89 -26.02 -18.02
CA ASP D 239 -11.58 -25.28 -19.24
C ASP D 239 -10.82 -23.97 -18.93
N ARG D 240 -11.31 -23.21 -17.93
CA ARG D 240 -10.66 -21.95 -17.56
C ARG D 240 -9.26 -22.18 -16.99
N ILE D 241 -9.10 -23.26 -16.21
CA ILE D 241 -7.80 -23.58 -15.62
C ILE D 241 -6.76 -23.89 -16.72
N TRP D 242 -7.11 -24.81 -17.62
CA TRP D 242 -6.19 -25.17 -18.69
C TRP D 242 -5.91 -23.99 -19.67
N SER D 243 -6.92 -23.14 -19.98
CA SER D 243 -6.72 -21.97 -20.85
C SER D 243 -5.75 -20.97 -20.21
N GLU D 244 -5.87 -20.75 -18.90
CA GLU D 244 -5.01 -19.83 -18.18
C GLU D 244 -3.58 -20.41 -18.06
N LEU D 245 -3.45 -21.73 -17.83
CA LEU D 245 -2.14 -22.36 -17.75
C LEU D 245 -1.42 -22.25 -19.11
N HIS D 246 -2.14 -22.54 -20.23
CA HIS D 246 -1.55 -22.42 -21.57
C HIS D 246 -1.10 -20.97 -21.83
N ALA D 247 -1.94 -19.98 -21.47
CA ALA D 247 -1.59 -18.57 -21.67
C ALA D 247 -0.36 -18.15 -20.87
N ARG D 248 -0.28 -18.53 -19.58
CA ARG D 248 0.84 -18.13 -18.73
C ARG D 248 2.14 -18.84 -19.02
N LEU D 249 2.06 -20.07 -19.52
CA LEU D 249 3.26 -20.87 -19.82
C LEU D 249 3.74 -20.74 -21.27
N GLU D 250 3.03 -19.96 -22.10
CA GLU D 250 3.38 -19.76 -23.49
C GLU D 250 4.82 -19.24 -23.66
N THR D 251 5.54 -19.79 -24.64
CA THR D 251 6.90 -19.34 -24.96
C THR D 251 6.98 -19.03 -26.45
N ARG D 252 7.94 -18.16 -26.83
CA ARG D 252 8.16 -17.83 -28.24
C ARG D 252 8.58 -19.07 -29.02
N ASP D 253 9.35 -20.00 -28.41
CA ASP D 253 9.76 -21.22 -29.12
C ASP D 253 8.68 -22.34 -29.15
N GLY D 254 7.48 -22.05 -28.65
CA GLY D 254 6.35 -22.98 -28.68
C GLY D 254 6.33 -24.14 -27.70
N PHE D 255 6.13 -23.84 -26.41
CA PHE D 255 6.02 -24.86 -25.35
C PHE D 255 4.74 -25.69 -25.49
N LYS D 256 4.84 -27.01 -25.26
CA LYS D 256 3.66 -27.89 -25.34
C LYS D 256 3.25 -28.33 -23.94
N LEU D 257 2.14 -27.77 -23.43
CA LEU D 257 1.64 -28.14 -22.11
C LEU D 257 0.78 -29.39 -22.25
N LEU D 258 1.13 -30.47 -21.55
CA LEU D 258 0.37 -31.70 -21.65
C LEU D 258 -0.78 -31.69 -20.66
N GLU D 259 -2.01 -31.75 -21.19
CA GLU D 259 -3.17 -31.68 -20.32
C GLU D 259 -3.80 -33.06 -20.04
N GLY D 260 -4.64 -33.11 -19.03
CA GLY D 260 -5.34 -34.33 -18.66
C GLY D 260 -6.44 -34.03 -17.67
N PRO D 261 -7.10 -35.06 -17.17
CA PRO D 261 -8.14 -34.84 -16.17
C PRO D 261 -7.57 -34.25 -14.89
N ILE D 262 -8.31 -33.33 -14.33
CA ILE D 262 -7.96 -32.74 -13.06
C ILE D 262 -8.67 -33.60 -11.98
N PHE D 263 -7.92 -34.48 -11.32
CA PHE D 263 -8.48 -35.34 -10.27
C PHE D 263 -8.83 -34.49 -9.05
N GLN D 264 -7.97 -33.49 -8.74
CA GLN D 264 -8.17 -32.60 -7.61
C GLN D 264 -7.93 -31.16 -7.98
N LYS D 265 -8.72 -30.20 -7.45
CA LYS D 265 -8.48 -28.77 -7.58
C LYS D 265 -8.86 -28.06 -6.27
N GLY D 266 -8.02 -27.13 -5.84
CA GLY D 266 -8.27 -26.42 -4.60
C GLY D 266 -7.45 -25.15 -4.47
N ILE D 267 -7.97 -24.20 -3.70
CA ILE D 267 -7.28 -22.95 -3.50
C ILE D 267 -6.58 -22.95 -2.13
N VAL D 268 -5.30 -22.58 -2.14
CA VAL D 268 -4.53 -22.51 -0.91
C VAL D 268 -3.99 -21.10 -0.73
N SER D 269 -4.26 -20.52 0.44
CA SER D 269 -3.80 -19.18 0.73
C SER D 269 -2.27 -19.15 0.96
N MET D 270 -1.66 -17.99 0.74
CA MET D 270 -0.21 -17.81 0.86
C MET D 270 0.06 -16.85 2.01
N ARG D 271 0.90 -17.25 3.00
CA ARG D 271 1.18 -16.35 4.09
C ARG D 271 2.58 -16.49 4.61
N SER D 272 3.04 -15.42 5.26
CA SER D 272 4.28 -15.43 5.99
C SER D 272 3.88 -15.25 7.46
N PHE D 273 4.47 -16.01 8.36
CA PHE D 273 4.14 -15.90 9.78
C PHE D 273 5.33 -16.32 10.60
N VAL D 274 5.64 -15.56 11.66
CA VAL D 274 6.72 -15.90 12.57
C VAL D 274 6.21 -15.61 13.98
N CYS D 275 6.35 -16.58 14.90
CA CYS D 275 5.99 -16.41 16.30
C CYS D 275 7.31 -16.35 17.08
N ASP D 276 7.45 -15.36 17.96
CA ASP D 276 8.66 -15.20 18.78
C ASP D 276 8.19 -14.87 20.20
N PRO D 277 8.50 -15.69 21.20
CA PRO D 277 9.38 -16.86 21.15
C PRO D 277 8.70 -18.14 20.67
N MET D 278 9.49 -19.20 20.53
CA MET D 278 8.99 -20.52 20.14
C MET D 278 9.01 -21.47 21.36
N GLN D 279 8.99 -20.92 22.58
CA GLN D 279 9.02 -21.72 23.78
C GLN D 279 8.41 -20.95 24.94
N HIS D 280 7.92 -21.68 25.93
CA HIS D 280 7.33 -21.11 27.13
C HIS D 280 7.40 -22.21 28.17
N GLY D 281 8.28 -22.05 29.15
CA GLY D 281 8.47 -23.05 30.19
C GLY D 281 9.00 -24.35 29.59
N ARG D 282 8.27 -25.44 29.77
CA ARG D 282 8.66 -26.73 29.21
C ARG D 282 8.02 -27.02 27.84
N LEU D 283 7.29 -26.06 27.26
CA LEU D 283 6.68 -26.23 25.94
C LEU D 283 7.60 -25.64 24.87
N PHE D 284 7.89 -26.40 23.82
CA PHE D 284 8.76 -25.94 22.73
C PHE D 284 8.05 -26.19 21.39
N LEU D 285 7.87 -25.14 20.55
CA LEU D 285 7.22 -25.26 19.23
C LEU D 285 8.24 -25.53 18.15
N ALA D 286 7.82 -26.24 17.10
CA ALA D 286 8.69 -26.50 15.96
C ALA D 286 7.83 -26.58 14.69
N GLY D 287 8.42 -26.19 13.57
CA GLY D 287 7.73 -26.26 12.30
C GLY D 287 6.61 -25.26 12.13
N ASP D 288 5.57 -25.65 11.38
CA ASP D 288 4.40 -24.78 11.08
C ASP D 288 3.66 -24.26 12.32
N ALA D 289 3.83 -24.92 13.49
CA ALA D 289 3.23 -24.43 14.74
C ALA D 289 3.88 -23.08 15.13
N ALA D 290 5.12 -22.82 14.70
CA ALA D 290 5.86 -21.61 15.05
C ALA D 290 5.99 -20.59 13.91
N HIS D 291 5.98 -21.04 12.66
CA HIS D 291 6.22 -20.14 11.52
C HIS D 291 5.70 -20.75 10.22
N ILE D 292 5.31 -19.87 9.29
CA ILE D 292 4.80 -20.27 7.97
C ILE D 292 5.53 -19.43 6.90
N VAL D 293 5.78 -20.05 5.74
CA VAL D 293 6.36 -19.36 4.60
C VAL D 293 5.43 -19.59 3.40
N PRO D 294 5.41 -18.65 2.45
CA PRO D 294 4.67 -18.91 1.20
C PRO D 294 5.44 -20.02 0.44
N PRO D 295 4.72 -20.98 -0.16
CA PRO D 295 5.37 -22.20 -0.70
C PRO D 295 6.18 -22.05 -1.97
N THR D 296 6.29 -20.82 -2.50
CA THR D 296 7.13 -20.56 -3.69
C THR D 296 8.59 -21.03 -3.47
N GLY D 297 9.12 -20.84 -2.28
CA GLY D 297 10.49 -21.23 -1.97
C GLY D 297 10.68 -22.66 -1.47
N ALA D 298 9.57 -23.41 -1.18
CA ALA D 298 9.65 -24.80 -0.70
C ALA D 298 10.59 -24.95 0.53
N LYS D 299 10.33 -24.15 1.56
CA LYS D 299 11.17 -24.13 2.76
C LYS D 299 10.48 -24.73 4.02
N GLY D 300 9.17 -24.87 4.01
CA GLY D 300 8.43 -25.28 5.20
C GLY D 300 8.85 -26.56 5.89
N LEU D 301 8.79 -27.70 5.18
CA LEU D 301 9.23 -28.98 5.77
C LEU D 301 10.73 -28.90 6.16
N ASN D 302 11.53 -28.21 5.31
CA ASN D 302 12.94 -28.09 5.58
C ASN D 302 13.24 -27.29 6.86
N LEU D 303 12.44 -26.26 7.14
CA LEU D 303 12.59 -25.47 8.37
C LEU D 303 12.13 -26.27 9.56
N ALA D 304 11.08 -27.08 9.41
CA ALA D 304 10.61 -27.95 10.51
C ALA D 304 11.75 -28.92 10.91
N ALA D 305 12.47 -29.47 9.90
CA ALA D 305 13.58 -30.37 10.16
C ALA D 305 14.74 -29.64 10.85
N ALA D 306 14.98 -28.39 10.48
CA ALA D 306 16.07 -27.63 11.11
C ALA D 306 15.71 -27.31 12.56
N ASP D 307 14.44 -26.92 12.82
CA ASP D 307 14.00 -26.60 14.17
C ASP D 307 14.19 -27.78 15.11
N VAL D 308 13.77 -28.99 14.66
CA VAL D 308 13.82 -30.15 15.55
C VAL D 308 15.25 -30.64 15.80
N GLN D 309 16.19 -30.37 14.88
CA GLN D 309 17.59 -30.73 15.12
C GLN D 309 18.13 -29.90 16.30
N VAL D 310 17.76 -28.62 16.37
CA VAL D 310 18.20 -27.74 17.47
C VAL D 310 17.52 -28.17 18.77
N LEU D 311 16.23 -28.43 18.72
CA LEU D 311 15.48 -28.87 19.91
C LEU D 311 16.03 -30.19 20.46
N ALA D 312 16.29 -31.16 19.58
CA ALA D 312 16.86 -32.44 20.00
C ALA D 312 18.23 -32.26 20.65
N ARG D 313 19.07 -31.34 20.12
CA ARG D 313 20.37 -31.06 20.71
C ARG D 313 20.22 -30.52 22.13
N GLY D 314 19.24 -29.64 22.34
CA GLY D 314 19.00 -29.06 23.65
C GLY D 314 18.51 -30.11 24.64
N LEU D 315 17.57 -30.96 24.18
CA LEU D 315 17.02 -32.02 25.01
C LEU D 315 18.11 -33.01 25.40
N GLU D 316 19.01 -33.34 24.45
CA GLU D 316 20.12 -34.25 24.69
C GLU D 316 21.08 -33.70 25.74
N ALA D 317 21.39 -32.39 25.68
CA ALA D 317 22.28 -31.77 26.66
C ALA D 317 21.65 -31.75 28.06
N TYR D 318 20.31 -31.64 28.13
CA TYR D 318 19.60 -31.67 29.39
C TYR D 318 19.66 -33.05 30.04
N TYR D 319 19.36 -34.11 29.29
CA TYR D 319 19.36 -35.46 29.85
C TYR D 319 20.75 -36.02 30.12
N LYS D 320 21.74 -35.64 29.30
CA LYS D 320 23.10 -36.14 29.48
C LYS D 320 23.87 -35.40 30.57
N ALA D 321 23.84 -34.05 30.57
CA ALA D 321 24.62 -33.29 31.54
C ALA D 321 23.83 -32.37 32.47
N GLY D 322 22.52 -32.36 32.36
CA GLY D 322 21.67 -31.47 33.15
C GLY D 322 21.78 -30.01 32.74
N LYS D 323 22.31 -29.74 31.54
CA LYS D 323 22.50 -28.39 31.03
C LYS D 323 21.25 -27.82 30.35
N MET D 324 20.91 -26.58 30.68
CA MET D 324 19.74 -25.90 30.14
C MET D 324 20.05 -24.87 29.05
N GLU D 325 21.33 -24.46 28.91
CA GLU D 325 21.76 -23.42 27.96
C GLU D 325 21.18 -23.56 26.54
N ILE D 326 21.37 -24.71 25.88
CA ILE D 326 20.88 -24.87 24.50
C ILE D 326 19.36 -24.78 24.42
N LEU D 327 18.64 -25.36 25.40
CA LEU D 327 17.18 -25.26 25.44
C LEU D 327 16.76 -23.80 25.62
N ASN D 328 17.42 -23.07 26.53
CA ASN D 328 17.14 -21.66 26.78
C ASN D 328 17.31 -20.83 25.50
N ARG D 329 18.30 -21.18 24.67
CA ARG D 329 18.55 -20.45 23.43
C ARG D 329 17.94 -21.10 22.19
N CYS D 330 17.04 -22.08 22.35
CA CYS D 330 16.41 -22.76 21.22
C CYS D 330 15.72 -21.79 20.26
N THR D 331 14.91 -20.85 20.81
CA THR D 331 14.22 -19.85 19.99
C THR D 331 15.23 -18.98 19.23
N GLU D 332 16.24 -18.47 19.95
CA GLU D 332 17.30 -17.64 19.38
C GLU D 332 17.99 -18.31 18.20
N ILE D 333 18.40 -19.57 18.36
CA ILE D 333 19.08 -20.33 17.30
C ILE D 333 18.15 -20.58 16.11
N CYS D 334 16.94 -21.08 16.38
CA CYS D 334 15.99 -21.39 15.31
C CYS D 334 15.62 -20.16 14.50
N LEU D 335 15.37 -19.03 15.18
CA LEU D 335 14.94 -17.81 14.50
C LEU D 335 15.93 -17.27 13.47
N ARG D 336 17.24 -17.45 13.71
CA ARG D 336 18.26 -17.01 12.75
C ARG D 336 18.06 -17.68 11.41
N ARG D 337 17.79 -18.99 11.43
CA ARG D 337 17.55 -19.75 10.21
C ARG D 337 16.18 -19.41 9.63
N ILE D 338 15.17 -19.32 10.49
CA ILE D 338 13.80 -19.01 10.08
C ILE D 338 13.73 -17.69 9.32
N TRP D 339 14.33 -16.63 9.86
CA TRP D 339 14.27 -15.32 9.20
C TRP D 339 14.94 -15.32 7.83
N LYS D 340 16.04 -16.07 7.65
CA LYS D 340 16.69 -16.15 6.34
C LYS D 340 15.80 -16.88 5.33
N ALA D 341 15.12 -17.95 5.77
CA ALA D 341 14.20 -18.69 4.88
C ALA D 341 12.95 -17.83 4.60
N GLU D 342 12.48 -17.06 5.59
CA GLU D 342 11.34 -16.15 5.40
C GLU D 342 11.70 -15.11 4.31
N ARG D 343 12.93 -14.60 4.38
CA ARG D 343 13.40 -13.62 3.40
C ARG D 343 13.46 -14.23 2.00
N PHE D 344 14.03 -15.43 1.88
CA PHE D 344 14.12 -16.09 0.57
C PHE D 344 12.74 -16.41 0.03
N SER D 345 11.85 -16.95 0.88
CA SER D 345 10.50 -17.30 0.42
C SER D 345 9.74 -16.04 -0.03
N TRP D 346 9.91 -14.94 0.72
CA TRP D 346 9.30 -13.66 0.33
C TRP D 346 9.91 -13.17 -1.02
N PHE D 347 11.22 -13.32 -1.18
CA PHE D 347 11.93 -12.88 -2.40
C PHE D 347 11.42 -13.66 -3.61
N MET D 348 11.35 -15.01 -3.51
CA MET D 348 10.84 -15.83 -4.61
C MET D 348 9.40 -15.50 -4.93
N THR D 349 8.60 -15.28 -3.87
CA THR D 349 7.18 -14.98 -4.05
C THR D 349 7.00 -13.67 -4.79
N THR D 350 7.64 -12.61 -4.30
CA THR D 350 7.48 -11.29 -4.89
C THR D 350 8.10 -11.19 -6.27
N MET D 351 9.21 -11.92 -6.53
CA MET D 351 9.82 -11.86 -7.85
C MET D 351 8.95 -12.50 -8.91
N LEU D 352 8.28 -13.63 -8.57
CA LEU D 352 7.54 -14.41 -9.56
C LEU D 352 6.04 -14.13 -9.71
N HIS D 353 5.37 -13.53 -8.67
CA HIS D 353 3.93 -13.31 -8.78
C HIS D 353 3.55 -11.93 -9.30
N ARG D 354 2.46 -11.86 -10.06
CA ARG D 354 1.91 -10.59 -10.53
C ARG D 354 1.26 -9.93 -9.33
N ASP D 355 1.51 -8.65 -9.08
CA ASP D 355 0.85 -8.00 -7.97
C ASP D 355 -0.02 -6.95 -8.61
N GLN D 356 -1.38 -7.08 -8.58
CA GLN D 356 -2.18 -6.04 -9.27
C GLN D 356 -2.12 -4.67 -8.65
N GLY D 357 -1.61 -4.57 -7.45
CA GLY D 357 -1.38 -3.28 -6.83
C GLY D 357 -0.07 -2.64 -7.24
N HIS D 358 0.78 -3.37 -8.00
CA HIS D 358 2.06 -2.84 -8.42
C HIS D 358 1.88 -1.69 -9.41
N THR D 359 2.72 -0.67 -9.30
CA THR D 359 2.73 0.41 -10.29
C THR D 359 3.49 -0.13 -11.54
N PRO D 360 3.39 0.54 -12.69
CA PRO D 360 4.22 0.14 -13.86
C PRO D 360 5.74 0.17 -13.52
N PHE D 361 6.19 1.09 -12.64
CA PHE D 361 7.61 1.09 -12.23
C PHE D 361 7.97 -0.21 -11.48
N GLU D 362 7.10 -0.62 -10.54
CA GLU D 362 7.35 -1.85 -9.76
C GLU D 362 7.38 -3.07 -10.68
N ARG D 363 6.49 -3.10 -11.68
CA ARG D 363 6.47 -4.22 -12.63
C ARG D 363 7.79 -4.20 -13.45
N GLY D 364 8.28 -3.02 -13.80
CA GLY D 364 9.52 -2.89 -14.55
C GLY D 364 10.71 -3.42 -13.78
N ILE D 365 10.79 -3.07 -12.48
CA ILE D 365 11.94 -3.52 -11.70
C ILE D 365 11.81 -5.03 -11.39
N GLN D 366 10.60 -5.58 -11.32
CA GLN D 366 10.38 -7.02 -11.15
C GLN D 366 10.96 -7.76 -12.38
N LEU D 367 10.66 -7.27 -13.58
CA LEU D 367 11.18 -7.88 -14.80
C LEU D 367 12.72 -7.68 -14.90
N ALA D 368 13.23 -6.55 -14.39
CA ALA D 368 14.67 -6.30 -14.37
C ALA D 368 15.37 -7.28 -13.44
N GLU D 369 14.73 -7.64 -12.30
CA GLU D 369 15.33 -8.60 -11.38
C GLU D 369 15.39 -9.99 -12.00
N LEU D 370 14.37 -10.36 -12.72
CA LEU D 370 14.29 -11.66 -13.40
C LEU D 370 15.38 -11.74 -14.47
N ASP D 371 15.56 -10.65 -15.22
CA ASP D 371 16.64 -10.56 -16.20
C ASP D 371 18.01 -10.68 -15.51
N TYR D 372 18.23 -9.93 -14.43
CA TYR D 372 19.49 -9.96 -13.70
C TYR D 372 19.85 -11.34 -13.12
N VAL D 373 18.92 -11.97 -12.41
CA VAL D 373 19.17 -13.28 -11.79
C VAL D 373 19.52 -14.36 -12.84
N THR D 374 18.95 -14.25 -14.04
CA THR D 374 19.23 -15.23 -15.10
C THR D 374 20.38 -14.85 -16.05
N SER D 375 21.03 -13.70 -15.84
CA SER D 375 22.15 -13.30 -16.68
C SER D 375 23.47 -13.09 -15.89
N SER D 376 23.43 -13.23 -14.56
CA SER D 376 24.57 -13.06 -13.69
C SER D 376 24.91 -14.38 -13.05
N ARG D 377 26.18 -14.76 -13.13
CA ARG D 377 26.62 -16.00 -12.51
C ARG D 377 26.49 -15.95 -11.00
N ALA D 378 26.93 -14.84 -10.36
CA ALA D 378 26.81 -14.71 -8.91
C ALA D 378 25.36 -14.70 -8.44
N ALA D 379 24.48 -13.98 -9.13
CA ALA D 379 23.05 -13.94 -8.76
C ALA D 379 22.42 -15.33 -8.93
N SER D 380 22.71 -16.02 -10.06
CA SER D 380 22.17 -17.37 -10.26
C SER D 380 22.73 -18.36 -9.24
N THR D 381 24.00 -18.20 -8.84
CA THR D 381 24.63 -19.08 -7.84
C THR D 381 23.96 -18.86 -6.50
N SER D 382 23.70 -17.59 -6.15
CA SER D 382 23.04 -17.27 -4.89
CA SER D 382 23.01 -17.25 -4.90
C SER D 382 21.62 -17.88 -4.87
N LEU D 383 20.89 -17.80 -5.98
CA LEU D 383 19.55 -18.39 -6.08
C LEU D 383 19.64 -19.92 -5.92
N ALA D 384 20.59 -20.55 -6.63
CA ALA D 384 20.78 -22.00 -6.56
C ALA D 384 21.08 -22.46 -5.12
N GLU D 385 22.04 -21.79 -4.44
CA GLU D 385 22.43 -22.12 -3.07
C GLU D 385 21.28 -21.93 -2.10
N ASN D 386 20.51 -20.84 -2.24
CA ASN D 386 19.36 -20.63 -1.36
C ASN D 386 18.30 -21.70 -1.63
N TYR D 387 18.06 -22.03 -2.91
CA TYR D 387 17.05 -23.01 -3.29
C TYR D 387 17.29 -24.38 -2.66
N ILE D 388 18.54 -24.89 -2.72
CA ILE D 388 18.83 -26.21 -2.13
C ILE D 388 19.22 -26.12 -0.63
N GLY D 389 19.26 -24.92 -0.05
CA GLY D 389 19.52 -24.74 1.37
C GLY D 389 20.94 -24.40 1.74
N LEU D 390 21.13 -23.57 2.76
CA LEU D 390 22.47 -23.19 3.19
C LEU D 390 22.53 -22.90 4.68
PA FAD E . 22.75 17.29 -14.97
O1A FAD E . 21.50 17.79 -14.31
O2A FAD E . 23.95 16.99 -14.12
O5B FAD E . 23.18 18.33 -16.11
C5B FAD E . 22.22 18.92 -17.01
C4B FAD E . 22.67 20.33 -17.36
O4B FAD E . 21.67 20.93 -18.22
C3B FAD E . 22.83 21.29 -16.18
O3B FAD E . 24.14 21.83 -16.07
C2B FAD E . 21.77 22.38 -16.41
O2B FAD E . 22.12 23.67 -15.92
C1B FAD E . 21.62 22.31 -17.93
N9A FAD E . 20.35 22.82 -18.44
C8A FAD E . 19.10 22.75 -17.87
N7A FAD E . 18.19 23.40 -18.55
C5A FAD E . 18.89 23.99 -19.61
C6A FAD E . 18.50 24.83 -20.68
N6A FAD E . 17.26 25.28 -20.85
N1A FAD E . 19.46 25.19 -21.57
C2A FAD E . 20.72 24.76 -21.38
N3A FAD E . 21.20 23.98 -20.41
C4A FAD E . 20.23 23.63 -19.54
N1 FAD E . 25.42 9.71 -9.50
C2 FAD E . 26.43 8.81 -9.48
O2 FAD E . 26.67 8.14 -10.48
N3 FAD E . 27.22 8.64 -8.38
C4 FAD E . 26.97 9.31 -7.20
O4 FAD E . 27.73 9.17 -6.26
C4X FAD E . 25.83 10.17 -7.15
N5 FAD E . 25.53 10.75 -6.02
C5X FAD E . 24.40 11.54 -6.00
C6 FAD E . 24.04 12.17 -4.79
C7 FAD E . 22.91 12.96 -4.69
C7M FAD E . 22.54 13.57 -3.36
C8 FAD E . 22.16 13.24 -5.86
C8M FAD E . 20.96 14.16 -5.81
C9 FAD E . 22.55 12.70 -7.07
C9A FAD E . 23.63 11.80 -7.15
N10 FAD E . 24.02 11.20 -8.34
C10 FAD E . 25.10 10.34 -8.38
C1' FAD E . 23.24 11.47 -9.56
C2' FAD E . 23.94 12.43 -10.52
O2' FAD E . 24.31 13.64 -9.85
C3' FAD E . 23.04 12.82 -11.70
O3' FAD E . 22.39 11.64 -12.19
C4' FAD E . 23.80 13.56 -12.82
O4' FAD E . 23.96 14.94 -12.48
C5' FAD E . 23.12 13.49 -14.17
O5' FAD E . 23.95 14.19 -15.14
P FAD E . 23.25 14.80 -16.44
O1P FAD E . 22.30 13.82 -17.04
O2P FAD E . 24.35 15.36 -17.27
O3P FAD E . 22.37 16.00 -15.83
C1' PHB F . 28.66 11.05 -2.25
O1' PHB F . 28.08 12.18 -2.46
O2' PHB F . 29.84 10.97 -1.94
C1 PHB F . 27.79 9.85 -2.38
C2 PHB F . 26.45 9.96 -2.73
C3 PHB F . 25.66 8.84 -2.89
C4 PHB F . 26.19 7.58 -2.67
C5 PHB F . 27.53 7.45 -2.29
C6 PHB F . 28.32 8.58 -2.16
O4 PHB F . 25.42 6.47 -2.84
PA FAD G . -5.41 26.86 -15.67
O1A FAD G . -4.42 25.77 -15.97
O2A FAD G . -6.80 26.65 -16.18
O5B FAD G . -4.87 28.25 -16.23
C5B FAD G . -3.52 28.69 -15.99
C4B FAD G . -3.05 29.48 -17.18
O4B FAD G . -1.66 29.87 -16.96
C3B FAD G . -3.07 28.73 -18.52
O3B FAD G . -3.88 29.37 -19.50
C2B FAD G . -1.59 28.67 -18.93
O2B FAD G . -1.40 28.67 -20.34
C1B FAD G . -1.01 29.87 -18.20
N9A FAD G . 0.43 29.80 -17.96
C8A FAD G . 1.21 28.68 -17.70
N7A FAD G . 2.49 28.97 -17.67
C5A FAD G . 2.56 30.33 -17.93
C6A FAD G . 3.64 31.23 -18.07
N6A FAD G . 4.93 30.88 -17.97
N1A FAD G . 3.35 32.54 -18.32
C2A FAD G . 2.05 32.88 -18.48
N3A FAD G . 0.96 32.12 -18.41
C4A FAD G . 1.29 30.84 -18.13
N1 FAD G . -13.04 21.76 -12.55
C2 FAD G . -14.29 22.04 -12.16
O2 FAD G . -14.49 22.86 -11.27
N3 FAD G . -15.38 21.45 -12.76
C4 FAD G . -15.24 20.45 -13.69
O4 FAD G . -16.24 20.02 -14.25
C4X FAD G . -13.92 20.10 -14.10
N5 FAD G . -13.76 19.15 -14.98
C5X FAD G . -12.47 18.82 -15.33
C6 FAD G . -12.29 17.77 -16.25
C7 FAD G . -11.02 17.41 -16.66
C7M FAD G . -10.85 16.27 -17.62
C8 FAD G . -9.89 18.07 -16.10
C8M FAD G . -8.48 17.69 -16.50
C9 FAD G . -10.07 19.12 -15.22
C9A FAD G . -11.35 19.51 -14.82
N10 FAD G . -11.57 20.52 -13.89
C10 FAD G . -12.85 20.82 -13.46
C1' FAD G . -10.42 21.23 -13.30
C2' FAD G . -10.20 22.61 -13.92
O2' FAD G . -10.16 22.54 -15.35
C3' FAD G . -8.90 23.26 -13.43
O3' FAD G . -8.80 23.09 -12.02
C4' FAD G . -8.80 24.75 -13.79
O4' FAD G . -8.44 24.88 -15.17
C5' FAD G . -7.82 25.52 -12.95
O5' FAD G . -7.83 26.92 -13.38
P FAD G . -6.53 27.81 -13.13
O1P FAD G . -6.04 27.70 -11.74
O2P FAD G . -6.87 29.16 -13.67
O3P FAD G . -5.45 27.11 -14.09
C1' PHB H . -17.41 17.31 -17.93
O1' PHB H . -16.43 17.48 -18.65
O2' PHB H . -18.64 17.64 -18.25
C1 PHB H . -17.24 16.71 -16.57
C2 PHB H . -15.98 16.37 -16.11
C3 PHB H . -15.80 15.90 -14.82
C4 PHB H . -16.89 15.74 -13.99
C5 PHB H . -18.16 16.05 -14.44
C6 PHB H . -18.33 16.54 -15.73
O4 PHB H . -16.72 15.28 -12.71
PA FAD I . -20.10 -13.88 21.35
O1A FAD I . -18.64 -14.13 21.16
O2A FAD I . -20.54 -12.74 22.20
O5B FAD I . -20.81 -15.21 21.90
C5B FAD I . -20.50 -16.52 21.37
C4B FAD I . -20.60 -17.53 22.49
O4B FAD I . -20.24 -18.83 21.95
C3B FAD I . -19.67 -17.29 23.68
O3B FAD I . -20.37 -17.14 24.91
C2B FAD I . -18.72 -18.50 23.66
O2B FAD I . -18.26 -18.89 24.94
C1B FAD I . -19.58 -19.55 22.97
N9A FAD I . -18.83 -20.64 22.35
C8A FAD I . -17.60 -20.59 21.72
N7A FAD I . -17.17 -21.79 21.35
C5A FAD I . -18.16 -22.66 21.80
C6A FAD I . -18.30 -24.07 21.73
N6A FAD I . -17.37 -24.87 21.21
N1A FAD I . -19.42 -24.62 22.26
C2A FAD I . -20.34 -23.80 22.80
N3A FAD I . -20.30 -22.48 22.95
C4A FAD I . -19.18 -21.97 22.42
N1 FAD I . -20.83 -4.31 19.89
C2 FAD I . -21.83 -3.42 19.91
O2 FAD I . -22.82 -3.58 19.20
N3 FAD I . -21.80 -2.33 20.74
C4 FAD I . -20.68 -2.04 21.51
O4 FAD I . -20.72 -1.08 22.28
C4X FAD I . -19.57 -2.91 21.42
N5 FAD I . -18.48 -2.62 22.09
C5X FAD I . -17.40 -3.45 21.92
C6 FAD I . -16.20 -3.13 22.59
C7 FAD I . -15.08 -3.95 22.51
C7M FAD I . -13.80 -3.53 23.19
C8 FAD I . -15.16 -5.15 21.76
C8M FAD I . -13.97 -6.08 21.66
C9 FAD I . -16.34 -5.49 21.12
C9A FAD I . -17.47 -4.66 21.19
N10 FAD I . -18.67 -4.95 20.53
C10 FAD I . -19.72 -4.06 20.57
C1' FAD I . -18.77 -6.19 19.74
C2' FAD I . -19.62 -7.27 20.45
O2' FAD I . -19.16 -7.46 21.79
C3' FAD I . -19.61 -8.62 19.71
O3' FAD I . -19.83 -8.38 18.31
C4' FAD I . -20.64 -9.62 20.26
O4' FAD I . -20.17 -10.22 21.47
C5' FAD I . -20.99 -10.72 19.28
O5' FAD I . -22.01 -11.56 19.87
P FAD I . -22.13 -13.09 19.41
O1P FAD I . -22.15 -13.15 17.91
O2P FAD I . -23.24 -13.66 20.20
O3P FAD I . -20.75 -13.74 19.90
C1' PHB J . -16.76 1.35 25.82
O1' PHB J . -17.48 2.03 26.56
O2' PHB J . -15.97 0.43 26.25
C1 PHB J . -16.79 1.56 24.35
C2 PHB J . -17.62 2.54 23.82
C3 PHB J . -17.65 2.78 22.46
C4 PHB J . -16.87 2.04 21.60
C5 PHB J . -16.04 1.04 22.10
C6 PHB J . -16.00 0.80 23.47
O4 PHB J . -16.90 2.33 20.27
PA FAD K . 2.30 -30.43 9.70
O1A FAD K . 1.06 -29.61 9.61
O2A FAD K . 2.85 -31.04 8.46
O5B FAD K . 2.07 -31.61 10.79
C5B FAD K . 1.41 -31.31 12.04
C4B FAD K . 0.56 -32.50 12.42
O4B FAD K . -0.10 -32.21 13.68
C3B FAD K . -0.56 -32.89 11.44
O3B FAD K . -0.42 -34.26 11.04
C2B FAD K . -1.85 -32.69 12.24
O2B FAD K . -2.88 -33.62 11.94
C1B FAD K . -1.35 -32.84 13.68
N9A FAD K . -2.22 -32.21 14.67
C8A FAD K . -2.99 -31.09 14.49
N7A FAD K . -3.74 -30.83 15.53
C5A FAD K . -3.50 -31.88 16.42
C6A FAD K . -4.00 -32.19 17.70
N6A FAD K . -4.96 -31.51 18.32
N1A FAD K . -3.52 -33.31 18.30
C2A FAD K . -2.61 -34.05 17.66
N3A FAD K . -2.06 -33.84 16.46
C4A FAD K . -2.56 -32.74 15.89
N1 FAD K . 7.78 -27.51 2.33
C2 FAD K . 8.94 -27.91 1.80
O2 FAD K . 9.96 -27.95 2.48
N3 FAD K . 9.05 -28.25 0.49
C4 FAD K . 7.99 -28.18 -0.37
O4 FAD K . 8.10 -28.64 -1.51
C4X FAD K . 6.75 -27.68 0.14
N5 FAD K . 5.74 -27.53 -0.67
C5X FAD K . 4.57 -27.02 -0.15
C6 FAD K . 3.48 -26.81 -1.02
C7 FAD K . 2.30 -26.28 -0.56
C7M FAD K . 1.17 -26.01 -1.54
C8 FAD K . 2.14 -25.99 0.83
C8M FAD K . 0.84 -25.46 1.37
C9 FAD K . 3.19 -26.24 1.70
C9A FAD K . 4.43 -26.72 1.23
N10 FAD K . 5.52 -26.92 2.06
C10 FAD K . 6.73 -27.39 1.55
C1' FAD K . 5.39 -26.66 3.51
C2' FAD K . 5.35 -27.95 4.33
O2' FAD K . 4.42 -28.93 3.81
C3' FAD K . 5.00 -27.64 5.80
O3' FAD K . 5.83 -26.55 6.24
C4' FAD K . 5.19 -28.85 6.71
O4' FAD K . 4.13 -29.80 6.52
C5' FAD K . 5.23 -28.49 8.18
O5' FAD K . 5.48 -29.68 8.92
P FAD K . 5.07 -29.72 10.46
O1P FAD K . 5.45 -31.08 10.92
O2P FAD K . 5.62 -28.52 11.16
O3P FAD K . 3.46 -29.55 10.38
C1' PHB L . 4.86 -29.13 -5.51
O1' PHB L . 5.41 -30.09 -6.21
O2' PHB L . 3.72 -29.20 -5.09
C1 PHB L . 5.68 -27.90 -5.26
C2 PHB L . 6.99 -27.78 -5.73
C3 PHB L . 7.73 -26.64 -5.47
C4 PHB L . 7.17 -25.60 -4.73
C5 PHB L . 5.87 -25.71 -4.26
C6 PHB L . 5.14 -26.86 -4.53
O4 PHB L . 7.86 -24.45 -4.48
#